data_4CG4
#
_entry.id   4CG4
#
_cell.length_a   69.820
_cell.length_b   388.210
_cell.length_c   70.880
_cell.angle_alpha   90.00
_cell.angle_beta   116.52
_cell.angle_gamma   90.00
#
_symmetry.space_group_name_H-M   'P 1 21 1'
#
loop_
_entity.id
_entity.type
_entity.pdbx_description
1 polymer PYRIN
2 non-polymer 'SULFATE ION'
3 non-polymer 1,2-ETHANEDIOL
4 non-polymer 2-AMINO-ETHANETHIOL
5 water water
#
_entity_poly.entity_id   1
_entity_poly.type   'polypeptide(L)'
_entity_poly.pdbx_seq_one_letter_code
;(ACE)SEVALEHKKKIQKQLEHLKKLRKSGEEQRSYGEEKAVSFLKQTEALKQRVQRKLEQVYYFLEQQEHFFVASLEDV
GQMVGQIRKAYDTRVSQDIALLDALIGELEAKECQSEWELLQDIGDILHRAKTVPVPEKWTTPQEIKQKIQLLHQKSEFV
EKSTKYFSETLRSEMEMFNVPELIGAQAHAVNVILDAETAYPNLIFSDDLKSVRLGNKWERLPDGPQRFDSCIIVLGSPS
FLSGRRYWEVEVGDKTAWILGACKTSISRKGNMTLSPENGYWVVIMMKENEYQASSVPPTRLLIKEPPKRVGIFVDYRVG
SISFYNVTARSHIYTFASCSFSGPLQPIFSPGTRDGGKNTAPLTICPVGGQGPDALEVLFQ
;
_entity_poly.pdbx_strand_id   A,B,C,D,E,F
#
loop_
_chem_comp.id
_chem_comp.type
_chem_comp.name
_chem_comp.formula
ACE non-polymer 'ACETYL GROUP' 'C2 H4 O'
EDO non-polymer 1,2-ETHANEDIOL 'C2 H6 O2'
SO4 non-polymer 'SULFATE ION' 'O4 S -2'
#
# COMPACT_ATOMS: atom_id res chain seq x y z
C ACE A 1 -79.87 112.41 51.84
O ACE A 1 -79.05 112.13 52.74
CH3 ACE A 1 -81.20 111.70 51.76
N SER A 2 -79.51 113.39 50.91
CA SER A 2 -80.30 113.83 49.81
C SER A 2 -80.58 112.70 48.86
N GLU A 3 -81.65 112.86 48.09
CA GLU A 3 -81.98 111.90 47.08
C GLU A 3 -80.91 111.78 46.03
N VAL A 4 -80.36 112.89 45.58
CA VAL A 4 -79.39 112.82 44.51
C VAL A 4 -78.12 112.10 44.93
N ALA A 5 -77.72 112.31 46.17
CA ALA A 5 -76.54 111.66 46.72
C ALA A 5 -76.73 110.15 46.81
N LEU A 6 -77.88 109.74 47.32
CA LEU A 6 -78.20 108.32 47.40
C LEU A 6 -78.15 107.75 46.00
N GLU A 7 -78.79 108.43 45.06
CA GLU A 7 -78.70 107.96 43.68
C GLU A 7 -77.24 107.85 43.19
N HIS A 8 -76.42 108.84 43.50
CA HIS A 8 -75.02 108.83 43.09
C HIS A 8 -74.34 107.57 43.63
N LYS A 9 -74.58 107.29 44.89
CA LYS A 9 -74.01 106.14 45.57
C LYS A 9 -74.49 104.80 44.98
N LYS A 10 -75.78 104.72 44.67
CA LYS A 10 -76.32 103.55 43.98
C LYS A 10 -75.62 103.30 42.65
N LYS A 11 -75.62 104.31 41.80
CA LYS A 11 -74.99 104.16 40.50
C LYS A 11 -73.53 103.79 40.66
N ILE A 12 -72.88 104.35 41.68
CA ILE A 12 -71.50 104.02 41.97
C ILE A 12 -71.31 102.53 42.28
N GLN A 13 -72.11 102.03 43.21
CA GLN A 13 -72.00 100.61 43.56
C GLN A 13 -72.27 99.72 42.32
N LYS A 14 -73.33 100.04 41.59
CA LYS A 14 -73.66 99.28 40.39
C LYS A 14 -72.49 99.24 39.45
N GLN A 15 -71.93 100.41 39.15
CA GLN A 15 -70.84 100.41 38.20
C GLN A 15 -69.65 99.63 38.73
N LEU A 16 -69.40 99.67 40.03
CA LEU A 16 -68.34 98.87 40.59
C LEU A 16 -68.55 97.38 40.35
N GLU A 17 -69.78 96.91 40.57
CA GLU A 17 -70.08 95.51 40.32
C GLU A 17 -69.86 95.16 38.85
N HIS A 18 -70.38 96.02 37.97
CA HIS A 18 -70.16 95.85 36.52
C HIS A 18 -68.67 95.69 36.20
N LEU A 19 -67.89 96.68 36.64
CA LEU A 19 -66.47 96.72 36.30
C LEU A 19 -65.78 95.49 36.88
N LYS A 20 -66.19 95.08 38.07
CA LYS A 20 -65.62 93.90 38.69
C LYS A 20 -65.87 92.62 37.86
N LYS A 21 -67.10 92.42 37.41
CA LYS A 21 -67.37 91.30 36.50
C LYS A 21 -66.51 91.39 35.24
N LEU A 22 -66.44 92.57 34.62
CA LEU A 22 -65.57 92.71 33.45
C LEU A 22 -64.11 92.39 33.76
N ARG A 23 -63.61 92.81 34.92
CA ARG A 23 -62.22 92.60 35.25
C ARG A 23 -61.98 91.09 35.34
N LYS A 24 -62.86 90.41 36.06
CA LYS A 24 -62.77 88.97 36.22
C LYS A 24 -62.77 88.24 34.86
N SER A 25 -63.71 88.60 34.00
CA SER A 25 -63.72 88.02 32.68
C SER A 25 -62.36 88.30 32.01
N GLY A 26 -61.88 89.53 32.14
CA GLY A 26 -60.59 89.90 31.58
C GLY A 26 -59.45 89.00 32.01
N GLU A 27 -59.36 88.75 33.30
CA GLU A 27 -58.36 87.84 33.85
C GLU A 27 -58.45 86.45 33.23
N GLU A 28 -59.67 85.91 33.23
CA GLU A 28 -59.91 84.59 32.68
C GLU A 28 -59.45 84.50 31.23
N GLN A 29 -59.80 85.51 30.45
CA GLN A 29 -59.41 85.48 29.05
C GLN A 29 -57.89 85.58 28.91
N ARG A 30 -57.26 86.48 29.68
CA ARG A 30 -55.80 86.61 29.61
C ARG A 30 -55.06 85.25 29.86
N SER A 31 -55.44 84.57 30.93
CA SER A 31 -54.86 83.28 31.28
C SER A 31 -55.21 82.17 30.25
N TYR A 32 -56.46 82.12 29.79
CA TYR A 32 -56.85 81.15 28.77
C TYR A 32 -56.06 81.35 27.46
N GLY A 33 -55.90 82.60 27.06
CA GLY A 33 -55.07 82.92 25.91
C GLY A 33 -53.68 82.35 26.11
N GLU A 34 -53.11 82.61 27.29
CA GLU A 34 -51.80 82.04 27.63
C GLU A 34 -51.78 80.53 27.39
N GLU A 35 -52.71 79.82 28.03
CA GLU A 35 -52.80 78.37 27.85
C GLU A 35 -52.85 77.93 26.39
N LYS A 36 -53.73 78.55 25.61
CA LYS A 36 -53.89 78.09 24.25
C LYS A 36 -52.55 78.31 23.53
N ALA A 37 -51.95 79.48 23.71
CA ALA A 37 -50.66 79.76 23.07
C ALA A 37 -49.53 78.78 23.43
N VAL A 38 -49.30 78.56 24.73
CA VAL A 38 -48.24 77.66 25.17
C VAL A 38 -48.54 76.29 24.64
N SER A 39 -49.82 75.91 24.66
CA SER A 39 -50.24 74.63 24.14
C SER A 39 -49.78 74.44 22.70
N PHE A 40 -49.93 75.49 21.90
CA PHE A 40 -49.38 75.50 20.56
C PHE A 40 -47.85 75.36 20.56
N LEU A 41 -47.19 76.15 21.38
CA LEU A 41 -45.73 76.05 21.42
C LEU A 41 -45.23 74.60 21.77
N LYS A 42 -45.89 73.96 22.73
CA LYS A 42 -45.64 72.59 23.13
C LYS A 42 -45.89 71.62 21.99
N GLN A 43 -47.04 71.74 21.32
CA GLN A 43 -47.33 70.94 20.13
C GLN A 43 -46.22 71.05 19.09
N THR A 44 -45.84 72.29 18.80
CA THR A 44 -44.77 72.50 17.83
C THR A 44 -43.54 71.76 18.25
N GLU A 45 -43.12 71.99 19.48
CA GLU A 45 -41.92 71.38 19.98
C GLU A 45 -41.98 69.84 19.94
N ALA A 46 -43.13 69.29 20.30
CA ALA A 46 -43.33 67.85 20.19
C ALA A 46 -43.13 67.37 18.74
N LEU A 47 -43.71 68.08 17.79
CA LEU A 47 -43.52 67.75 16.40
C LEU A 47 -42.03 67.79 16.07
N LYS A 48 -41.39 68.86 16.51
CA LYS A 48 -39.95 69.01 16.31
C LYS A 48 -39.16 67.78 16.82
N GLN A 49 -39.34 67.42 18.08
CA GLN A 49 -38.60 66.30 18.63
C GLN A 49 -38.92 65.01 17.90
N ARG A 50 -40.20 64.83 17.58
CA ARG A 50 -40.64 63.64 16.86
C ARG A 50 -39.88 63.48 15.54
N VAL A 51 -39.86 64.54 14.74
CA VAL A 51 -39.18 64.48 13.46
C VAL A 51 -37.67 64.36 13.62
N GLN A 52 -37.14 65.14 14.54
CA GLN A 52 -35.70 65.21 14.72
C GLN A 52 -35.15 63.84 15.10
N ARG A 53 -35.79 63.12 16.01
CA ARG A 53 -35.34 61.77 16.34
C ARG A 53 -35.31 60.84 15.08
N LYS A 54 -36.40 60.81 14.32
CA LYS A 54 -36.46 59.96 13.12
C LYS A 54 -35.33 60.29 12.12
N LEU A 55 -35.12 61.58 11.90
CA LEU A 55 -34.10 61.99 10.92
C LEU A 55 -32.72 61.63 11.43
N GLU A 56 -32.44 61.88 12.70
CA GLU A 56 -31.15 61.52 13.25
C GLU A 56 -30.88 60.04 12.99
N GLN A 57 -31.89 59.22 13.26
CA GLN A 57 -31.75 57.79 13.04
C GLN A 57 -31.43 57.49 11.57
N VAL A 58 -32.20 58.10 10.67
CA VAL A 58 -31.92 57.93 9.25
C VAL A 58 -30.52 58.36 8.85
N TYR A 59 -30.08 59.53 9.31
CA TYR A 59 -28.77 60.02 8.96
C TYR A 59 -27.72 59.00 9.41
N TYR A 60 -27.93 58.47 10.62
CA TYR A 60 -27.04 57.46 11.16
C TYR A 60 -26.99 56.26 10.25
N PHE A 61 -28.16 55.72 9.91
CA PHE A 61 -28.22 54.61 8.97
C PHE A 61 -27.45 54.93 7.70
N LEU A 62 -27.66 56.11 7.12
CA LEU A 62 -26.92 56.45 5.89
C LEU A 62 -25.40 56.50 6.10
N GLU A 63 -24.96 57.05 7.22
CA GLU A 63 -23.54 57.11 7.53
C GLU A 63 -22.99 55.66 7.57
N GLN A 64 -23.74 54.79 8.21
CA GLN A 64 -23.39 53.39 8.25
C GLN A 64 -23.33 52.77 6.84
N GLN A 65 -24.32 52.97 5.98
CA GLN A 65 -24.17 52.46 4.62
C GLN A 65 -22.94 52.98 3.90
N GLU A 66 -22.69 54.28 4.01
CA GLU A 66 -21.53 54.84 3.32
C GLU A 66 -20.25 54.16 3.82
N HIS A 67 -20.11 53.96 5.13
CA HIS A 67 -18.92 53.27 5.66
C HIS A 67 -18.83 51.83 5.13
N PHE A 68 -19.93 51.12 5.17
CA PHE A 68 -20.01 49.76 4.66
C PHE A 68 -19.49 49.68 3.22
N PHE A 69 -19.95 50.60 2.38
CA PHE A 69 -19.48 50.65 1.02
C PHE A 69 -17.98 51.01 0.89
N VAL A 70 -17.61 52.13 1.52
CA VAL A 70 -16.25 52.63 1.39
C VAL A 70 -15.21 51.64 1.93
N ALA A 71 -15.53 50.88 2.98
CA ALA A 71 -14.59 49.90 3.48
C ALA A 71 -14.20 48.91 2.38
N SER A 72 -15.19 48.43 1.61
CA SER A 72 -14.91 47.59 0.46
C SER A 72 -14.10 48.31 -0.59
N LEU A 73 -14.50 49.54 -0.89
CA LEU A 73 -13.75 50.32 -1.86
C LEU A 73 -12.25 50.38 -1.51
N GLU A 74 -12.00 50.65 -0.24
CA GLU A 74 -10.66 50.72 0.30
C GLU A 74 -9.92 49.37 0.25
N ASP A 75 -10.65 48.33 0.64
CA ASP A 75 -10.14 46.98 0.61
C ASP A 75 -9.69 46.60 -0.82
N VAL A 76 -10.57 46.82 -1.79
CA VAL A 76 -10.27 46.55 -3.20
C VAL A 76 -9.08 47.36 -3.69
N GLY A 77 -9.15 48.66 -3.47
CA GLY A 77 -8.05 49.54 -3.86
C GLY A 77 -6.75 49.08 -3.28
N GLN A 78 -6.80 48.70 -2.02
CA GLN A 78 -5.60 48.26 -1.31
C GLN A 78 -5.00 47.00 -1.95
N MET A 79 -5.84 45.97 -2.10
CA MET A 79 -5.35 44.72 -2.69
C MET A 79 -4.78 44.93 -4.09
N VAL A 80 -5.53 45.60 -4.97
CA VAL A 80 -5.05 45.81 -6.34
C VAL A 80 -3.71 46.55 -6.28
N GLY A 81 -3.64 47.56 -5.40
CA GLY A 81 -2.40 48.30 -5.20
C GLY A 81 -1.20 47.43 -4.85
N GLN A 82 -1.37 46.60 -3.82
CA GLN A 82 -0.28 45.73 -3.38
C GLN A 82 0.11 44.71 -4.45
N ILE A 83 -0.87 44.00 -5.01
CA ILE A 83 -0.59 42.95 -5.97
C ILE A 83 0.15 43.59 -7.13
N ARG A 84 -0.39 44.69 -7.62
CA ARG A 84 0.20 45.43 -8.73
C ARG A 84 1.66 45.83 -8.49
N LYS A 85 1.94 46.56 -7.40
CA LYS A 85 3.32 46.98 -7.14
C LYS A 85 4.27 45.79 -6.91
N ALA A 86 3.85 44.83 -6.10
CA ALA A 86 4.68 43.65 -5.82
C ALA A 86 5.01 42.84 -7.09
N TYR A 87 4.00 42.60 -7.92
CA TYR A 87 4.23 41.88 -9.15
C TYR A 87 5.19 42.68 -10.03
N ASP A 88 4.90 43.96 -10.25
CA ASP A 88 5.77 44.77 -11.11
C ASP A 88 7.21 44.74 -10.65
N THR A 89 7.40 44.92 -9.35
CA THR A 89 8.73 44.93 -8.80
C THR A 89 9.40 43.54 -9.07
N ARG A 90 8.74 42.42 -8.75
CA ARG A 90 9.34 41.09 -9.01
C ARG A 90 9.70 40.84 -10.51
N VAL A 91 8.76 41.06 -11.42
CA VAL A 91 9.06 40.81 -12.82
C VAL A 91 10.14 41.74 -13.32
N SER A 92 10.15 42.97 -12.80
CA SER A 92 11.19 43.89 -13.18
C SER A 92 12.56 43.34 -12.74
N GLN A 93 12.61 42.74 -11.55
CA GLN A 93 13.84 42.08 -11.15
C GLN A 93 14.23 40.94 -12.11
N ASP A 94 13.27 40.07 -12.45
CA ASP A 94 13.56 39.03 -13.44
C ASP A 94 14.15 39.61 -14.74
N ILE A 95 13.49 40.61 -15.30
CA ILE A 95 13.92 41.23 -16.55
C ILE A 95 15.32 41.87 -16.44
N ALA A 96 15.58 42.52 -15.31
CA ALA A 96 16.88 43.14 -15.07
C ALA A 96 18.00 42.09 -14.95
N LEU A 97 17.72 40.98 -14.26
CA LEU A 97 18.64 39.86 -14.21
C LEU A 97 18.95 39.41 -15.64
N LEU A 98 17.87 39.23 -16.43
CA LEU A 98 18.05 38.84 -17.82
C LEU A 98 18.93 39.82 -18.55
N ASP A 99 18.68 41.11 -18.32
CA ASP A 99 19.47 42.15 -18.98
C ASP A 99 20.95 42.08 -18.58
N ALA A 100 21.20 41.78 -17.31
CA ALA A 100 22.56 41.64 -16.81
C ALA A 100 23.30 40.48 -17.47
N LEU A 101 22.65 39.31 -17.52
CA LEU A 101 23.25 38.13 -18.14
C LEU A 101 23.51 38.41 -19.64
N ILE A 102 22.54 39.03 -20.30
CA ILE A 102 22.74 39.46 -21.68
C ILE A 102 23.96 40.37 -21.79
N GLY A 103 24.09 41.34 -20.88
CA GLY A 103 25.26 42.20 -20.83
C GLY A 103 26.57 41.42 -20.77
N GLU A 104 26.65 40.51 -19.80
CA GLU A 104 27.81 39.66 -19.63
C GLU A 104 28.17 38.89 -20.90
N LEU A 105 27.19 38.20 -21.48
CA LEU A 105 27.45 37.42 -22.67
C LEU A 105 27.92 38.29 -23.82
N GLU A 106 27.26 39.41 -23.99
CA GLU A 106 27.63 40.33 -25.06
C GLU A 106 29.06 40.84 -24.85
N ALA A 107 29.45 41.10 -23.61
CA ALA A 107 30.83 41.48 -23.34
C ALA A 107 31.82 40.35 -23.66
N LYS A 108 31.49 39.14 -23.24
CA LYS A 108 32.40 38.02 -23.50
C LYS A 108 32.59 37.79 -24.98
N GLU A 109 31.53 37.81 -25.76
CA GLU A 109 31.68 37.52 -27.19
C GLU A 109 32.55 38.54 -27.99
N CYS A 110 33.10 39.55 -27.31
CA CYS A 110 33.93 40.57 -27.95
C CYS A 110 35.28 40.72 -27.25
N GLN A 111 35.61 39.71 -26.45
CA GLN A 111 36.89 39.57 -25.73
C GLN A 111 37.87 38.76 -26.57
N SER A 112 39.17 38.89 -26.27
CA SER A 112 40.18 38.07 -26.92
C SER A 112 39.87 36.61 -26.62
N GLU A 113 40.35 35.71 -27.46
CA GLU A 113 40.07 34.29 -27.26
C GLU A 113 40.48 33.79 -25.86
N TRP A 114 41.71 34.15 -25.46
CA TRP A 114 42.26 33.72 -24.16
C TRP A 114 41.40 34.28 -23.05
N GLU A 115 41.11 35.57 -23.11
CA GLU A 115 40.21 36.20 -22.14
C GLU A 115 38.83 35.52 -22.17
N LEU A 116 38.32 35.25 -23.35
CA LEU A 116 36.99 34.65 -23.46
C LEU A 116 36.91 33.28 -22.75
N LEU A 117 37.93 32.43 -22.92
CA LEU A 117 37.92 31.09 -22.31
C LEU A 117 37.91 30.99 -20.77
N GLN A 118 38.35 32.03 -20.05
CA GLN A 118 38.56 31.92 -18.59
C GLN A 118 37.37 31.75 -17.62
N ASP A 119 36.27 32.45 -17.83
CA ASP A 119 35.19 32.42 -16.84
C ASP A 119 33.87 31.99 -17.45
N ILE A 120 33.94 31.51 -18.69
CA ILE A 120 32.77 31.26 -19.51
C ILE A 120 31.75 30.22 -18.97
N GLY A 121 32.25 29.18 -18.33
CA GLY A 121 31.40 28.12 -17.83
C GLY A 121 30.34 28.58 -16.85
N ASP A 122 30.68 29.56 -16.02
CA ASP A 122 29.78 29.96 -14.96
C ASP A 122 28.66 30.83 -15.58
N ILE A 123 29.04 31.80 -16.39
CA ILE A 123 28.07 32.66 -17.05
C ILE A 123 27.09 31.80 -17.85
N LEU A 124 27.61 30.85 -18.64
CA LEU A 124 26.74 29.97 -19.44
C LEU A 124 25.84 29.10 -18.58
N HIS A 125 26.39 28.58 -17.48
CA HIS A 125 25.52 27.81 -16.59
C HIS A 125 24.36 28.67 -16.09
N ARG A 126 24.69 29.87 -15.64
CA ARG A 126 23.71 30.79 -15.12
C ARG A 126 22.73 31.23 -16.20
N ALA A 127 23.18 31.34 -17.44
CA ALA A 127 22.27 31.67 -18.53
C ALA A 127 21.26 30.53 -18.75
N LYS A 128 21.79 29.31 -18.84
CA LYS A 128 21.00 28.10 -19.03
C LYS A 128 19.93 27.89 -17.97
N THR A 129 20.23 28.33 -16.76
CA THR A 129 19.37 28.04 -15.62
C THR A 129 18.55 29.24 -15.10
N VAL A 130 18.57 30.36 -15.80
CA VAL A 130 17.82 31.50 -15.31
C VAL A 130 16.31 31.19 -15.40
N PRO A 131 15.54 31.49 -14.33
CA PRO A 131 14.08 31.25 -14.40
C PRO A 131 13.34 32.09 -15.45
N VAL A 132 12.26 31.54 -15.96
CA VAL A 132 11.38 32.27 -16.85
C VAL A 132 10.73 33.39 -15.99
N PRO A 133 10.67 34.63 -16.49
CA PRO A 133 10.05 35.72 -15.70
C PRO A 133 8.63 35.34 -15.27
N GLU A 134 8.25 35.70 -14.05
CA GLU A 134 6.93 35.37 -13.50
C GLU A 134 5.74 35.75 -14.39
N LYS A 135 4.90 34.76 -14.65
CA LYS A 135 3.69 34.98 -15.41
C LYS A 135 2.57 35.59 -14.57
N TRP A 136 1.90 36.61 -15.11
CA TRP A 136 0.76 37.16 -14.41
C TRP A 136 -0.38 36.15 -14.31
N THR A 137 -0.85 35.98 -13.09
CA THR A 137 -2.05 35.20 -12.82
C THR A 137 -2.91 35.97 -11.84
N THR A 138 -4.12 36.29 -12.27
CA THR A 138 -5.05 37.04 -11.49
C THR A 138 -5.44 36.25 -10.26
N PRO A 139 -5.26 36.81 -9.07
CA PRO A 139 -5.72 36.10 -7.89
C PRO A 139 -7.24 36.13 -7.74
N GLN A 140 -7.82 35.04 -7.26
CA GLN A 140 -9.25 34.95 -7.00
C GLN A 140 -9.71 36.07 -6.07
N GLU A 141 -8.83 36.51 -5.19
CA GLU A 141 -9.14 37.52 -4.18
C GLU A 141 -9.63 38.86 -4.76
N ILE A 142 -8.97 39.30 -5.82
CA ILE A 142 -9.36 40.51 -6.53
C ILE A 142 -10.74 40.33 -7.15
N LYS A 143 -10.93 39.20 -7.81
CA LYS A 143 -12.20 38.90 -8.49
C LYS A 143 -13.33 38.95 -7.45
N GLN A 144 -13.06 38.32 -6.31
CA GLN A 144 -13.97 38.24 -5.17
C GLN A 144 -14.28 39.60 -4.53
N LYS A 145 -13.24 40.35 -4.21
CA LYS A 145 -13.45 41.63 -3.57
C LYS A 145 -14.23 42.53 -4.48
N ILE A 146 -13.91 42.48 -5.76
CA ILE A 146 -14.66 43.27 -6.71
C ILE A 146 -16.13 42.84 -6.76
N GLN A 147 -16.37 41.54 -6.88
CA GLN A 147 -17.77 41.11 -6.92
C GLN A 147 -18.49 41.57 -5.66
N LEU A 148 -17.80 41.52 -4.54
CA LEU A 148 -18.35 41.99 -3.29
C LEU A 148 -18.72 43.48 -3.43
N LEU A 149 -17.79 44.26 -3.95
CA LEU A 149 -18.05 45.69 -4.16
C LEU A 149 -19.33 45.88 -5.02
N HIS A 150 -19.51 45.08 -6.08
CA HIS A 150 -20.76 45.16 -6.87
C HIS A 150 -21.97 44.87 -5.99
N GLN A 151 -21.87 43.80 -5.21
CA GLN A 151 -22.93 43.42 -4.27
C GLN A 151 -23.32 44.59 -3.36
N LYS A 152 -22.32 45.28 -2.83
CA LYS A 152 -22.58 46.41 -1.96
C LYS A 152 -23.20 47.61 -2.69
N SER A 153 -22.69 47.99 -3.86
CA SER A 153 -23.36 49.04 -4.62
C SER A 153 -24.85 48.65 -4.84
N GLU A 154 -25.09 47.40 -5.23
CA GLU A 154 -26.47 46.92 -5.36
C GLU A 154 -27.24 47.10 -4.05
N PHE A 155 -26.59 46.76 -2.93
CA PHE A 155 -27.17 46.96 -1.60
C PHE A 155 -27.61 48.42 -1.37
N VAL A 156 -26.72 49.35 -1.65
CA VAL A 156 -27.00 50.75 -1.47
C VAL A 156 -28.17 51.13 -2.36
N GLU A 157 -28.16 50.70 -3.63
CA GLU A 157 -29.28 51.09 -4.47
C GLU A 157 -30.61 50.50 -4.03
N LYS A 158 -30.66 49.22 -3.72
CA LYS A 158 -31.93 48.63 -3.28
C LYS A 158 -32.42 49.28 -1.98
N SER A 159 -31.50 49.60 -1.08
CA SER A 159 -31.89 50.25 0.17
C SER A 159 -32.43 51.69 -0.03
N THR A 160 -31.69 52.51 -0.76
CA THR A 160 -32.05 53.90 -1.02
C THR A 160 -33.12 54.24 -2.10
N LYS A 161 -33.24 53.44 -3.17
CA LYS A 161 -33.99 53.91 -4.33
C LYS A 161 -35.41 54.47 -4.06
N TYR A 162 -36.29 53.65 -3.50
CA TYR A 162 -37.63 54.08 -3.25
C TYR A 162 -37.61 55.29 -2.36
N PHE A 163 -36.74 55.29 -1.36
CA PHE A 163 -36.73 56.40 -0.42
C PHE A 163 -36.37 57.71 -1.13
N SER A 164 -35.31 57.70 -1.94
CA SER A 164 -34.96 58.90 -2.72
C SER A 164 -36.12 59.32 -3.63
N GLU A 165 -36.79 58.35 -4.22
CA GLU A 165 -37.88 58.64 -5.14
C GLU A 165 -39.08 59.22 -4.39
N THR A 166 -39.31 58.73 -3.18
CA THR A 166 -40.37 59.23 -2.33
C THR A 166 -40.09 60.67 -1.97
N LEU A 167 -38.82 60.96 -1.63
CA LEU A 167 -38.48 62.35 -1.32
C LEU A 167 -38.71 63.26 -2.55
N ARG A 168 -38.26 62.82 -3.71
CA ARG A 168 -38.49 63.62 -4.93
C ARG A 168 -40.01 63.86 -5.16
N SER A 169 -40.79 62.79 -5.05
CA SER A 169 -42.22 62.88 -5.24
C SER A 169 -42.86 63.86 -4.25
N GLU A 170 -42.55 63.75 -2.97
CA GLU A 170 -43.17 64.62 -1.99
C GLU A 170 -42.78 66.03 -2.33
N MET A 171 -41.55 66.24 -2.81
CA MET A 171 -41.19 67.57 -3.23
C MET A 171 -42.09 68.09 -4.36
N GLU A 172 -42.26 67.26 -5.39
CA GLU A 172 -43.09 67.66 -6.54
C GLU A 172 -44.55 67.94 -6.16
N MET A 173 -45.03 67.25 -5.14
CA MET A 173 -46.40 67.39 -4.65
C MET A 173 -46.70 68.73 -4.01
N PHE A 174 -45.69 69.55 -3.75
CA PHE A 174 -45.92 70.79 -3.04
C PHE A 174 -46.68 71.85 -3.85
N ASN A 175 -46.69 71.69 -5.17
CA ASN A 175 -47.36 72.62 -6.09
C ASN A 175 -48.67 72.01 -6.56
N VAL A 176 -49.05 70.87 -5.98
CA VAL A 176 -50.29 70.18 -6.35
C VAL A 176 -51.36 70.45 -5.27
N PRO A 177 -52.43 71.17 -5.66
CA PRO A 177 -53.46 71.50 -4.68
C PRO A 177 -54.26 70.26 -4.26
N GLU A 178 -54.94 70.35 -3.12
CA GLU A 178 -56.03 69.43 -2.80
C GLU A 178 -57.20 69.66 -3.79
N LEU A 179 -58.17 68.75 -3.78
CA LEU A 179 -59.26 68.74 -4.73
C LEU A 179 -59.98 70.11 -4.92
N ILE A 180 -60.35 70.83 -3.84
CA ILE A 180 -61.13 72.05 -4.07
C ILE A 180 -60.24 73.07 -4.77
N GLY A 181 -58.94 73.00 -4.48
CA GLY A 181 -57.99 73.87 -5.14
C GLY A 181 -57.96 73.64 -6.65
N ALA A 182 -58.11 72.40 -7.06
CA ALA A 182 -58.09 72.06 -8.49
C ALA A 182 -59.44 72.35 -9.14
N GLN A 183 -60.50 72.05 -8.41
CA GLN A 183 -61.85 72.29 -8.88
C GLN A 183 -62.05 73.77 -9.17
N ALA A 184 -61.31 74.62 -8.47
CA ALA A 184 -61.32 76.04 -8.75
C ALA A 184 -61.08 76.36 -10.23
N HIS A 185 -60.43 75.47 -10.96
CA HIS A 185 -60.07 75.73 -12.34
C HIS A 185 -60.94 74.94 -13.31
N ALA A 186 -62.15 74.60 -12.89
CA ALA A 186 -63.11 73.89 -13.75
C ALA A 186 -63.26 74.55 -15.11
N VAL A 187 -63.29 73.73 -16.16
CA VAL A 187 -63.64 74.18 -17.49
C VAL A 187 -64.59 73.16 -18.11
N ASN A 188 -65.37 73.61 -19.05
CA ASN A 188 -66.37 72.74 -19.64
C ASN A 188 -65.86 72.03 -20.86
N VAL A 189 -65.91 70.71 -20.78
CA VAL A 189 -65.38 69.87 -21.84
C VAL A 189 -66.50 69.11 -22.51
N ILE A 190 -66.41 69.04 -23.83
CA ILE A 190 -67.25 68.15 -24.60
C ILE A 190 -66.40 67.15 -25.43
N LEU A 191 -67.07 66.11 -25.90
CA LEU A 191 -66.43 65.04 -26.65
C LEU A 191 -66.41 65.47 -28.09
N ASP A 192 -65.27 65.33 -28.77
CA ASP A 192 -65.21 65.61 -30.20
C ASP A 192 -65.47 64.32 -30.97
N ALA A 193 -66.73 64.07 -31.26
CA ALA A 193 -67.15 62.78 -31.79
C ALA A 193 -66.55 62.50 -33.16
N GLU A 194 -66.06 63.52 -33.86
CA GLU A 194 -65.42 63.30 -35.14
C GLU A 194 -64.08 62.51 -35.01
N THR A 195 -63.51 62.49 -33.81
CA THR A 195 -62.25 61.82 -33.55
C THR A 195 -62.51 60.41 -33.06
N ALA A 196 -63.76 60.09 -32.77
CA ALA A 196 -64.06 58.86 -32.01
C ALA A 196 -63.80 57.52 -32.76
N TYR A 197 -63.33 56.53 -32.00
CA TYR A 197 -63.34 55.15 -32.47
C TYR A 197 -64.77 54.87 -32.99
N PRO A 198 -64.91 54.32 -34.20
CA PRO A 198 -66.19 54.21 -34.90
C PRO A 198 -67.33 53.51 -34.17
N ASN A 199 -67.04 52.69 -33.18
CA ASN A 199 -68.10 51.93 -32.54
C ASN A 199 -68.54 52.64 -31.25
N LEU A 200 -67.95 53.80 -30.97
CA LEU A 200 -68.36 54.63 -29.85
C LEU A 200 -69.69 55.38 -30.11
N ILE A 201 -70.46 55.55 -29.06
CA ILE A 201 -71.79 56.16 -29.12
C ILE A 201 -71.87 57.30 -28.13
N PHE A 202 -72.50 58.39 -28.56
CA PHE A 202 -72.49 59.66 -27.84
C PHE A 202 -73.87 60.20 -27.54
N SER A 203 -74.01 60.91 -26.43
CA SER A 203 -75.23 61.61 -26.09
C SER A 203 -75.41 62.87 -26.95
N ASP A 204 -76.63 63.39 -27.00
CA ASP A 204 -76.89 64.61 -27.77
C ASP A 204 -76.06 65.79 -27.31
N ASP A 205 -75.87 65.94 -25.99
CA ASP A 205 -75.11 67.05 -25.44
C ASP A 205 -73.59 66.87 -25.46
N LEU A 206 -73.13 65.74 -26.03
CA LEU A 206 -71.70 65.43 -26.11
C LEU A 206 -70.94 65.41 -24.77
N LYS A 207 -71.62 64.94 -23.72
CA LYS A 207 -70.99 64.81 -22.41
C LYS A 207 -70.76 63.35 -22.08
N SER A 208 -71.43 62.48 -22.81
CA SER A 208 -71.43 61.07 -22.53
C SER A 208 -70.94 60.20 -23.72
N VAL A 209 -70.18 59.16 -23.42
CA VAL A 209 -69.73 58.25 -24.46
C VAL A 209 -69.70 56.82 -23.92
N ARG A 210 -70.23 55.89 -24.72
CA ARG A 210 -70.18 54.46 -24.39
C ARG A 210 -69.77 53.67 -25.64
N LEU A 211 -69.34 52.40 -25.47
CA LEU A 211 -68.94 51.56 -26.60
C LEU A 211 -70.09 50.69 -27.04
N GLY A 212 -70.52 50.85 -28.30
CA GLY A 212 -71.59 50.03 -28.87
C GLY A 212 -71.05 48.75 -29.46
N ASN A 213 -71.93 47.93 -30.04
CA ASN A 213 -71.50 46.72 -30.73
C ASN A 213 -70.85 47.03 -32.08
N LYS A 214 -70.32 46.01 -32.75
CA LYS A 214 -69.49 46.26 -33.93
C LYS A 214 -70.31 46.81 -35.10
N TRP A 215 -71.60 46.46 -35.16
CA TRP A 215 -72.48 46.92 -36.24
C TRP A 215 -72.96 48.36 -36.07
N GLU A 216 -72.62 48.97 -34.94
CA GLU A 216 -72.92 50.37 -34.70
C GLU A 216 -71.69 51.21 -35.06
N ARG A 217 -71.76 51.83 -36.24
CA ARG A 217 -70.61 52.49 -36.84
C ARG A 217 -70.94 53.93 -37.21
N LEU A 218 -70.16 54.87 -36.70
CA LEU A 218 -70.26 56.26 -37.12
C LEU A 218 -69.69 56.33 -38.53
N PRO A 219 -69.97 57.40 -39.29
CA PRO A 219 -69.37 57.43 -40.63
C PRO A 219 -67.84 57.53 -40.60
N ASP A 220 -67.15 56.72 -41.40
CA ASP A 220 -65.69 56.65 -41.33
C ASP A 220 -65.06 57.93 -41.89
N GLY A 221 -63.89 58.26 -41.35
CA GLY A 221 -63.08 59.33 -41.87
C GLY A 221 -61.69 59.29 -41.27
N PRO A 222 -60.74 59.93 -41.95
CA PRO A 222 -59.35 60.00 -41.53
C PRO A 222 -59.14 60.47 -40.11
N GLN A 223 -60.02 61.32 -39.61
CA GLN A 223 -59.79 61.90 -38.29
C GLN A 223 -60.12 60.97 -37.12
N ARG A 224 -60.80 59.86 -37.38
CA ARG A 224 -61.14 58.88 -36.34
C ARG A 224 -59.96 58.05 -35.87
N PHE A 225 -59.97 57.64 -34.60
CA PHE A 225 -59.00 56.65 -34.10
C PHE A 225 -59.54 55.22 -34.38
N ASP A 226 -59.17 54.68 -35.53
CA ASP A 226 -59.63 53.37 -35.98
C ASP A 226 -59.08 52.19 -35.16
N SER A 227 -57.89 52.37 -34.61
CA SER A 227 -57.16 51.30 -33.95
C SER A 227 -57.15 51.38 -32.42
N CYS A 228 -57.72 52.44 -31.85
CA CYS A 228 -57.73 52.65 -30.40
C CYS A 228 -59.16 53.01 -29.98
N ILE A 229 -59.64 52.46 -28.87
CA ILE A 229 -60.99 52.78 -28.43
C ILE A 229 -60.99 54.07 -27.62
N ILE A 230 -60.76 55.17 -28.33
CA ILE A 230 -60.67 56.49 -27.71
C ILE A 230 -61.45 57.57 -28.44
N VAL A 231 -61.64 58.66 -27.71
CA VAL A 231 -62.18 59.88 -28.26
C VAL A 231 -61.54 61.01 -27.49
N LEU A 232 -61.24 62.10 -28.18
CA LEU A 232 -60.63 63.30 -27.60
C LEU A 232 -61.73 64.29 -27.20
N GLY A 233 -61.35 65.24 -26.36
CA GLY A 233 -62.26 66.26 -25.89
C GLY A 233 -61.95 67.62 -26.47
N SER A 234 -62.96 68.50 -26.43
CA SER A 234 -62.80 69.91 -26.76
C SER A 234 -63.14 70.73 -25.56
N PRO A 235 -62.47 71.88 -25.36
CA PRO A 235 -61.40 72.52 -26.13
C PRO A 235 -60.01 71.98 -25.85
N SER A 236 -59.04 72.45 -26.62
CA SER A 236 -57.62 72.21 -26.33
C SER A 236 -57.13 73.24 -25.33
N PHE A 237 -55.93 73.05 -24.81
CA PHE A 237 -55.34 74.01 -23.89
C PHE A 237 -53.94 74.34 -24.34
N LEU A 238 -53.60 75.62 -24.27
CA LEU A 238 -52.26 76.06 -24.62
C LEU A 238 -51.53 76.52 -23.35
N SER A 239 -52.25 76.57 -22.23
CA SER A 239 -51.73 77.20 -21.02
C SER A 239 -52.66 77.12 -19.80
N GLY A 240 -52.16 77.62 -18.69
CA GLY A 240 -53.01 77.82 -17.55
C GLY A 240 -53.27 76.54 -16.81
N ARG A 241 -54.25 76.58 -15.93
CA ARG A 241 -54.63 75.46 -15.11
C ARG A 241 -56.04 75.00 -15.46
N ARG A 242 -56.22 73.74 -15.80
CA ARG A 242 -57.53 73.32 -16.30
C ARG A 242 -57.97 72.09 -15.58
N TYR A 243 -59.26 72.04 -15.25
CA TYR A 243 -59.80 70.93 -14.50
C TYR A 243 -61.11 70.48 -15.11
N TRP A 244 -61.32 69.16 -15.13
CA TRP A 244 -62.64 68.61 -15.46
C TRP A 244 -62.82 67.27 -14.73
N GLU A 245 -64.05 66.78 -14.74
CA GLU A 245 -64.45 65.61 -13.96
C GLU A 245 -65.24 64.64 -14.78
N VAL A 246 -65.02 63.35 -14.51
CA VAL A 246 -65.74 62.31 -15.22
C VAL A 246 -66.33 61.28 -14.29
N GLU A 247 -67.62 61.03 -14.49
CA GLU A 247 -68.30 59.96 -13.79
C GLU A 247 -67.95 58.62 -14.44
N VAL A 248 -67.34 57.73 -13.67
CA VAL A 248 -66.99 56.40 -14.14
C VAL A 248 -67.89 55.37 -13.49
N GLY A 249 -68.52 55.75 -12.39
CA GLY A 249 -69.46 54.86 -11.71
C GLY A 249 -68.84 53.51 -11.41
N ASP A 250 -69.65 52.47 -11.59
CA ASP A 250 -69.21 51.12 -11.30
C ASP A 250 -68.53 50.45 -12.52
N LYS A 251 -67.97 51.23 -13.42
CA LYS A 251 -67.31 50.65 -14.57
C LYS A 251 -66.09 49.84 -14.12
N THR A 252 -65.68 48.87 -14.94
CA THR A 252 -64.55 47.99 -14.62
C THR A 252 -63.32 48.34 -15.44
N ALA A 253 -63.49 49.14 -16.49
CA ALA A 253 -62.34 49.52 -17.31
C ALA A 253 -62.52 50.86 -17.99
N TRP A 254 -61.45 51.65 -18.04
CA TRP A 254 -61.48 52.92 -18.81
C TRP A 254 -60.13 53.58 -18.87
N ILE A 255 -60.04 54.60 -19.73
CA ILE A 255 -58.88 55.46 -19.75
C ILE A 255 -59.32 56.91 -19.61
N LEU A 256 -58.67 57.64 -18.70
CA LEU A 256 -58.88 59.08 -18.58
C LEU A 256 -57.59 59.82 -18.53
N GLY A 257 -57.56 60.94 -19.24
CA GLY A 257 -56.52 61.91 -18.97
C GLY A 257 -56.41 63.00 -20.02
N ALA A 258 -55.17 63.34 -20.34
CA ALA A 258 -54.89 64.35 -21.33
C ALA A 258 -53.82 63.90 -22.31
N CYS A 259 -53.84 64.46 -23.51
CA CYS A 259 -52.84 64.14 -24.54
C CYS A 259 -52.50 65.32 -25.42
N LYS A 260 -51.36 65.21 -26.09
CA LYS A 260 -51.00 66.18 -27.11
C LYS A 260 -52.02 66.06 -28.23
N THR A 261 -52.37 67.20 -28.80
CA THR A 261 -53.34 67.22 -29.87
C THR A 261 -52.81 66.51 -31.08
N SER A 262 -51.48 66.43 -31.18
CA SER A 262 -50.84 65.85 -32.36
C SER A 262 -50.48 64.34 -32.28
N ILE A 263 -51.07 63.61 -31.34
CA ILE A 263 -50.82 62.16 -31.24
C ILE A 263 -51.13 61.44 -32.55
N SER A 264 -50.38 60.38 -32.85
CA SER A 264 -50.65 59.59 -34.05
C SER A 264 -52.01 58.91 -33.98
N ARG A 265 -52.72 58.93 -35.11
CA ARG A 265 -54.01 58.26 -35.22
C ARG A 265 -53.86 56.79 -35.58
N LYS A 266 -52.60 56.35 -35.72
CA LYS A 266 -52.28 54.96 -35.98
C LYS A 266 -52.22 54.25 -34.63
N GLY A 267 -52.51 52.96 -34.60
CA GLY A 267 -52.53 52.25 -33.34
C GLY A 267 -51.30 51.45 -32.93
N ASN A 268 -50.10 51.86 -33.34
CA ASN A 268 -48.92 51.08 -32.99
C ASN A 268 -48.10 51.74 -31.88
N MET A 269 -48.59 52.82 -31.28
CA MET A 269 -47.81 53.52 -30.26
C MET A 269 -48.34 53.17 -28.89
N THR A 270 -47.45 53.18 -27.90
CA THR A 270 -47.85 52.94 -26.53
C THR A 270 -48.42 54.21 -25.95
N LEU A 271 -49.27 54.07 -24.93
CA LEU A 271 -49.78 55.21 -24.22
C LEU A 271 -48.72 55.67 -23.29
N SER A 272 -48.05 56.75 -23.64
CA SER A 272 -46.94 57.17 -22.84
C SER A 272 -46.61 58.59 -23.15
N PRO A 273 -45.96 59.27 -22.19
CA PRO A 273 -45.53 60.65 -22.36
C PRO A 273 -44.78 60.91 -23.64
N GLU A 274 -43.88 60.01 -23.99
CA GLU A 274 -43.09 60.19 -25.19
C GLU A 274 -44.01 60.27 -26.40
N ASN A 275 -45.12 59.55 -26.35
CA ASN A 275 -46.06 59.56 -27.45
C ASN A 275 -47.21 60.55 -27.24
N GLY A 276 -47.15 61.35 -26.17
CA GLY A 276 -48.08 62.45 -25.94
C GLY A 276 -49.30 62.05 -25.12
N TYR A 277 -49.16 61.05 -24.25
CA TYR A 277 -50.24 60.58 -23.41
C TYR A 277 -49.90 60.71 -21.93
N TRP A 278 -50.81 61.32 -21.17
CA TRP A 278 -50.74 61.33 -19.72
C TRP A 278 -52.09 60.88 -19.19
N VAL A 279 -52.18 59.59 -18.91
CA VAL A 279 -53.45 58.99 -18.57
C VAL A 279 -53.35 58.03 -17.39
N VAL A 280 -54.50 57.76 -16.79
CA VAL A 280 -54.70 56.69 -15.82
C VAL A 280 -55.71 55.73 -16.45
N ILE A 281 -55.42 54.45 -16.29
CA ILE A 281 -56.18 53.38 -16.86
C ILE A 281 -56.72 52.52 -15.77
N MET A 282 -58.02 52.30 -15.81
CA MET A 282 -58.61 51.25 -15.01
C MET A 282 -58.63 49.94 -15.83
N MET A 283 -57.94 48.93 -15.30
CA MET A 283 -57.79 47.62 -15.91
C MET A 283 -58.93 46.70 -15.52
N LYS A 284 -59.16 46.62 -14.22
CA LYS A 284 -60.30 45.89 -13.68
C LYS A 284 -60.50 46.36 -12.26
N GLU A 285 -61.48 45.79 -11.56
CA GLU A 285 -61.82 46.23 -10.22
C GLU A 285 -60.56 46.22 -9.34
N ASN A 286 -60.27 47.37 -8.72
CA ASN A 286 -59.12 47.55 -7.83
C ASN A 286 -57.75 47.43 -8.49
N GLU A 287 -57.68 47.61 -9.80
CA GLU A 287 -56.40 47.69 -10.48
C GLU A 287 -56.40 48.92 -11.36
N TYR A 288 -55.63 49.92 -10.95
CA TYR A 288 -55.46 51.10 -11.79
C TYR A 288 -53.99 51.24 -12.08
N GLN A 289 -53.64 51.81 -13.22
CA GLN A 289 -52.25 52.23 -13.40
C GLN A 289 -52.14 53.52 -14.19
N ALA A 290 -51.07 54.25 -13.95
CA ALA A 290 -50.76 55.47 -14.67
C ALA A 290 -49.82 55.12 -15.79
N SER A 291 -49.97 55.80 -16.93
CA SER A 291 -49.20 55.51 -18.15
C SER A 291 -47.79 56.08 -18.05
N SER A 292 -47.20 56.02 -16.86
CA SER A 292 -45.76 56.27 -16.73
C SER A 292 -45.03 55.12 -17.42
N VAL A 293 -43.73 55.27 -17.66
CA VAL A 293 -42.92 54.19 -18.23
C VAL A 293 -41.72 53.85 -17.34
N PRO A 294 -41.72 52.64 -16.76
CA PRO A 294 -42.78 51.63 -16.81
C PRO A 294 -44.01 52.09 -16.03
N PRO A 295 -45.19 51.50 -16.32
CA PRO A 295 -46.43 51.88 -15.63
C PRO A 295 -46.32 51.86 -14.12
N THR A 296 -46.95 52.85 -13.48
CA THR A 296 -47.05 52.91 -12.03
C THR A 296 -48.40 52.30 -11.69
N ARG A 297 -48.36 51.18 -10.97
CA ARG A 297 -49.57 50.47 -10.57
C ARG A 297 -50.13 51.05 -9.29
N LEU A 298 -51.43 51.32 -9.33
CA LEU A 298 -52.17 51.98 -8.26
C LEU A 298 -53.26 51.11 -7.64
N LEU A 299 -53.14 50.98 -6.33
CA LEU A 299 -54.12 50.33 -5.49
C LEU A 299 -54.97 51.39 -4.80
N ILE A 300 -56.26 51.44 -5.10
CA ILE A 300 -57.16 52.44 -4.53
C ILE A 300 -58.18 51.78 -3.60
N LYS A 301 -58.09 52.17 -2.33
CA LYS A 301 -58.88 51.64 -1.21
C LYS A 301 -60.39 51.82 -1.40
N GLU A 302 -60.80 53.07 -1.63
CA GLU A 302 -62.20 53.36 -1.89
C GLU A 302 -62.25 53.69 -3.36
N PRO A 303 -62.78 52.77 -4.18
CA PRO A 303 -62.78 52.99 -5.63
C PRO A 303 -63.51 54.29 -6.07
N PRO A 304 -63.02 54.99 -7.11
CA PRO A 304 -63.73 56.22 -7.52
C PRO A 304 -64.97 55.96 -8.36
N LYS A 305 -66.07 56.64 -8.07
CA LYS A 305 -67.18 56.73 -9.01
C LYS A 305 -67.04 57.99 -9.84
N ARG A 306 -66.21 58.92 -9.39
CA ARG A 306 -65.98 60.17 -10.12
C ARG A 306 -64.49 60.52 -10.06
N VAL A 307 -63.93 60.82 -11.21
CA VAL A 307 -62.50 61.06 -11.31
C VAL A 307 -62.24 62.45 -11.87
N GLY A 308 -61.35 63.15 -11.19
CA GLY A 308 -60.94 64.48 -11.63
C GLY A 308 -59.58 64.51 -12.29
N ILE A 309 -59.50 65.28 -13.36
CA ILE A 309 -58.26 65.51 -14.10
C ILE A 309 -57.88 66.99 -14.04
N PHE A 310 -56.62 67.23 -13.65
CA PHE A 310 -56.10 68.58 -13.46
C PHE A 310 -54.79 68.84 -14.18
N VAL A 311 -54.81 69.66 -15.23
CA VAL A 311 -53.62 70.04 -15.99
C VAL A 311 -53.08 71.40 -15.55
N ASP A 312 -51.81 71.47 -15.17
CA ASP A 312 -51.17 72.73 -14.83
C ASP A 312 -50.01 72.99 -15.78
N TYR A 313 -50.28 73.79 -16.79
CA TYR A 313 -49.35 73.98 -17.89
C TYR A 313 -48.09 74.76 -17.49
N ARG A 314 -48.21 75.63 -16.48
CA ARG A 314 -47.05 76.44 -16.12
C ARG A 314 -45.94 75.55 -15.60
N VAL A 315 -46.28 74.68 -14.65
CA VAL A 315 -45.30 73.82 -13.99
C VAL A 315 -45.20 72.43 -14.63
N GLY A 316 -45.96 72.23 -15.70
CA GLY A 316 -45.90 71.00 -16.47
C GLY A 316 -46.33 69.76 -15.72
N SER A 317 -47.41 69.84 -14.94
CA SER A 317 -47.87 68.68 -14.20
C SER A 317 -49.28 68.31 -14.62
N ILE A 318 -49.62 67.03 -14.45
CA ILE A 318 -50.99 66.58 -14.66
C ILE A 318 -51.38 65.68 -13.53
N SER A 319 -52.45 66.05 -12.83
CA SER A 319 -52.83 65.34 -11.61
C SER A 319 -54.18 64.68 -11.75
N PHE A 320 -54.35 63.61 -10.99
CA PHE A 320 -55.57 62.83 -11.01
C PHE A 320 -56.10 62.70 -9.58
N TYR A 321 -57.42 62.92 -9.46
CA TYR A 321 -58.13 62.94 -8.19
C TYR A 321 -59.27 61.94 -8.12
N ASN A 322 -59.38 61.31 -6.96
CA ASN A 322 -60.52 60.49 -6.61
C ASN A 322 -61.58 61.39 -5.97
N VAL A 323 -62.57 61.79 -6.77
CA VAL A 323 -63.57 62.75 -6.28
C VAL A 323 -64.42 62.14 -5.17
N THR A 324 -64.81 60.88 -5.33
CA THR A 324 -65.63 60.20 -4.31
C THR A 324 -64.99 60.23 -2.92
N ALA A 325 -63.69 59.92 -2.84
CA ALA A 325 -63.00 59.84 -1.54
C ALA A 325 -62.28 61.14 -1.20
N ARG A 326 -62.39 62.10 -2.12
CA ARG A 326 -61.75 63.42 -2.03
C ARG A 326 -60.25 63.27 -1.74
N SER A 327 -59.57 62.56 -2.62
CA SER A 327 -58.19 62.19 -2.40
C SER A 327 -57.38 62.16 -3.69
N HIS A 328 -56.06 62.15 -3.53
CA HIS A 328 -55.16 62.13 -4.66
C HIS A 328 -54.95 60.72 -5.22
N ILE A 329 -54.99 60.61 -6.53
CA ILE A 329 -54.74 59.34 -7.20
C ILE A 329 -53.32 59.35 -7.73
N TYR A 330 -52.96 60.32 -8.54
CA TYR A 330 -51.62 60.28 -9.13
C TYR A 330 -51.21 61.59 -9.78
N THR A 331 -49.90 61.87 -9.84
CA THR A 331 -49.45 63.04 -10.58
C THR A 331 -48.26 62.77 -11.48
N PHE A 332 -48.41 63.14 -12.76
CA PHE A 332 -47.24 63.26 -13.61
C PHE A 332 -46.61 64.63 -13.33
N ALA A 333 -45.44 64.64 -12.74
CA ALA A 333 -44.74 65.88 -12.39
C ALA A 333 -43.60 66.18 -13.35
N SER A 334 -43.32 67.46 -13.58
CA SER A 334 -42.11 67.92 -14.26
C SER A 334 -42.10 67.64 -15.76
N CYS A 335 -43.19 67.09 -16.27
CA CYS A 335 -43.39 66.90 -17.71
C CYS A 335 -43.01 68.09 -18.57
N SER A 336 -42.51 67.78 -19.77
CA SER A 336 -42.25 68.77 -20.79
C SER A 336 -43.45 69.01 -21.72
N PHE A 337 -44.20 70.10 -21.54
CA PHE A 337 -45.35 70.37 -22.40
C PHE A 337 -44.90 71.35 -23.47
N SER A 338 -44.91 70.87 -24.70
CA SER A 338 -44.44 71.65 -25.85
C SER A 338 -45.52 71.85 -26.90
N GLY A 339 -46.70 72.32 -26.49
CA GLY A 339 -47.78 72.53 -27.43
C GLY A 339 -49.14 72.29 -26.84
N PRO A 340 -50.16 72.33 -27.67
CA PRO A 340 -51.51 72.15 -27.13
C PRO A 340 -51.81 70.74 -26.60
N LEU A 341 -52.50 70.68 -25.46
CA LEU A 341 -53.07 69.44 -24.92
C LEU A 341 -54.58 69.42 -25.01
N GLN A 342 -55.15 68.22 -24.97
CA GLN A 342 -56.60 68.07 -24.83
C GLN A 342 -57.01 66.84 -24.02
N PRO A 343 -58.26 66.79 -23.57
CA PRO A 343 -58.77 65.63 -22.85
C PRO A 343 -58.84 64.43 -23.71
N ILE A 344 -58.69 63.25 -23.11
CA ILE A 344 -58.84 62.00 -23.82
C ILE A 344 -59.62 61.03 -22.93
N PHE A 345 -60.43 60.20 -23.58
CA PHE A 345 -61.34 59.29 -22.89
C PHE A 345 -61.38 57.96 -23.60
N SER A 346 -61.51 56.89 -22.82
CA SER A 346 -61.96 55.58 -23.33
C SER A 346 -62.91 54.92 -22.34
N PRO A 347 -64.07 54.44 -22.83
CA PRO A 347 -65.02 53.74 -21.99
C PRO A 347 -64.69 52.27 -21.75
N GLY A 348 -63.55 51.81 -22.25
CA GLY A 348 -63.17 50.42 -22.09
C GLY A 348 -64.02 49.53 -22.97
N THR A 349 -63.79 48.24 -22.87
CA THR A 349 -64.54 47.33 -23.68
C THR A 349 -65.80 46.98 -22.91
N ARG A 350 -66.74 46.37 -23.60
CA ARG A 350 -68.06 46.07 -23.09
C ARG A 350 -67.97 44.96 -22.03
N ASP A 351 -66.92 44.15 -22.16
CA ASP A 351 -66.58 43.10 -21.18
C ASP A 351 -67.75 42.17 -20.84
N GLY A 352 -68.46 41.68 -21.84
CA GLY A 352 -69.51 40.71 -21.60
C GLY A 352 -70.72 41.35 -20.93
N GLY A 353 -70.99 42.60 -21.31
CA GLY A 353 -72.09 43.35 -20.78
C GLY A 353 -71.74 43.97 -19.43
N LYS A 354 -70.54 43.69 -18.92
CA LYS A 354 -70.15 44.12 -17.58
C LYS A 354 -69.59 45.56 -17.50
N ASN A 355 -69.13 46.11 -18.62
CA ASN A 355 -68.55 47.46 -18.64
C ASN A 355 -69.16 48.37 -19.72
N THR A 356 -70.41 48.08 -20.04
CA THR A 356 -71.11 48.76 -21.11
C THR A 356 -71.56 50.19 -20.82
N ALA A 357 -71.57 50.57 -19.55
CA ALA A 357 -72.02 51.91 -19.13
C ALA A 357 -71.13 53.00 -19.69
N PRO A 358 -71.71 54.21 -19.89
CA PRO A 358 -70.97 55.33 -20.42
C PRO A 358 -70.09 56.01 -19.40
N LEU A 359 -69.11 56.77 -19.90
CA LEU A 359 -68.42 57.80 -19.16
C LEU A 359 -69.27 59.08 -19.32
N THR A 360 -69.37 59.89 -18.29
CA THR A 360 -70.05 61.17 -18.44
C THR A 360 -69.19 62.29 -17.87
N ILE A 361 -68.82 63.24 -18.71
CA ILE A 361 -68.23 64.47 -18.22
C ILE A 361 -69.28 65.19 -17.34
N CYS A 362 -68.95 65.46 -16.08
CA CYS A 362 -69.85 66.11 -15.17
C CYS A 362 -69.33 67.47 -14.70
N PRO A 363 -70.21 68.49 -14.73
CA PRO A 363 -69.77 69.80 -14.21
C PRO A 363 -69.60 69.82 -12.69
N VAL A 364 -68.71 70.67 -12.19
CA VAL A 364 -68.59 70.89 -10.74
C VAL A 364 -69.65 71.90 -10.26
N GLY A 365 -70.21 71.64 -9.07
CA GLY A 365 -71.24 72.49 -8.47
C GLY A 365 -71.05 73.99 -8.52
N GLY A 366 -69.84 74.47 -8.27
CA GLY A 366 -69.64 75.92 -8.22
C GLY A 366 -69.58 76.68 -9.54
N GLN A 367 -69.87 76.01 -10.67
CA GLN A 367 -69.81 76.68 -11.97
C GLN A 367 -71.18 77.21 -12.44
N GLY A 368 -71.15 78.40 -13.02
CA GLY A 368 -72.25 78.93 -13.83
C GLY A 368 -72.67 77.92 -14.90
N PRO A 369 -73.81 78.17 -15.55
CA PRO A 369 -74.28 77.22 -16.58
C PRO A 369 -73.40 77.09 -17.86
N ASP A 370 -72.92 78.19 -18.43
CA ASP A 370 -72.06 78.16 -19.63
C ASP A 370 -72.79 77.54 -20.85
N ALA A 371 -73.97 78.02 -21.16
CA ALA A 371 -74.72 77.55 -22.32
C ALA A 371 -74.44 78.54 -23.47
N LEU A 372 -74.39 78.11 -24.74
CA LEU A 372 -74.16 76.73 -25.14
C LEU A 372 -72.72 76.68 -25.68
N GLU A 373 -71.96 75.77 -25.06
CA GLU A 373 -70.53 75.57 -25.27
C GLU A 373 -70.21 74.83 -26.57
N VAL A 374 -71.18 74.03 -27.04
CA VAL A 374 -71.07 73.31 -28.31
C VAL A 374 -70.93 74.28 -29.53
N LEU A 375 -70.96 75.59 -29.29
CA LEU A 375 -70.83 76.60 -30.38
C LEU A 375 -69.40 77.09 -30.54
N PHE A 376 -68.49 76.56 -29.73
CA PHE A 376 -67.09 76.86 -29.85
C PHE A 376 -66.32 75.68 -30.40
N GLN A 377 -66.94 74.50 -30.45
CA GLN A 377 -66.22 73.26 -30.70
C GLN A 377 -65.42 73.25 -32.01
C ACE B 1 40.48 28.73 -33.10
O ACE B 1 40.06 27.85 -33.87
CH3 ACE B 1 40.72 30.15 -33.50
N SER B 2 40.78 28.42 -31.79
CA SER B 2 40.66 27.12 -31.20
C SER B 2 39.20 26.63 -31.15
N GLU B 3 39.11 25.30 -31.14
CA GLU B 3 37.84 24.60 -31.21
C GLU B 3 36.96 24.96 -30.02
N VAL B 4 37.59 25.02 -28.87
CA VAL B 4 36.86 25.30 -27.65
C VAL B 4 36.33 26.77 -27.64
N ALA B 5 37.09 27.71 -28.22
CA ALA B 5 36.63 29.12 -28.28
C ALA B 5 35.42 29.26 -29.22
N LEU B 6 35.52 28.67 -30.42
CA LEU B 6 34.44 28.63 -31.39
C LEU B 6 33.22 27.99 -30.77
N GLU B 7 33.43 26.85 -30.12
CA GLU B 7 32.32 26.18 -29.45
C GLU B 7 31.65 27.08 -28.41
N HIS B 8 32.47 27.73 -27.60
CA HIS B 8 31.93 28.64 -26.61
C HIS B 8 31.15 29.81 -27.25
N LYS B 9 31.66 30.33 -28.37
CA LYS B 9 30.96 31.39 -29.09
C LYS B 9 29.60 30.89 -29.58
N LYS B 10 29.58 29.67 -30.13
CA LYS B 10 28.33 29.05 -30.55
C LYS B 10 27.33 29.07 -29.40
N LYS B 11 27.77 28.52 -28.26
CA LYS B 11 26.88 28.46 -27.11
C LYS B 11 26.49 29.87 -26.58
N ILE B 12 27.39 30.84 -26.68
CA ILE B 12 27.03 32.19 -26.28
C ILE B 12 25.85 32.69 -27.16
N GLN B 13 25.96 32.53 -28.49
CA GLN B 13 24.85 32.94 -29.36
C GLN B 13 23.54 32.27 -29.01
N LYS B 14 23.62 30.96 -28.84
CA LYS B 14 22.43 30.22 -28.44
C LYS B 14 21.81 30.82 -27.16
N GLN B 15 22.61 30.98 -26.12
CA GLN B 15 22.09 31.49 -24.86
C GLN B 15 21.56 32.91 -24.98
N LEU B 16 22.20 33.73 -25.82
CA LEU B 16 21.70 35.06 -26.08
C LEU B 16 20.28 35.00 -26.62
N GLU B 17 20.06 34.13 -27.59
CA GLU B 17 18.70 33.97 -28.11
C GLU B 17 17.71 33.58 -27.05
N HIS B 18 18.08 32.55 -26.30
CA HIS B 18 17.22 32.13 -25.19
C HIS B 18 16.84 33.30 -24.27
N LEU B 19 17.85 34.02 -23.81
CA LEU B 19 17.67 35.06 -22.83
C LEU B 19 16.77 36.15 -23.40
N LYS B 20 17.00 36.51 -24.66
CA LYS B 20 16.19 37.54 -25.30
C LYS B 20 14.71 37.14 -25.39
N LYS B 21 14.43 35.90 -25.78
CA LYS B 21 13.05 35.41 -25.76
C LYS B 21 12.43 35.48 -24.36
N LEU B 22 13.17 35.05 -23.34
CA LEU B 22 12.64 35.13 -21.98
C LEU B 22 12.33 36.59 -21.60
N ARG B 23 13.24 37.50 -21.98
CA ARG B 23 13.10 38.90 -21.65
C ARG B 23 11.82 39.46 -22.30
N LYS B 24 11.63 39.15 -23.57
CA LYS B 24 10.44 39.55 -24.29
C LYS B 24 9.18 39.05 -23.57
N SER B 25 9.17 37.78 -23.20
CA SER B 25 8.04 37.26 -22.45
C SER B 25 7.87 38.08 -21.17
N GLY B 26 8.97 38.35 -20.48
CA GLY B 26 8.92 39.16 -19.28
C GLY B 26 8.24 40.51 -19.50
N GLU B 27 8.65 41.24 -20.53
CA GLU B 27 8.02 42.52 -20.85
C GLU B 27 6.51 42.35 -21.10
N GLU B 28 6.12 41.41 -21.96
CA GLU B 28 4.70 41.19 -22.23
C GLU B 28 3.95 40.98 -20.95
N GLN B 29 4.54 40.18 -20.08
CA GLN B 29 3.88 39.87 -18.83
C GLN B 29 3.75 41.08 -17.90
N ARG B 30 4.82 41.84 -17.76
CA ARG B 30 4.79 43.05 -16.94
C ARG B 30 3.67 44.00 -17.43
N SER B 31 3.63 44.18 -18.75
CA SER B 31 2.63 45.01 -19.40
C SER B 31 1.22 44.52 -19.16
N TYR B 32 1.03 43.21 -19.31
CA TYR B 32 -0.31 42.66 -19.12
C TYR B 32 -0.81 42.84 -17.69
N GLY B 33 0.08 42.64 -16.73
CA GLY B 33 -0.22 42.89 -15.32
C GLY B 33 -0.71 44.32 -15.18
N GLU B 34 0.06 45.25 -15.74
CA GLU B 34 -0.38 46.64 -15.74
C GLU B 34 -1.82 46.82 -16.32
N GLU B 35 -2.07 46.28 -17.52
CA GLU B 35 -3.40 46.35 -18.13
C GLU B 35 -4.47 45.82 -17.17
N LYS B 36 -4.25 44.66 -16.59
CA LYS B 36 -5.23 44.09 -15.68
C LYS B 36 -5.47 45.05 -14.46
N ALA B 37 -4.40 45.58 -13.88
CA ALA B 37 -4.55 46.49 -12.75
C ALA B 37 -5.45 47.67 -13.11
N VAL B 38 -5.12 48.30 -14.23
CA VAL B 38 -5.87 49.44 -14.70
C VAL B 38 -7.35 49.04 -14.90
N SER B 39 -7.57 47.88 -15.50
CA SER B 39 -8.92 47.39 -15.74
C SER B 39 -9.68 47.19 -14.43
N PHE B 40 -9.00 46.64 -13.43
CA PHE B 40 -9.60 46.48 -12.11
C PHE B 40 -10.04 47.84 -11.50
N LEU B 41 -9.12 48.80 -11.47
CA LEU B 41 -9.41 50.10 -10.93
C LEU B 41 -10.54 50.78 -11.73
N LYS B 42 -10.57 50.60 -13.05
CA LYS B 42 -11.63 51.15 -13.86
C LYS B 42 -13.01 50.60 -13.43
N GLN B 43 -13.10 49.28 -13.26
CA GLN B 43 -14.32 48.70 -12.69
C GLN B 43 -14.73 49.31 -11.33
N THR B 44 -13.80 49.31 -10.38
CA THR B 44 -14.09 49.87 -9.05
C THR B 44 -14.55 51.33 -9.11
N GLU B 45 -13.86 52.16 -9.88
CA GLU B 45 -14.23 53.56 -10.04
C GLU B 45 -15.65 53.71 -10.60
N ALA B 46 -16.01 52.91 -11.61
CA ALA B 46 -17.36 52.98 -12.12
C ALA B 46 -18.36 52.73 -11.01
N LEU B 47 -18.14 51.66 -10.25
CA LEU B 47 -19.01 51.34 -9.11
C LEU B 47 -19.04 52.49 -8.07
N LYS B 48 -17.87 53.01 -7.77
CA LYS B 48 -17.74 54.14 -6.83
C LYS B 48 -18.64 55.29 -7.23
N GLN B 49 -18.49 55.72 -8.48
CA GLN B 49 -19.23 56.86 -9.03
C GLN B 49 -20.75 56.57 -9.03
N ARG B 50 -21.13 55.34 -9.38
CA ARG B 50 -22.53 54.96 -9.30
C ARG B 50 -23.07 55.18 -7.89
N VAL B 51 -22.38 54.68 -6.87
CA VAL B 51 -22.87 54.85 -5.49
C VAL B 51 -22.86 56.33 -5.08
N GLN B 52 -21.82 57.03 -5.50
CA GLN B 52 -21.66 58.42 -5.15
C GLN B 52 -22.87 59.24 -5.62
N ARG B 53 -23.29 59.05 -6.88
CA ARG B 53 -24.46 59.79 -7.36
C ARG B 53 -25.70 59.57 -6.49
N LYS B 54 -26.05 58.31 -6.28
CA LYS B 54 -27.24 58.01 -5.49
C LYS B 54 -27.20 58.61 -4.09
N LEU B 55 -26.07 58.49 -3.41
CA LEU B 55 -25.99 59.05 -2.09
C LEU B 55 -26.13 60.57 -2.14
N GLU B 56 -25.44 61.21 -3.09
CA GLU B 56 -25.51 62.65 -3.25
C GLU B 56 -26.97 63.14 -3.42
N GLN B 57 -27.70 62.41 -4.26
CA GLN B 57 -29.09 62.71 -4.50
C GLN B 57 -29.96 62.58 -3.21
N VAL B 58 -29.82 61.46 -2.50
CA VAL B 58 -30.55 61.32 -1.25
C VAL B 58 -30.22 62.45 -0.29
N TYR B 59 -28.92 62.70 -0.07
CA TYR B 59 -28.52 63.77 0.84
C TYR B 59 -29.12 65.11 0.43
N TYR B 60 -29.13 65.41 -0.87
CA TYR B 60 -29.76 66.64 -1.32
C TYR B 60 -31.22 66.77 -0.89
N PHE B 61 -32.03 65.77 -1.23
CA PHE B 61 -33.43 65.79 -0.82
C PHE B 61 -33.58 65.94 0.70
N LEU B 62 -32.85 65.15 1.48
CA LEU B 62 -32.91 65.26 2.94
C LEU B 62 -32.50 66.65 3.46
N GLU B 63 -31.46 67.25 2.90
CA GLU B 63 -31.09 68.60 3.33
C GLU B 63 -32.23 69.57 3.04
N GLN B 64 -32.83 69.44 1.87
CA GLN B 64 -33.99 70.25 1.54
C GLN B 64 -35.13 70.04 2.55
N GLN B 65 -35.44 68.77 2.84
CA GLN B 65 -36.52 68.47 3.78
C GLN B 65 -36.26 69.11 5.15
N GLU B 66 -35.05 68.93 5.67
CA GLU B 66 -34.69 69.52 6.96
C GLU B 66 -34.77 71.03 6.92
N HIS B 67 -34.28 71.63 5.85
CA HIS B 67 -34.30 73.09 5.75
C HIS B 67 -35.71 73.64 5.89
N PHE B 68 -36.59 73.13 5.04
CA PHE B 68 -37.96 73.58 5.05
C PHE B 68 -38.70 73.28 6.34
N PHE B 69 -38.53 72.08 6.89
CA PHE B 69 -39.16 71.77 8.16
C PHE B 69 -38.69 72.76 9.25
N VAL B 70 -37.37 72.96 9.35
CA VAL B 70 -36.83 73.87 10.35
C VAL B 70 -37.37 75.31 10.14
N ALA B 71 -37.44 75.76 8.90
CA ALA B 71 -38.04 77.06 8.62
C ALA B 71 -39.50 77.10 9.07
N SER B 72 -40.25 76.04 8.79
CA SER B 72 -41.63 75.95 9.24
C SER B 72 -41.76 76.06 10.76
N LEU B 73 -40.93 75.32 11.48
CA LEU B 73 -40.89 75.41 12.93
C LEU B 73 -40.64 76.83 13.41
N GLU B 74 -39.61 77.46 12.85
CA GLU B 74 -39.27 78.81 13.26
C GLU B 74 -40.41 79.77 12.99
N ASP B 75 -40.98 79.64 11.79
CA ASP B 75 -42.08 80.47 11.37
C ASP B 75 -43.29 80.40 12.32
N VAL B 76 -43.78 79.19 12.57
CA VAL B 76 -44.91 79.03 13.50
C VAL B 76 -44.50 79.57 14.88
N GLY B 77 -43.34 79.16 15.38
CA GLY B 77 -42.86 79.61 16.68
C GLY B 77 -42.91 81.13 16.75
N GLN B 78 -42.47 81.77 15.68
CA GLN B 78 -42.44 83.22 15.59
C GLN B 78 -43.87 83.78 15.71
N MET B 79 -44.75 83.28 14.85
CA MET B 79 -46.14 83.73 14.86
C MET B 79 -46.81 83.61 16.24
N VAL B 80 -46.75 82.40 16.82
CA VAL B 80 -47.40 82.18 18.10
C VAL B 80 -46.78 83.09 19.16
N GLY B 81 -45.46 83.26 19.16
CA GLY B 81 -44.80 84.20 20.05
C GLY B 81 -45.42 85.59 19.96
N GLN B 82 -45.52 86.11 18.72
CA GLN B 82 -46.09 87.45 18.48
C GLN B 82 -47.53 87.57 18.93
N ILE B 83 -48.40 86.66 18.49
CA ILE B 83 -49.80 86.72 18.87
C ILE B 83 -49.92 86.65 20.39
N ARG B 84 -49.26 85.70 21.01
CA ARG B 84 -49.24 85.56 22.47
C ARG B 84 -48.88 86.88 23.18
N LYS B 85 -47.75 87.48 22.79
CA LYS B 85 -47.32 88.75 23.38
C LYS B 85 -48.29 89.90 23.18
N ALA B 86 -48.71 90.12 21.94
CA ALA B 86 -49.63 91.23 21.66
C ALA B 86 -50.95 91.06 22.43
N TYR B 87 -51.52 89.86 22.39
CA TYR B 87 -52.75 89.63 23.12
C TYR B 87 -52.57 89.91 24.61
N ASP B 88 -51.52 89.33 25.19
CA ASP B 88 -51.27 89.51 26.62
C ASP B 88 -51.21 91.00 26.96
N THR B 89 -50.49 91.75 26.13
CA THR B 89 -50.38 93.19 26.35
C THR B 89 -51.75 93.91 26.26
N ARG B 90 -52.51 93.69 25.18
CA ARG B 90 -53.81 94.34 25.01
C ARG B 90 -54.77 94.03 26.15
N VAL B 91 -54.95 92.75 26.44
CA VAL B 91 -55.91 92.41 27.47
C VAL B 91 -55.40 92.95 28.83
N SER B 92 -54.08 92.98 29.04
CA SER B 92 -53.55 93.63 30.25
C SER B 92 -53.87 95.17 30.27
N GLN B 93 -53.82 95.82 29.11
CA GLN B 93 -54.24 97.22 29.04
C GLN B 93 -55.73 97.38 29.43
N ASP B 94 -56.58 96.51 28.88
CA ASP B 94 -57.99 96.49 29.27
C ASP B 94 -58.19 96.34 30.79
N ILE B 95 -57.54 95.32 31.37
CA ILE B 95 -57.68 95.14 32.83
C ILE B 95 -57.15 96.38 33.56
N ALA B 96 -56.04 96.97 33.11
CA ALA B 96 -55.50 98.17 33.77
C ALA B 96 -56.45 99.36 33.77
N LEU B 97 -57.05 99.60 32.61
CA LEU B 97 -58.06 100.65 32.50
C LEU B 97 -59.18 100.37 33.52
N LEU B 98 -59.69 99.13 33.49
CA LEU B 98 -60.74 98.77 34.46
C LEU B 98 -60.26 99.02 35.90
N ASP B 99 -59.03 98.62 36.19
CA ASP B 99 -58.52 98.77 37.54
C ASP B 99 -58.53 100.24 37.93
N ALA B 100 -58.16 101.12 37.01
CA ALA B 100 -58.20 102.55 37.32
C ALA B 100 -59.65 103.06 37.58
N LEU B 101 -60.61 102.68 36.74
CA LEU B 101 -61.99 103.09 36.95
C LEU B 101 -62.52 102.63 38.32
N ILE B 102 -62.20 101.38 38.66
CA ILE B 102 -62.55 100.85 39.96
C ILE B 102 -61.94 101.74 41.07
N GLY B 103 -60.64 102.02 40.93
CA GLY B 103 -59.94 102.91 41.85
C GLY B 103 -60.69 104.25 42.06
N GLU B 104 -61.05 104.92 40.95
CA GLU B 104 -61.78 106.19 41.03
C GLU B 104 -63.10 106.07 41.80
N LEU B 105 -63.90 105.09 41.45
CA LEU B 105 -65.18 104.96 42.13
C LEU B 105 -64.95 104.75 43.61
N GLU B 106 -63.98 103.90 43.96
CA GLU B 106 -63.68 103.63 45.36
C GLU B 106 -63.23 104.92 46.06
N ALA B 107 -62.46 105.72 45.35
CA ALA B 107 -62.04 107.02 45.84
C ALA B 107 -63.24 107.94 46.11
N LYS B 108 -64.34 107.84 45.34
CA LYS B 108 -65.49 108.71 45.64
C LYS B 108 -65.92 108.46 47.08
N GLU B 109 -65.79 107.23 47.57
CA GLU B 109 -66.08 107.02 48.98
C GLU B 109 -65.02 107.82 49.75
N CYS B 110 -65.23 108.04 51.03
CA CYS B 110 -64.37 108.85 51.88
C CYS B 110 -64.61 110.33 51.55
N GLN B 111 -65.60 110.61 50.68
CA GLN B 111 -66.03 111.99 50.45
C GLN B 111 -67.27 112.25 51.25
N SER B 112 -67.44 113.48 51.68
CA SER B 112 -68.71 113.92 52.23
C SER B 112 -69.76 113.99 51.13
N GLU B 113 -71.03 113.94 51.49
CA GLU B 113 -72.12 114.06 50.52
C GLU B 113 -71.96 115.26 49.59
N TRP B 114 -71.69 116.41 50.22
CA TRP B 114 -71.53 117.68 49.54
C TRP B 114 -70.34 117.58 48.60
N GLU B 115 -69.24 117.03 49.09
CA GLU B 115 -68.08 116.86 48.20
C GLU B 115 -68.40 115.94 47.02
N LEU B 116 -69.13 114.86 47.30
CA LEU B 116 -69.49 113.86 46.29
C LEU B 116 -70.29 114.41 45.16
N LEU B 117 -71.31 115.23 45.49
CA LEU B 117 -72.24 115.74 44.47
C LEU B 117 -71.53 116.64 43.46
N GLN B 118 -70.55 117.38 43.98
CA GLN B 118 -69.77 118.34 43.21
C GLN B 118 -68.68 117.80 42.30
N ASP B 119 -68.10 116.66 42.64
CA ASP B 119 -66.90 116.18 41.96
C ASP B 119 -67.11 114.88 41.19
N ILE B 120 -68.36 114.48 41.04
CA ILE B 120 -68.69 113.20 40.46
C ILE B 120 -68.14 113.06 39.04
N GLY B 121 -68.11 114.16 38.28
CA GLY B 121 -67.64 114.18 36.91
C GLY B 121 -68.31 113.14 36.01
N ASP B 122 -67.62 112.75 34.95
CA ASP B 122 -68.12 111.75 33.98
C ASP B 122 -67.69 110.30 34.27
N ILE B 123 -67.18 110.01 35.47
CA ILE B 123 -66.71 108.66 35.79
C ILE B 123 -67.78 107.60 35.53
N LEU B 124 -69.03 107.87 35.94
CA LEU B 124 -70.09 106.89 35.75
C LEU B 124 -70.32 106.62 34.29
N HIS B 125 -70.34 107.64 33.45
CA HIS B 125 -70.51 107.41 32.02
C HIS B 125 -69.34 106.54 31.52
N ARG B 126 -68.12 106.88 31.92
CA ARG B 126 -66.93 106.18 31.47
C ARG B 126 -66.91 104.73 31.94
N ALA B 127 -67.42 104.49 33.15
CA ALA B 127 -67.53 103.12 33.62
C ALA B 127 -68.56 102.41 32.77
N LYS B 128 -69.74 103.01 32.61
CA LYS B 128 -70.83 102.39 31.86
C LYS B 128 -70.43 102.03 30.41
N THR B 129 -69.48 102.76 29.82
CA THR B 129 -69.11 102.57 28.40
C THR B 129 -67.78 101.85 28.22
N VAL B 130 -67.20 101.35 29.30
CA VAL B 130 -65.88 100.73 29.18
C VAL B 130 -65.93 99.46 28.30
N PRO B 131 -64.96 99.28 27.39
CA PRO B 131 -64.98 98.05 26.56
C PRO B 131 -64.84 96.74 27.34
N VAL B 132 -65.53 95.71 26.90
CA VAL B 132 -65.31 94.41 27.45
C VAL B 132 -63.89 93.97 27.05
N PRO B 133 -63.11 93.42 28.00
CA PRO B 133 -61.77 92.95 27.65
C PRO B 133 -61.75 91.96 26.49
N GLU B 134 -60.75 92.07 25.63
CA GLU B 134 -60.60 91.21 24.44
C GLU B 134 -60.64 89.72 24.74
N LYS B 135 -61.53 89.05 24.01
CA LYS B 135 -61.69 87.60 24.06
C LYS B 135 -60.59 86.96 23.21
N TRP B 136 -59.93 85.91 23.72
CA TRP B 136 -58.97 85.20 22.88
C TRP B 136 -59.67 84.46 21.73
N THR B 137 -59.23 84.70 20.50
CA THR B 137 -59.72 83.93 19.36
C THR B 137 -58.55 83.41 18.54
N THR B 138 -58.39 82.09 18.46
CA THR B 138 -57.27 81.49 17.74
C THR B 138 -57.34 81.81 16.25
N PRO B 139 -56.32 82.48 15.70
CA PRO B 139 -56.34 82.73 14.26
C PRO B 139 -56.03 81.49 13.41
N GLN B 140 -56.70 81.41 12.25
CA GLN B 140 -56.61 80.31 11.30
C GLN B 140 -55.16 80.08 10.86
N GLU B 141 -54.38 81.15 10.82
CA GLU B 141 -52.99 81.07 10.37
C GLU B 141 -52.18 80.09 11.26
N ILE B 142 -52.39 80.17 12.57
CA ILE B 142 -51.73 79.26 13.49
C ILE B 142 -52.22 77.85 13.20
N LYS B 143 -53.53 77.70 13.09
CA LYS B 143 -54.06 76.38 12.87
C LYS B 143 -53.52 75.75 11.56
N GLN B 144 -53.49 76.45 10.44
CA GLN B 144 -52.98 75.84 9.22
C GLN B 144 -51.48 75.56 9.34
N LYS B 145 -50.68 76.50 9.85
CA LYS B 145 -49.23 76.26 9.94
C LYS B 145 -48.92 74.99 10.81
N ILE B 146 -49.63 74.85 11.92
CA ILE B 146 -49.51 73.64 12.73
C ILE B 146 -49.98 72.41 11.90
N GLN B 147 -51.12 72.48 11.20
CA GLN B 147 -51.52 71.30 10.43
C GLN B 147 -50.46 70.90 9.39
N LEU B 148 -49.85 71.87 8.73
CA LEU B 148 -48.77 71.59 7.78
C LEU B 148 -47.65 70.85 8.48
N LEU B 149 -47.20 71.38 9.61
CA LEU B 149 -46.22 70.66 10.37
C LEU B 149 -46.64 69.21 10.67
N HIS B 150 -47.88 68.96 11.11
CA HIS B 150 -48.30 67.57 11.33
C HIS B 150 -48.16 66.73 10.06
N GLN B 151 -48.67 67.25 8.94
CA GLN B 151 -48.51 66.53 7.67
C GLN B 151 -47.05 66.17 7.34
N LYS B 152 -46.15 67.14 7.48
CA LYS B 152 -44.79 66.84 7.12
C LYS B 152 -44.22 65.78 8.07
N SER B 153 -44.53 65.90 9.36
CA SER B 153 -44.17 64.87 10.34
C SER B 153 -44.66 63.49 9.91
N GLU B 154 -45.92 63.42 9.48
CA GLU B 154 -46.52 62.17 9.02
C GLU B 154 -45.74 61.56 7.86
N PHE B 155 -45.43 62.41 6.86
CA PHE B 155 -44.63 62.02 5.69
C PHE B 155 -43.31 61.43 6.15
N VAL B 156 -42.64 62.16 7.03
CA VAL B 156 -41.35 61.76 7.54
C VAL B 156 -41.45 60.41 8.23
N GLU B 157 -42.47 60.20 9.05
CA GLU B 157 -42.54 58.92 9.71
C GLU B 157 -42.76 57.78 8.70
N LYS B 158 -43.66 57.98 7.76
CA LYS B 158 -43.91 56.95 6.77
C LYS B 158 -42.67 56.60 5.91
N SER B 159 -42.02 57.63 5.40
CA SER B 159 -40.89 57.43 4.54
C SER B 159 -39.71 56.80 5.31
N THR B 160 -39.36 57.34 6.48
CA THR B 160 -38.25 56.78 7.24
C THR B 160 -38.58 55.36 7.73
N LYS B 161 -39.86 55.07 8.03
CA LYS B 161 -40.25 53.71 8.42
C LYS B 161 -39.92 52.72 7.30
N TYR B 162 -40.46 53.00 6.12
CA TYR B 162 -40.24 52.16 4.95
C TYR B 162 -38.75 51.99 4.65
N PHE B 163 -38.00 53.08 4.72
CA PHE B 163 -36.57 53.04 4.51
C PHE B 163 -35.87 52.13 5.54
N SER B 164 -36.25 52.30 6.79
CA SER B 164 -35.75 51.50 7.89
C SER B 164 -36.01 49.99 7.60
N GLU B 165 -37.20 49.70 7.09
CA GLU B 165 -37.60 48.31 6.86
C GLU B 165 -36.91 47.73 5.65
N THR B 166 -36.87 48.44 4.52
CA THR B 166 -36.18 47.85 3.37
C THR B 166 -34.68 47.74 3.72
N LEU B 167 -34.12 48.75 4.37
CA LEU B 167 -32.72 48.68 4.71
C LEU B 167 -32.43 47.45 5.54
N ARG B 168 -33.24 47.20 6.58
CA ARG B 168 -33.03 46.02 7.41
C ARG B 168 -33.15 44.76 6.56
N SER B 169 -34.17 44.73 5.70
CA SER B 169 -34.33 43.59 4.84
C SER B 169 -33.03 43.33 4.04
N GLU B 170 -32.51 44.37 3.41
CA GLU B 170 -31.31 44.20 2.60
C GLU B 170 -30.11 43.82 3.47
N MET B 171 -30.07 44.37 4.68
CA MET B 171 -28.98 44.08 5.61
C MET B 171 -28.92 42.59 5.90
N GLU B 172 -30.09 42.00 6.20
CA GLU B 172 -30.16 40.57 6.47
C GLU B 172 -29.88 39.72 5.27
N MET B 173 -30.30 40.22 4.12
CA MET B 173 -30.11 39.48 2.89
C MET B 173 -28.63 39.26 2.58
N PHE B 174 -27.78 40.08 3.16
CA PHE B 174 -26.39 40.09 2.77
C PHE B 174 -25.62 38.87 3.21
N ASN B 175 -26.10 38.15 4.22
CA ASN B 175 -25.41 36.94 4.71
C ASN B 175 -26.12 35.65 4.37
N VAL B 176 -27.22 35.74 3.63
CA VAL B 176 -27.89 34.52 3.23
C VAL B 176 -26.98 33.87 2.16
N PRO B 177 -26.71 32.56 2.32
CA PRO B 177 -25.84 31.86 1.39
C PRO B 177 -26.52 31.66 0.07
N GLU B 178 -25.74 31.47 -0.98
CA GLU B 178 -26.27 30.87 -2.19
C GLU B 178 -26.69 29.42 -1.91
N LEU B 179 -27.44 28.86 -2.86
CA LEU B 179 -27.98 27.51 -2.76
C LEU B 179 -26.93 26.45 -2.35
N ILE B 180 -25.72 26.49 -2.92
CA ILE B 180 -24.76 25.41 -2.61
C ILE B 180 -24.27 25.50 -1.16
N GLY B 181 -24.16 26.73 -0.67
CA GLY B 181 -23.80 26.97 0.72
C GLY B 181 -24.89 26.45 1.62
N ALA B 182 -26.15 26.63 1.22
CA ALA B 182 -27.25 26.17 2.07
C ALA B 182 -27.30 24.64 2.01
N GLN B 183 -27.06 24.11 0.83
CA GLN B 183 -27.06 22.67 0.61
C GLN B 183 -25.96 21.97 1.40
N ALA B 184 -24.84 22.64 1.68
CA ALA B 184 -23.83 21.99 2.52
C ALA B 184 -24.40 21.44 3.84
N HIS B 185 -25.53 21.96 4.29
CA HIS B 185 -26.06 21.61 5.61
C HIS B 185 -27.26 20.71 5.52
N ALA B 186 -27.36 20.00 4.41
CA ALA B 186 -28.46 19.07 4.20
C ALA B 186 -28.66 18.12 5.38
N VAL B 187 -29.91 17.88 5.73
CA VAL B 187 -30.26 16.85 6.71
C VAL B 187 -31.35 15.96 6.13
N ASN B 188 -31.47 14.75 6.69
CA ASN B 188 -32.46 13.79 6.27
C ASN B 188 -33.74 13.98 7.03
N VAL B 189 -34.81 14.28 6.31
CA VAL B 189 -36.07 14.56 6.96
C VAL B 189 -37.08 13.51 6.60
N ILE B 190 -37.84 13.08 7.61
CA ILE B 190 -39.02 12.25 7.36
C ILE B 190 -40.30 12.87 7.91
N LEU B 191 -41.42 12.32 7.47
CA LEU B 191 -42.73 12.80 7.88
C LEU B 191 -43.14 12.04 9.14
N ASP B 192 -43.56 12.81 10.13
CA ASP B 192 -44.07 12.28 11.38
C ASP B 192 -45.58 12.11 11.27
N ALA B 193 -45.99 10.94 10.81
CA ALA B 193 -47.37 10.66 10.45
C ALA B 193 -48.31 10.68 11.66
N GLU B 194 -47.77 10.54 12.86
CA GLU B 194 -48.62 10.60 14.03
C GLU B 194 -49.17 12.05 14.22
N THR B 195 -48.53 13.03 13.56
CA THR B 195 -48.99 14.41 13.69
C THR B 195 -49.97 14.82 12.59
N ALA B 196 -50.12 13.97 11.58
CA ALA B 196 -50.79 14.39 10.37
C ALA B 196 -52.32 14.65 10.50
N TYR B 197 -52.77 15.65 9.76
CA TYR B 197 -54.20 15.84 9.48
C TYR B 197 -54.76 14.47 9.00
N PRO B 198 -55.90 14.01 9.57
CA PRO B 198 -56.40 12.63 9.37
C PRO B 198 -56.63 12.17 7.94
N ASN B 199 -56.77 13.10 6.99
CA ASN B 199 -57.07 12.72 5.60
C ASN B 199 -55.79 12.68 4.77
N LEU B 200 -54.65 12.90 5.40
CA LEU B 200 -53.37 12.77 4.72
C LEU B 200 -53.03 11.32 4.51
N ILE B 201 -52.33 11.10 3.41
CA ILE B 201 -51.87 9.79 2.99
C ILE B 201 -50.34 9.78 2.73
N PHE B 202 -49.66 8.72 3.20
CA PHE B 202 -48.20 8.70 3.26
C PHE B 202 -47.62 7.52 2.48
N SER B 203 -46.45 7.76 1.90
CA SER B 203 -45.69 6.70 1.27
C SER B 203 -45.09 5.82 2.34
N ASP B 204 -44.75 4.58 1.97
CA ASP B 204 -44.16 3.66 2.93
C ASP B 204 -42.84 4.20 3.52
N ASP B 205 -42.02 4.88 2.72
CA ASP B 205 -40.79 5.51 3.22
C ASP B 205 -41.00 6.87 3.98
N LEU B 206 -42.26 7.28 4.20
CA LEU B 206 -42.57 8.54 4.92
C LEU B 206 -41.86 9.77 4.33
N LYS B 207 -41.69 9.80 3.03
CA LYS B 207 -41.09 10.93 2.35
C LYS B 207 -42.11 11.77 1.57
N SER B 208 -43.26 11.16 1.31
CA SER B 208 -44.28 11.70 0.45
C SER B 208 -45.58 11.75 1.18
N VAL B 209 -46.29 12.85 0.97
CA VAL B 209 -47.61 13.04 1.57
C VAL B 209 -48.54 13.71 0.58
N ARG B 210 -49.76 13.19 0.50
CA ARG B 210 -50.82 13.81 -0.32
C ARG B 210 -52.11 13.86 0.48
N LEU B 211 -53.10 14.64 0.01
CA LEU B 211 -54.42 14.74 0.66
C LEU B 211 -55.45 13.80 0.00
N GLY B 212 -56.02 12.90 0.81
CA GLY B 212 -57.05 11.97 0.35
C GLY B 212 -58.47 12.54 0.44
N ASN B 213 -59.48 11.76 0.06
CA ASN B 213 -60.88 12.16 0.18
C ASN B 213 -61.35 11.94 1.61
N LYS B 214 -62.62 12.24 1.85
CA LYS B 214 -63.17 12.36 3.21
C LYS B 214 -63.28 11.02 3.97
N TRP B 215 -63.50 9.93 3.25
CA TRP B 215 -63.54 8.58 3.83
C TRP B 215 -62.14 7.90 3.94
N GLU B 216 -61.07 8.56 3.51
CA GLU B 216 -59.72 8.05 3.72
C GLU B 216 -59.06 8.68 4.95
N ARG B 217 -59.15 7.99 6.10
CA ARG B 217 -58.80 8.53 7.41
C ARG B 217 -57.78 7.67 8.18
N LEU B 218 -56.75 8.33 8.70
CA LEU B 218 -55.83 7.68 9.62
C LEU B 218 -56.51 7.49 10.96
N PRO B 219 -55.99 6.56 11.78
CA PRO B 219 -56.62 6.35 13.09
C PRO B 219 -56.47 7.61 13.96
N ASP B 220 -57.54 7.95 14.67
CA ASP B 220 -57.62 9.20 15.40
C ASP B 220 -56.64 9.17 16.54
N GLY B 221 -56.13 10.34 16.89
CA GLY B 221 -55.35 10.46 18.09
C GLY B 221 -55.09 11.91 18.41
N PRO B 222 -54.83 12.19 19.70
CA PRO B 222 -54.54 13.55 20.17
C PRO B 222 -53.42 14.27 19.46
N GLN B 223 -52.44 13.52 18.96
CA GLN B 223 -51.26 14.17 18.42
C GLN B 223 -51.53 14.69 17.02
N ARG B 224 -52.68 14.35 16.45
CA ARG B 224 -53.05 14.85 15.13
C ARG B 224 -53.49 16.30 15.13
N PHE B 225 -53.16 16.99 14.04
CA PHE B 225 -53.68 18.31 13.76
C PHE B 225 -55.04 18.14 13.06
N ASP B 226 -56.12 18.15 13.84
CA ASP B 226 -57.47 17.97 13.30
C ASP B 226 -57.93 19.16 12.45
N SER B 227 -57.48 20.34 12.80
CA SER B 227 -58.05 21.57 12.23
C SER B 227 -57.18 22.26 11.18
N CYS B 228 -55.99 21.73 10.90
CA CYS B 228 -55.14 22.30 9.85
C CYS B 228 -54.65 21.12 9.00
N ILE B 229 -54.58 21.36 7.68
CA ILE B 229 -54.12 20.35 6.73
C ILE B 229 -52.61 20.34 6.72
N ILE B 230 -52.11 19.80 7.80
CA ILE B 230 -50.71 19.89 8.12
C ILE B 230 -50.10 18.58 8.60
N VAL B 231 -48.78 18.48 8.45
CA VAL B 231 -48.01 17.36 9.01
C VAL B 231 -46.62 17.89 9.34
N LEU B 232 -46.03 17.42 10.43
CA LEU B 232 -44.67 17.82 10.83
C LEU B 232 -43.63 16.83 10.36
N GLY B 233 -42.38 17.29 10.34
CA GLY B 233 -41.25 16.45 9.97
C GLY B 233 -40.32 16.07 11.13
N SER B 234 -39.52 15.02 10.94
CA SER B 234 -38.43 14.66 11.86
C SER B 234 -37.15 14.74 11.10
N PRO B 235 -36.06 15.05 11.80
CA PRO B 235 -35.94 15.34 13.23
C PRO B 235 -36.29 16.80 13.58
N SER B 236 -36.27 17.09 14.87
CA SER B 236 -36.32 18.47 15.35
C SER B 236 -34.91 19.07 15.36
N PHE B 237 -34.82 20.38 15.56
CA PHE B 237 -33.54 21.08 15.64
C PHE B 237 -33.52 21.99 16.86
N LEU B 238 -32.37 22.02 17.51
CA LEU B 238 -32.11 22.93 18.62
C LEU B 238 -31.07 23.96 18.26
N SER B 239 -30.42 23.78 17.11
CA SER B 239 -29.23 24.57 16.83
C SER B 239 -28.71 24.30 15.44
N GLY B 240 -27.70 25.09 15.07
CA GLY B 240 -26.92 24.86 13.87
C GLY B 240 -27.63 25.27 12.61
N ARG B 241 -27.09 24.83 11.48
CA ARG B 241 -27.64 25.13 10.18
C ARG B 241 -28.21 23.85 9.53
N ARG B 242 -29.47 23.92 9.09
CA ARG B 242 -30.22 22.75 8.64
C ARG B 242 -30.91 23.01 7.31
N TYR B 243 -30.88 22.03 6.42
CA TYR B 243 -31.42 22.20 5.09
C TYR B 243 -32.14 20.99 4.61
N TRP B 244 -33.24 21.20 3.89
CA TRP B 244 -33.86 20.08 3.18
C TRP B 244 -34.59 20.56 1.91
N GLU B 245 -34.99 19.61 1.06
CA GLU B 245 -35.57 19.93 -0.23
C GLU B 245 -36.84 19.16 -0.45
N VAL B 246 -37.82 19.83 -1.08
CA VAL B 246 -39.08 19.19 -1.39
C VAL B 246 -39.46 19.43 -2.82
N GLU B 247 -39.78 18.32 -3.50
CA GLU B 247 -40.33 18.35 -4.85
C GLU B 247 -41.84 18.69 -4.79
N VAL B 248 -42.20 19.80 -5.44
CA VAL B 248 -43.60 20.28 -5.51
C VAL B 248 -44.20 20.10 -6.88
N GLY B 249 -43.36 19.87 -7.90
CA GLY B 249 -43.90 19.62 -9.22
C GLY B 249 -44.91 20.68 -9.69
N ASP B 250 -45.96 20.23 -10.36
CA ASP B 250 -46.99 21.10 -10.90
C ASP B 250 -48.18 21.36 -9.98
N LYS B 251 -47.95 21.22 -8.69
CA LYS B 251 -48.99 21.46 -7.71
C LYS B 251 -49.43 22.92 -7.74
N THR B 252 -50.66 23.18 -7.34
CA THR B 252 -51.22 24.54 -7.37
C THR B 252 -51.27 25.14 -5.98
N ALA B 253 -51.08 24.30 -4.95
CA ALA B 253 -51.12 24.79 -3.58
C ALA B 253 -50.25 23.99 -2.66
N TRP B 254 -49.61 24.69 -1.73
CA TRP B 254 -48.90 24.01 -0.66
C TRP B 254 -48.41 24.93 0.42
N ILE B 255 -47.94 24.31 1.51
CA ILE B 255 -47.16 25.00 2.54
C ILE B 255 -45.83 24.29 2.83
N LEU B 256 -44.74 25.07 2.80
CA LEU B 256 -43.43 24.57 3.22
C LEU B 256 -42.73 25.55 4.15
N GLY B 257 -42.13 25.03 5.21
CA GLY B 257 -41.17 25.76 6.00
C GLY B 257 -40.84 25.06 7.31
N ALA B 258 -40.73 25.86 8.36
CA ALA B 258 -40.42 25.33 9.71
C ALA B 258 -41.30 25.96 10.75
N CYS B 259 -41.49 25.26 11.86
CA CYS B 259 -42.32 25.73 12.96
C CYS B 259 -41.75 25.35 14.33
N LYS B 260 -42.20 26.06 15.36
CA LYS B 260 -41.84 25.70 16.73
C LYS B 260 -42.44 24.35 16.99
N THR B 261 -41.74 23.50 17.73
CA THR B 261 -42.27 22.17 18.00
C THR B 261 -43.48 22.28 18.90
N SER B 262 -43.60 23.38 19.64
CA SER B 262 -44.73 23.51 20.57
C SER B 262 -45.96 24.25 20.00
N ILE B 263 -46.07 24.38 18.67
CA ILE B 263 -47.26 25.01 18.10
C ILE B 263 -48.52 24.33 18.61
N SER B 264 -49.57 25.13 18.78
CA SER B 264 -50.86 24.64 19.24
C SER B 264 -51.50 23.75 18.18
N ARG B 265 -52.11 22.66 18.64
CA ARG B 265 -52.79 21.72 17.76
C ARG B 265 -54.22 22.20 17.49
N LYS B 266 -54.62 23.30 18.14
CA LYS B 266 -55.94 23.88 17.90
C LYS B 266 -55.87 24.78 16.69
N GLY B 267 -57.02 24.96 16.05
CA GLY B 267 -57.06 25.60 14.76
C GLY B 267 -57.42 27.06 14.69
N ASN B 268 -57.41 27.75 15.83
CA ASN B 268 -57.85 29.14 15.88
C ASN B 268 -56.70 30.12 15.84
N MET B 269 -55.54 29.61 15.45
CA MET B 269 -54.29 30.37 15.34
C MET B 269 -53.95 30.49 13.87
N THR B 270 -53.43 31.64 13.47
CA THR B 270 -52.92 31.86 12.13
C THR B 270 -51.49 31.37 11.99
N LEU B 271 -51.07 31.14 10.74
CA LEU B 271 -49.68 30.76 10.44
C LEU B 271 -48.87 32.03 10.44
N SER B 272 -48.12 32.26 11.49
CA SER B 272 -47.36 33.48 11.56
C SER B 272 -46.24 33.28 12.56
N PRO B 273 -45.18 34.08 12.43
CA PRO B 273 -44.06 33.99 13.36
C PRO B 273 -44.48 33.95 14.82
N GLU B 274 -45.44 34.80 15.19
CA GLU B 274 -45.89 34.90 16.57
C GLU B 274 -46.47 33.59 17.09
N ASN B 275 -47.13 32.82 16.24
CA ASN B 275 -47.66 31.54 16.67
C ASN B 275 -46.70 30.37 16.40
N GLY B 276 -45.51 30.70 15.91
CA GLY B 276 -44.44 29.75 15.71
C GLY B 276 -44.31 29.18 14.31
N TYR B 277 -44.69 29.95 13.30
CA TYR B 277 -44.58 29.46 11.92
C TYR B 277 -43.75 30.37 11.08
N TRP B 278 -42.83 29.77 10.34
CA TRP B 278 -42.10 30.45 9.29
C TRP B 278 -42.20 29.61 8.03
N VAL B 279 -43.18 29.97 7.21
CA VAL B 279 -43.51 29.20 6.03
C VAL B 279 -43.74 30.06 4.82
N VAL B 280 -43.64 29.42 3.66
CA VAL B 280 -44.07 29.97 2.40
C VAL B 280 -45.23 29.14 1.91
N ILE B 281 -46.24 29.85 1.39
CA ILE B 281 -47.48 29.25 0.93
C ILE B 281 -47.61 29.53 -0.55
N MET B 282 -47.91 28.47 -1.28
CA MET B 282 -48.38 28.60 -2.64
C MET B 282 -49.89 28.61 -2.59
N MET B 283 -50.49 29.70 -3.09
CA MET B 283 -51.96 29.92 -3.09
C MET B 283 -52.59 29.31 -4.33
N LYS B 284 -52.00 29.65 -5.48
CA LYS B 284 -52.37 29.11 -6.76
C LYS B 284 -51.20 29.32 -7.71
N GLU B 285 -51.35 28.95 -8.98
CA GLU B 285 -50.30 29.18 -9.97
C GLU B 285 -49.82 30.62 -10.00
N ASN B 286 -48.50 30.81 -9.88
CA ASN B 286 -47.89 32.15 -9.93
C ASN B 286 -48.35 33.08 -8.80
N GLU B 287 -48.80 32.50 -7.69
CA GLU B 287 -49.10 33.26 -6.49
C GLU B 287 -48.44 32.59 -5.29
N TYR B 288 -47.40 33.22 -4.80
CA TYR B 288 -46.71 32.76 -3.62
C TYR B 288 -46.70 33.85 -2.61
N GLN B 289 -46.82 33.51 -1.34
CA GLN B 289 -46.61 34.48 -0.30
C GLN B 289 -45.90 33.90 0.91
N ALA B 290 -45.12 34.74 1.58
CA ALA B 290 -44.49 34.36 2.82
C ALA B 290 -45.40 34.69 3.99
N SER B 291 -45.37 33.87 5.02
CA SER B 291 -46.29 34.01 6.15
C SER B 291 -45.81 35.04 7.15
N SER B 292 -45.46 36.20 6.64
CA SER B 292 -45.22 37.35 7.47
C SER B 292 -46.58 37.92 7.80
N VAL B 293 -46.61 38.82 8.77
CA VAL B 293 -47.85 39.53 9.05
C VAL B 293 -47.66 41.03 8.80
N PRO B 294 -48.38 41.70 7.79
CA PRO B 294 -49.18 40.85 6.89
C PRO B 294 -48.36 40.04 5.89
N PRO B 295 -49.07 39.03 5.22
CA PRO B 295 -48.24 38.19 4.35
C PRO B 295 -47.55 38.91 3.21
N THR B 296 -46.32 38.52 2.89
CA THR B 296 -45.58 39.18 1.81
C THR B 296 -45.74 38.38 0.54
N ARG B 297 -46.28 39.02 -0.50
CA ARG B 297 -46.44 38.34 -1.78
C ARG B 297 -45.12 38.32 -2.55
N LEU B 298 -44.79 37.17 -3.12
CA LEU B 298 -43.51 36.98 -3.81
C LEU B 298 -43.68 36.72 -5.30
N LEU B 299 -43.04 37.49 -6.16
CA LEU B 299 -43.06 37.19 -7.58
C LEU B 299 -41.83 36.36 -7.92
N ILE B 300 -42.10 35.15 -8.42
CA ILE B 300 -41.05 34.22 -8.78
C ILE B 300 -41.11 33.99 -10.29
N LYS B 301 -40.11 34.50 -10.99
CA LYS B 301 -40.11 34.51 -12.45
C LYS B 301 -40.25 33.08 -13.00
N GLU B 302 -39.43 32.15 -12.51
CA GLU B 302 -39.49 30.75 -12.92
C GLU B 302 -40.07 29.97 -11.76
N PRO B 303 -41.30 29.49 -11.88
CA PRO B 303 -41.90 28.81 -10.72
C PRO B 303 -41.11 27.57 -10.29
N PRO B 304 -41.06 27.29 -8.98
CA PRO B 304 -40.26 26.15 -8.54
C PRO B 304 -40.90 24.77 -8.75
N LYS B 305 -40.09 23.83 -9.20
CA LYS B 305 -40.50 22.44 -9.13
C LYS B 305 -39.98 21.83 -7.85
N ARG B 306 -38.98 22.48 -7.29
CA ARG B 306 -38.33 22.00 -6.08
C ARG B 306 -37.94 23.17 -5.18
N VAL B 307 -38.26 23.04 -3.89
CA VAL B 307 -38.03 24.13 -2.97
C VAL B 307 -37.11 23.69 -1.86
N GLY B 308 -36.13 24.54 -1.57
CA GLY B 308 -35.20 24.28 -0.48
C GLY B 308 -35.48 25.11 0.75
N ILE B 309 -35.43 24.48 1.92
CA ILE B 309 -35.65 25.18 3.18
C ILE B 309 -34.38 25.16 4.02
N PHE B 310 -33.99 26.35 4.48
CA PHE B 310 -32.75 26.54 5.21
C PHE B 310 -32.92 27.26 6.54
N VAL B 311 -32.71 26.53 7.63
CA VAL B 311 -32.74 27.07 8.98
C VAL B 311 -31.34 27.38 9.45
N ASP B 312 -31.10 28.62 9.84
CA ASP B 312 -29.84 29.05 10.43
C ASP B 312 -30.05 29.64 11.85
N TYR B 313 -29.76 28.81 12.85
CA TYR B 313 -30.01 29.11 14.25
C TYR B 313 -29.12 30.18 14.80
N ARG B 314 -27.97 30.36 14.18
CA ARG B 314 -27.01 31.31 14.70
C ARG B 314 -27.63 32.69 14.62
N VAL B 315 -28.13 33.05 13.44
CA VAL B 315 -28.75 34.34 13.22
C VAL B 315 -30.26 34.27 13.33
N GLY B 316 -30.78 33.08 13.64
CA GLY B 316 -32.19 32.91 13.85
C GLY B 316 -33.04 33.26 12.64
N SER B 317 -32.54 32.90 11.46
CA SER B 317 -33.22 33.19 10.21
C SER B 317 -33.58 31.89 9.51
N ILE B 318 -34.61 31.97 8.68
CA ILE B 318 -35.05 30.86 7.87
C ILE B 318 -35.22 31.36 6.44
N SER B 319 -34.53 30.70 5.50
CA SER B 319 -34.52 31.11 4.09
C SER B 319 -35.11 30.03 3.20
N PHE B 320 -35.59 30.46 2.03
CA PHE B 320 -36.22 29.57 1.05
C PHE B 320 -35.56 29.73 -0.29
N TYR B 321 -35.31 28.63 -0.99
CA TYR B 321 -34.62 28.65 -2.27
C TYR B 321 -35.42 27.97 -3.34
N ASN B 322 -35.33 28.55 -4.52
CA ASN B 322 -35.85 27.95 -5.73
C ASN B 322 -34.74 27.07 -6.33
N VAL B 323 -34.81 25.77 -6.05
CA VAL B 323 -33.76 24.84 -6.44
C VAL B 323 -33.75 24.75 -7.96
N THR B 324 -34.94 24.74 -8.55
CA THR B 324 -35.05 24.63 -9.98
C THR B 324 -34.29 25.75 -10.65
N ALA B 325 -34.51 26.98 -10.22
CA ALA B 325 -33.89 28.13 -10.87
C ALA B 325 -32.63 28.56 -10.15
N ARG B 326 -32.29 27.87 -9.07
CA ARG B 326 -31.09 28.18 -8.29
C ARG B 326 -31.09 29.64 -7.91
N SER B 327 -32.14 30.02 -7.20
CA SER B 327 -32.36 31.41 -6.87
C SER B 327 -33.00 31.54 -5.51
N HIS B 328 -32.88 32.74 -4.94
CA HIS B 328 -33.47 33.04 -3.65
C HIS B 328 -34.97 33.35 -3.77
N ILE B 329 -35.76 32.77 -2.86
CA ILE B 329 -37.18 33.05 -2.80
C ILE B 329 -37.53 34.05 -1.68
N TYR B 330 -37.16 33.72 -0.45
CA TYR B 330 -37.49 34.56 0.68
C TYR B 330 -36.74 34.17 1.93
N THR B 331 -36.43 35.18 2.75
CA THR B 331 -35.80 34.96 4.06
C THR B 331 -36.58 35.71 5.15
N PHE B 332 -37.00 34.99 6.18
CA PHE B 332 -37.53 35.60 7.39
C PHE B 332 -36.51 36.29 8.26
N ALA B 333 -36.98 37.40 8.82
CA ALA B 333 -36.23 38.34 9.67
C ALA B 333 -35.36 37.60 10.68
N SER B 334 -34.17 38.11 10.90
CA SER B 334 -33.34 37.55 11.91
C SER B 334 -33.96 37.67 13.31
N CYS B 335 -33.51 36.78 14.20
CA CYS B 335 -33.89 36.75 15.60
C CYS B 335 -35.39 36.53 15.70
N SER B 336 -35.89 35.69 14.80
CA SER B 336 -37.28 35.30 14.83
C SER B 336 -37.53 34.28 15.94
N PHE B 337 -36.57 33.40 16.18
CA PHE B 337 -36.76 32.23 17.06
C PHE B 337 -35.53 31.79 17.82
N SER B 338 -35.73 31.03 18.90
CA SER B 338 -34.61 30.44 19.65
C SER B 338 -34.83 28.94 20.05
N GLY B 339 -36.05 28.60 20.48
CA GLY B 339 -36.37 27.26 20.97
C GLY B 339 -36.31 26.22 19.87
N PRO B 340 -36.68 24.96 20.15
CA PRO B 340 -36.60 23.96 19.07
C PRO B 340 -37.60 24.14 17.91
N LEU B 341 -37.09 23.92 16.70
CA LEU B 341 -37.86 23.94 15.47
C LEU B 341 -38.00 22.57 14.83
N GLN B 342 -38.99 22.43 13.96
CA GLN B 342 -39.04 21.28 13.07
C GLN B 342 -39.68 21.66 11.74
N PRO B 343 -39.46 20.84 10.69
CA PRO B 343 -40.07 21.10 9.40
C PRO B 343 -41.59 20.95 9.46
N ILE B 344 -42.27 21.69 8.59
CA ILE B 344 -43.73 21.57 8.48
C ILE B 344 -44.10 21.52 7.00
N PHE B 345 -45.17 20.80 6.69
CA PHE B 345 -45.63 20.56 5.31
C PHE B 345 -47.16 20.63 5.15
N SER B 346 -47.65 21.16 4.03
CA SER B 346 -49.03 20.86 3.60
C SER B 346 -49.07 20.68 2.13
N PRO B 347 -49.72 19.61 1.66
CA PRO B 347 -49.84 19.41 0.21
C PRO B 347 -51.02 20.19 -0.37
N GLY B 348 -51.70 21.00 0.44
CA GLY B 348 -52.84 21.78 -0.01
C GLY B 348 -54.09 20.97 -0.26
N THR B 349 -55.13 21.63 -0.71
CA THR B 349 -56.39 20.98 -1.00
C THR B 349 -56.37 20.46 -2.43
N ARG B 350 -57.33 19.60 -2.78
CA ARG B 350 -57.30 18.86 -4.04
C ARG B 350 -57.52 19.77 -5.26
N ASP B 351 -58.18 20.90 -5.04
CA ASP B 351 -58.41 21.89 -6.10
C ASP B 351 -59.07 21.27 -7.32
N GLY B 352 -60.11 20.48 -7.07
CA GLY B 352 -60.88 19.88 -8.15
C GLY B 352 -60.22 18.68 -8.82
N GLY B 353 -58.95 18.48 -8.53
CA GLY B 353 -58.19 17.39 -9.09
C GLY B 353 -56.89 17.94 -9.65
N LYS B 354 -56.72 19.26 -9.57
CA LYS B 354 -55.60 19.95 -10.16
C LYS B 354 -54.40 19.90 -9.24
N ASN B 355 -54.65 19.55 -7.98
CA ASN B 355 -53.61 19.56 -6.96
C ASN B 355 -53.49 18.26 -6.15
N THR B 356 -53.84 17.13 -6.74
CA THR B 356 -53.81 15.87 -6.01
C THR B 356 -52.39 15.30 -5.80
N ALA B 357 -51.40 15.78 -6.56
CA ALA B 357 -50.05 15.26 -6.47
C ALA B 357 -49.46 15.45 -5.07
N PRO B 358 -48.56 14.55 -4.65
CA PRO B 358 -47.97 14.62 -3.31
C PRO B 358 -46.83 15.60 -3.25
N LEU B 359 -46.45 15.98 -2.03
CA LEU B 359 -45.16 16.63 -1.81
C LEU B 359 -44.13 15.52 -1.63
N THR B 360 -42.92 15.69 -2.13
CA THR B 360 -41.88 14.68 -1.82
C THR B 360 -40.57 15.26 -1.27
N ILE B 361 -40.21 14.83 -0.06
CA ILE B 361 -38.90 15.15 0.52
C ILE B 361 -37.82 14.47 -0.32
N CYS B 362 -36.87 15.26 -0.81
CA CYS B 362 -35.84 14.79 -1.70
C CYS B 362 -34.40 14.98 -1.19
N PRO B 363 -33.55 13.98 -1.40
CA PRO B 363 -32.14 14.11 -1.02
C PRO B 363 -31.47 15.09 -1.97
N VAL B 364 -30.45 15.83 -1.54
CA VAL B 364 -29.71 16.71 -2.47
C VAL B 364 -29.02 15.93 -3.62
N SER C 2 -83.90 20.74 35.07
CA SER C 2 -83.09 19.53 35.05
C SER C 2 -82.37 19.37 33.72
N GLU C 3 -83.01 19.77 32.60
CA GLU C 3 -82.38 19.60 31.27
C GLU C 3 -81.00 20.26 31.18
N VAL C 4 -80.86 21.43 31.80
CA VAL C 4 -79.59 22.14 31.81
C VAL C 4 -78.56 21.26 32.56
N ALA C 5 -79.03 20.58 33.62
CA ALA C 5 -78.19 19.64 34.40
C ALA C 5 -77.78 18.38 33.64
N LEU C 6 -78.77 17.74 33.03
CA LEU C 6 -78.56 16.54 32.24
C LEU C 6 -77.57 16.85 31.11
N GLU C 7 -77.85 17.95 30.39
CA GLU C 7 -76.97 18.38 29.30
C GLU C 7 -75.57 18.65 29.80
N HIS C 8 -75.47 19.36 30.92
CA HIS C 8 -74.16 19.59 31.45
C HIS C 8 -73.46 18.27 31.80
N LYS C 9 -74.18 17.30 32.38
CA LYS C 9 -73.52 16.02 32.71
C LYS C 9 -73.05 15.29 31.45
N LYS C 10 -73.86 15.31 30.39
CA LYS C 10 -73.35 14.81 29.11
C LYS C 10 -72.06 15.52 28.75
N LYS C 11 -72.07 16.85 28.79
CA LYS C 11 -70.89 17.63 28.44
C LYS C 11 -69.67 17.23 29.31
N ILE C 12 -69.91 16.96 30.61
CA ILE C 12 -68.88 16.50 31.54
C ILE C 12 -68.27 15.15 31.12
N GLN C 13 -69.14 14.20 30.82
CA GLN C 13 -68.72 12.90 30.35
C GLN C 13 -67.88 13.04 29.08
N LYS C 14 -68.39 13.83 28.13
CA LYS C 14 -67.66 14.05 26.89
C LYS C 14 -66.24 14.55 27.17
N GLN C 15 -66.14 15.62 27.95
CA GLN C 15 -64.82 16.18 28.24
C GLN C 15 -63.92 15.21 29.02
N LEU C 16 -64.51 14.40 29.89
CA LEU C 16 -63.77 13.39 30.61
C LEU C 16 -63.11 12.42 29.63
N GLU C 17 -63.88 11.98 28.64
CA GLU C 17 -63.33 11.16 27.58
C GLU C 17 -62.18 11.89 26.86
N HIS C 18 -62.42 13.12 26.45
CA HIS C 18 -61.36 13.93 25.83
C HIS C 18 -60.07 13.90 26.68
N LEU C 19 -60.20 14.23 27.96
CA LEU C 19 -59.04 14.32 28.84
C LEU C 19 -58.33 12.97 29.06
N LYS C 20 -59.10 11.90 29.23
CA LYS C 20 -58.50 10.59 29.41
C LYS C 20 -57.73 10.17 28.16
N LYS C 21 -58.32 10.47 27.01
CA LYS C 21 -57.66 10.26 25.72
C LYS C 21 -56.31 11.02 25.65
N LEU C 22 -56.36 12.31 25.99
CA LEU C 22 -55.12 13.08 25.99
C LEU C 22 -54.13 12.46 26.98
N ARG C 23 -54.61 12.03 28.16
CA ARG C 23 -53.74 11.48 29.22
C ARG C 23 -53.04 10.22 28.72
N LYS C 24 -53.81 9.36 28.06
CA LYS C 24 -53.28 8.14 27.46
C LYS C 24 -52.14 8.49 26.49
N SER C 25 -52.41 9.45 25.62
CA SER C 25 -51.36 9.92 24.71
C SER C 25 -50.13 10.42 25.48
N GLY C 26 -50.37 11.17 26.55
CA GLY C 26 -49.30 11.63 27.40
C GLY C 26 -48.42 10.50 27.92
N GLU C 27 -49.04 9.48 28.50
CA GLU C 27 -48.28 8.31 28.97
C GLU C 27 -47.47 7.63 27.87
N GLU C 28 -48.11 7.36 26.73
CA GLU C 28 -47.44 6.78 25.58
C GLU C 28 -46.24 7.61 25.16
N GLN C 29 -46.39 8.93 25.07
CA GLN C 29 -45.27 9.77 24.67
C GLN C 29 -44.16 9.76 25.73
N ARG C 30 -44.54 9.82 27.00
CA ARG C 30 -43.58 9.81 28.09
C ARG C 30 -42.70 8.54 28.01
N SER C 31 -43.36 7.39 27.87
CA SER C 31 -42.66 6.12 27.76
C SER C 31 -41.81 6.01 26.48
N TYR C 32 -42.37 6.40 25.34
CA TYR C 32 -41.59 6.35 24.10
C TYR C 32 -40.34 7.19 24.21
N GLY C 33 -40.49 8.39 24.74
CA GLY C 33 -39.35 9.27 24.96
C GLY C 33 -38.28 8.58 25.79
N GLU C 34 -38.66 8.06 26.96
CA GLU C 34 -37.66 7.35 27.77
C GLU C 34 -36.97 6.21 26.99
N GLU C 35 -37.76 5.33 26.39
CA GLU C 35 -37.25 4.22 25.58
C GLU C 35 -36.22 4.69 24.58
N LYS C 36 -36.56 5.75 23.88
CA LYS C 36 -35.68 6.25 22.83
C LYS C 36 -34.35 6.71 23.43
N ALA C 37 -34.44 7.45 24.53
CA ALA C 37 -33.25 7.92 25.21
C ALA C 37 -32.34 6.75 25.60
N VAL C 38 -32.95 5.76 26.26
CA VAL C 38 -32.23 4.61 26.72
C VAL C 38 -31.55 3.92 25.55
N SER C 39 -32.29 3.81 24.44
CA SER C 39 -31.74 3.21 23.25
C SER C 39 -30.49 3.95 22.75
N PHE C 40 -30.54 5.28 22.76
CA PHE C 40 -29.37 6.06 22.40
C PHE C 40 -28.19 5.75 23.31
N LEU C 41 -28.46 5.75 24.62
CA LEU C 41 -27.39 5.47 25.59
C LEU C 41 -26.78 4.09 25.38
N LYS C 42 -27.63 3.10 25.10
CA LYS C 42 -27.18 1.76 24.75
C LYS C 42 -26.27 1.75 23.51
N GLN C 43 -26.72 2.42 22.46
CA GLN C 43 -25.90 2.56 21.25
C GLN C 43 -24.52 3.17 21.55
N THR C 44 -24.46 4.28 22.28
CA THR C 44 -23.15 4.83 22.62
C THR C 44 -22.31 3.77 23.38
N GLU C 45 -22.89 3.14 24.40
CA GLU C 45 -22.15 2.16 25.18
C GLU C 45 -21.59 1.01 24.30
N ALA C 46 -22.41 0.46 23.43
CA ALA C 46 -21.97 -0.57 22.51
C ALA C 46 -20.78 -0.12 21.64
N LEU C 47 -20.91 1.08 21.07
CA LEU C 47 -19.83 1.66 20.28
C LEU C 47 -18.53 1.78 21.11
N LYS C 48 -18.66 2.28 22.34
CA LYS C 48 -17.52 2.41 23.26
C LYS C 48 -16.82 1.06 23.43
N GLN C 49 -17.60 0.05 23.78
CA GLN C 49 -17.06 -1.29 24.02
C GLN C 49 -16.38 -1.87 22.78
N ARG C 50 -17.01 -1.69 21.63
CA ARG C 50 -16.47 -2.24 20.40
C ARG C 50 -15.10 -1.60 20.11
N VAL C 51 -15.02 -0.28 20.23
CA VAL C 51 -13.73 0.37 19.98
C VAL C 51 -12.67 -0.07 20.98
N GLN C 52 -13.02 -0.09 22.27
CA GLN C 52 -12.06 -0.46 23.28
C GLN C 52 -11.57 -1.95 23.11
N ARG C 53 -12.48 -2.88 22.78
CA ARG C 53 -12.06 -4.24 22.45
C ARG C 53 -11.02 -4.21 21.35
N LYS C 54 -11.37 -3.57 20.25
CA LYS C 54 -10.43 -3.53 19.15
C LYS C 54 -9.04 -2.93 19.52
N LEU C 55 -9.04 -1.84 20.29
CA LEU C 55 -7.78 -1.21 20.68
C LEU C 55 -6.92 -2.08 21.60
N GLU C 56 -7.53 -2.69 22.63
CA GLU C 56 -6.77 -3.60 23.45
C GLU C 56 -6.15 -4.71 22.59
N GLN C 57 -6.92 -5.19 21.60
CA GLN C 57 -6.39 -6.15 20.65
C GLN C 57 -5.13 -5.58 19.96
N VAL C 58 -5.22 -4.34 19.48
CA VAL C 58 -4.05 -3.67 18.91
C VAL C 58 -2.86 -3.61 19.91
N TYR C 59 -3.12 -3.18 21.14
CA TYR C 59 -2.07 -3.08 22.15
C TYR C 59 -1.37 -4.41 22.41
N TYR C 60 -2.16 -5.46 22.54
CA TYR C 60 -1.63 -6.76 22.73
C TYR C 60 -0.72 -7.14 21.55
N PHE C 61 -1.21 -7.05 20.31
CA PHE C 61 -0.34 -7.37 19.14
C PHE C 61 0.98 -6.58 19.20
N LEU C 62 0.91 -5.27 19.46
CA LEU C 62 2.13 -4.47 19.57
C LEU C 62 3.06 -5.00 20.68
N GLU C 63 2.51 -5.33 21.83
CA GLU C 63 3.35 -5.85 22.90
C GLU C 63 4.03 -7.18 22.48
N GLN C 64 3.28 -8.06 21.85
CA GLN C 64 3.84 -9.30 21.37
C GLN C 64 4.96 -9.01 20.40
N GLN C 65 4.71 -8.11 19.46
CA GLN C 65 5.77 -7.74 18.53
C GLN C 65 7.02 -7.24 19.29
N GLU C 66 6.79 -6.38 20.29
CA GLU C 66 7.90 -5.84 21.07
C GLU C 66 8.70 -6.95 21.78
N HIS C 67 8.03 -7.92 22.40
CA HIS C 67 8.74 -9.04 23.08
C HIS C 67 9.60 -9.80 22.06
N PHE C 68 8.99 -10.14 20.92
CA PHE C 68 9.67 -10.84 19.83
C PHE C 68 10.98 -10.08 19.51
N PHE C 69 10.90 -8.77 19.36
CA PHE C 69 12.08 -7.90 19.15
C PHE C 69 13.13 -7.94 20.30
N VAL C 70 12.63 -7.76 21.51
CA VAL C 70 13.49 -7.70 22.68
C VAL C 70 14.29 -8.99 22.88
N ALA C 71 13.67 -10.11 22.56
CA ALA C 71 14.36 -11.39 22.66
C ALA C 71 15.65 -11.38 21.81
N SER C 72 15.54 -10.87 20.60
CA SER C 72 16.70 -10.69 19.72
C SER C 72 17.68 -9.70 20.31
N LEU C 73 17.21 -8.59 20.86
CA LEU C 73 18.15 -7.69 21.55
C LEU C 73 18.96 -8.42 22.63
N GLU C 74 18.27 -9.17 23.45
CA GLU C 74 18.94 -9.88 24.51
C GLU C 74 19.92 -10.91 23.98
N ASP C 75 19.46 -11.70 23.01
CA ASP C 75 20.28 -12.72 22.38
C ASP C 75 21.57 -12.11 21.82
N VAL C 76 21.42 -11.04 21.04
CA VAL C 76 22.59 -10.35 20.51
C VAL C 76 23.51 -9.79 21.57
N GLY C 77 22.97 -9.01 22.49
CA GLY C 77 23.77 -8.41 23.53
C GLY C 77 24.56 -9.47 24.27
N GLN C 78 23.89 -10.58 24.54
CA GLN C 78 24.51 -11.66 25.24
C GLN C 78 25.68 -12.24 24.47
N MET C 79 25.43 -12.64 23.22
CA MET C 79 26.49 -13.23 22.42
C MET C 79 27.70 -12.30 22.26
N VAL C 80 27.45 -11.08 21.82
CA VAL C 80 28.56 -10.16 21.62
C VAL C 80 29.26 -9.97 22.97
N GLY C 81 28.52 -9.90 24.07
CA GLY C 81 29.15 -9.83 25.38
C GLY C 81 30.11 -10.99 25.67
N GLN C 82 29.60 -12.21 25.52
CA GLN C 82 30.39 -13.40 25.85
C GLN C 82 31.63 -13.43 25.01
N ILE C 83 31.43 -13.26 23.71
CA ILE C 83 32.53 -13.33 22.79
C ILE C 83 33.55 -12.25 23.08
N ARG C 84 33.07 -11.03 23.26
CA ARG C 84 33.97 -9.93 23.55
C ARG C 84 34.91 -10.25 24.71
N LYS C 85 34.31 -10.65 25.82
CA LYS C 85 35.05 -10.96 27.04
C LYS C 85 36.08 -12.09 26.86
N ALA C 86 35.63 -13.21 26.31
CA ALA C 86 36.52 -14.34 26.14
C ALA C 86 37.70 -13.95 25.23
N TYR C 87 37.40 -13.30 24.11
CA TYR C 87 38.49 -12.89 23.23
C TYR C 87 39.48 -12.00 23.97
N ASP C 88 38.96 -11.01 24.71
CA ASP C 88 39.88 -10.13 25.43
C ASP C 88 40.79 -10.91 26.36
N THR C 89 40.22 -11.83 27.15
CA THR C 89 41.06 -12.59 28.09
C THR C 89 42.13 -13.37 27.31
N ARG C 90 41.75 -14.08 26.26
CA ARG C 90 42.73 -14.85 25.50
C ARG C 90 43.89 -13.98 24.95
N VAL C 91 43.55 -12.91 24.23
CA VAL C 91 44.61 -12.09 23.63
C VAL C 91 45.44 -11.42 24.75
N SER C 92 44.80 -11.06 25.85
CA SER C 92 45.55 -10.50 26.98
C SER C 92 46.54 -11.52 27.55
N GLN C 93 46.15 -12.79 27.63
CA GLN C 93 47.08 -13.83 28.05
C GLN C 93 48.25 -13.94 27.08
N ASP C 94 47.95 -14.02 25.78
CA ASP C 94 49.02 -14.07 24.78
C ASP C 94 50.04 -12.94 24.98
N ILE C 95 49.52 -11.74 25.15
CA ILE C 95 50.37 -10.59 25.39
C ILE C 95 51.14 -10.79 26.69
N ALA C 96 50.48 -11.33 27.71
CA ALA C 96 51.12 -11.51 29.01
C ALA C 96 52.35 -12.40 28.88
N LEU C 97 52.16 -13.51 28.19
CA LEU C 97 53.25 -14.40 27.91
C LEU C 97 54.39 -13.66 27.22
N LEU C 98 54.05 -12.91 26.18
CA LEU C 98 55.09 -12.15 25.52
C LEU C 98 55.84 -11.24 26.53
N ASP C 99 55.10 -10.59 27.43
CA ASP C 99 55.72 -9.69 28.43
C ASP C 99 56.71 -10.43 29.35
N ALA C 100 56.32 -11.62 29.80
CA ALA C 100 57.19 -12.44 30.63
C ALA C 100 58.49 -12.86 29.88
N LEU C 101 58.34 -13.34 28.65
CA LEU C 101 59.51 -13.70 27.85
C LEU C 101 60.46 -12.51 27.60
N ILE C 102 59.87 -11.37 27.22
CA ILE C 102 60.65 -10.15 27.07
C ILE C 102 61.38 -9.85 28.37
N GLY C 103 60.65 -9.97 29.49
CA GLY C 103 61.23 -9.75 30.81
C GLY C 103 62.50 -10.56 31.04
N GLU C 104 62.40 -11.86 30.82
CA GLU C 104 63.56 -12.75 30.95
C GLU C 104 64.73 -12.36 30.07
N LEU C 105 64.47 -12.14 28.78
CA LEU C 105 65.57 -11.80 27.88
C LEU C 105 66.26 -10.54 28.31
N GLU C 106 65.46 -9.52 28.64
CA GLU C 106 66.00 -8.25 29.09
C GLU C 106 66.79 -8.43 30.37
N ALA C 107 66.36 -9.33 31.26
CA ALA C 107 67.16 -9.64 32.45
C ALA C 107 68.53 -10.23 32.12
N LYS C 108 68.60 -11.14 31.15
CA LYS C 108 69.90 -11.75 30.82
C LYS C 108 70.99 -10.71 30.49
N GLU C 109 70.61 -9.62 29.83
CA GLU C 109 71.57 -8.59 29.42
C GLU C 109 72.31 -7.87 30.56
N CYS C 110 72.05 -8.25 31.81
CA CYS C 110 72.65 -7.56 32.96
C CYS C 110 73.58 -8.53 33.66
N GLN C 111 73.80 -9.67 33.01
CA GLN C 111 74.65 -10.71 33.54
C GLN C 111 76.06 -10.58 33.02
N SER C 112 77.01 -11.08 33.80
CA SER C 112 78.37 -11.18 33.31
C SER C 112 78.33 -12.17 32.15
N GLU C 113 79.34 -12.11 31.29
CA GLU C 113 79.53 -13.08 30.20
C GLU C 113 79.50 -14.54 30.72
N TRP C 114 80.26 -14.78 31.78
CA TRP C 114 80.37 -16.10 32.41
C TRP C 114 79.01 -16.55 32.96
N GLU C 115 78.31 -15.66 33.65
CA GLU C 115 76.92 -15.94 34.11
C GLU C 115 75.97 -16.16 32.96
N LEU C 116 76.12 -15.38 31.90
CA LEU C 116 75.23 -15.50 30.75
C LEU C 116 75.36 -16.86 30.07
N LEU C 117 76.59 -17.33 29.84
CA LEU C 117 76.78 -18.56 29.08
C LEU C 117 76.23 -19.76 29.82
N GLN C 118 76.37 -19.72 31.13
CA GLN C 118 75.93 -20.79 32.00
C GLN C 118 74.45 -20.91 32.19
N ASP C 119 73.74 -19.78 32.10
CA ASP C 119 72.38 -19.73 32.60
C ASP C 119 71.36 -19.45 31.51
N ILE C 120 71.78 -19.54 30.26
CA ILE C 120 70.94 -19.16 29.15
C ILE C 120 69.70 -20.03 29.09
N GLY C 121 69.86 -21.29 29.48
CA GLY C 121 68.79 -22.26 29.47
C GLY C 121 68.14 -22.36 28.09
N ASP C 122 66.81 -22.54 28.05
CA ASP C 122 66.05 -22.67 26.80
C ASP C 122 65.20 -21.43 26.46
N ILE C 123 65.48 -20.27 27.06
CA ILE C 123 64.65 -19.07 26.81
C ILE C 123 64.51 -18.77 25.31
N LEU C 124 65.63 -18.80 24.60
CA LEU C 124 65.66 -18.44 23.19
C LEU C 124 64.75 -19.34 22.41
N HIS C 125 64.80 -20.63 22.72
CA HIS C 125 63.90 -21.58 22.08
C HIS C 125 62.46 -21.19 22.33
N ARG C 126 62.13 -20.87 23.58
CA ARG C 126 60.76 -20.59 23.92
C ARG C 126 60.23 -19.32 23.23
N ALA C 127 61.12 -18.34 23.09
CA ALA C 127 60.78 -17.12 22.42
C ALA C 127 60.52 -17.35 20.96
N LYS C 128 61.44 -18.07 20.36
CA LYS C 128 61.38 -18.40 18.95
C LYS C 128 60.09 -19.11 18.63
N THR C 129 59.52 -19.84 19.61
CA THR C 129 58.34 -20.68 19.37
C THR C 129 57.06 -20.14 20.02
N VAL C 130 57.08 -18.91 20.54
CA VAL C 130 55.88 -18.35 21.17
C VAL C 130 54.77 -18.13 20.12
N PRO C 131 53.52 -18.51 20.45
CA PRO C 131 52.47 -18.30 19.46
C PRO C 131 52.21 -16.84 19.19
N VAL C 132 51.81 -16.54 17.96
CA VAL C 132 51.35 -15.21 17.58
C VAL C 132 50.01 -14.95 18.31
N PRO C 133 49.86 -13.75 18.92
CA PRO C 133 48.59 -13.45 19.59
C PRO C 133 47.36 -13.59 18.68
N GLU C 134 46.30 -14.16 19.23
CA GLU C 134 45.07 -14.39 18.46
C GLU C 134 44.55 -13.16 17.75
N LYS C 135 44.36 -13.31 16.45
CA LYS C 135 43.74 -12.29 15.62
C LYS C 135 42.21 -12.30 15.77
N TRP C 136 41.57 -11.14 15.95
CA TRP C 136 40.10 -11.06 15.95
C TRP C 136 39.50 -11.47 14.60
N THR C 137 38.55 -12.39 14.66
CA THR C 137 37.75 -12.77 13.49
C THR C 137 36.29 -12.85 13.89
N THR C 138 35.44 -12.02 13.27
CA THR C 138 34.01 -11.98 13.64
C THR C 138 33.33 -13.30 13.36
N PRO C 139 32.71 -13.90 14.37
CA PRO C 139 32.01 -15.17 14.12
C PRO C 139 30.70 -15.01 13.36
N GLN C 140 30.38 -15.96 12.50
CA GLN C 140 29.13 -15.94 11.75
C GLN C 140 27.89 -15.79 12.65
N GLU C 141 27.96 -16.33 13.86
CA GLU C 141 26.83 -16.34 14.77
C GLU C 141 26.34 -14.91 15.13
N ILE C 142 27.29 -14.01 15.35
CA ILE C 142 26.99 -12.64 15.57
C ILE C 142 26.29 -12.07 14.37
N LYS C 143 26.86 -12.29 13.21
CA LYS C 143 26.32 -11.72 11.99
C LYS C 143 24.89 -12.23 11.77
N GLN C 144 24.67 -13.52 12.01
CA GLN C 144 23.35 -14.09 11.88
C GLN C 144 22.37 -13.43 12.81
N LYS C 145 22.74 -13.37 14.09
CA LYS C 145 21.85 -12.87 15.13
C LYS C 145 21.45 -11.40 14.88
N ILE C 146 22.43 -10.59 14.46
CA ILE C 146 22.20 -9.20 14.12
C ILE C 146 21.27 -9.11 12.90
N GLN C 147 21.53 -9.92 11.87
CA GLN C 147 20.65 -9.91 10.70
C GLN C 147 19.20 -10.20 11.12
N LEU C 148 19.01 -11.18 11.99
CA LEU C 148 17.68 -11.50 12.48
C LEU C 148 17.07 -10.30 13.24
N LEU C 149 17.85 -9.74 14.15
CA LEU C 149 17.43 -8.60 14.93
C LEU C 149 16.87 -7.51 14.05
N HIS C 150 17.61 -7.19 12.99
CA HIS C 150 17.18 -6.18 12.04
C HIS C 150 15.88 -6.59 11.32
N GLN C 151 15.76 -7.85 10.88
CA GLN C 151 14.49 -8.28 10.30
C GLN C 151 13.35 -7.96 11.27
N LYS C 152 13.59 -8.23 12.54
CA LYS C 152 12.58 -7.98 13.54
C LYS C 152 12.27 -6.47 13.76
N SER C 153 13.31 -5.64 13.83
CA SER C 153 13.12 -4.19 13.91
C SER C 153 12.21 -3.74 12.75
N GLU C 154 12.51 -4.21 11.53
CA GLU C 154 11.67 -3.87 10.37
C GLU C 154 10.21 -4.30 10.56
N PHE C 155 10.06 -5.54 11.01
CA PHE C 155 8.75 -6.11 11.29
C PHE C 155 7.96 -5.15 12.21
N VAL C 156 8.58 -4.73 13.31
CA VAL C 156 7.95 -3.80 14.26
C VAL C 156 7.68 -2.42 13.63
N GLU C 157 8.65 -1.91 12.87
CA GLU C 157 8.50 -0.61 12.23
C GLU C 157 7.37 -0.60 11.21
N LYS C 158 7.05 -1.75 10.62
CA LYS C 158 5.89 -1.78 9.71
C LYS C 158 4.54 -1.42 10.46
N SER C 159 4.38 -1.98 11.65
CA SER C 159 3.25 -1.66 12.51
C SER C 159 3.31 -0.22 13.03
N THR C 160 4.48 0.22 13.49
CA THR C 160 4.48 1.58 14.00
C THR C 160 4.17 2.55 12.84
N LYS C 161 4.71 2.26 11.65
CA LYS C 161 4.48 3.11 10.48
C LYS C 161 2.97 3.13 10.14
N TYR C 162 2.35 1.95 10.14
CA TYR C 162 0.93 1.89 9.88
C TYR C 162 0.10 2.79 10.82
N PHE C 163 0.36 2.70 12.11
CA PHE C 163 -0.44 3.54 13.02
C PHE C 163 -0.04 5.02 12.95
N SER C 164 1.25 5.27 13.12
CA SER C 164 1.82 6.61 13.11
C SER C 164 1.71 7.42 11.85
N GLU C 165 1.89 6.83 10.66
CA GLU C 165 1.82 7.64 9.44
C GLU C 165 0.53 7.43 8.64
N THR C 166 0.29 6.17 8.28
CA THR C 166 -0.80 5.81 7.37
C THR C 166 -2.22 6.01 7.94
N LEU C 167 -2.45 5.39 9.09
CA LEU C 167 -3.75 5.44 9.70
C LEU C 167 -4.02 6.91 10.07
N ARG C 168 -2.98 7.56 10.60
CA ARG C 168 -3.04 8.97 10.98
C ARG C 168 -3.48 9.81 9.79
N SER C 169 -2.87 9.56 8.64
CA SER C 169 -3.23 10.21 7.38
C SER C 169 -4.68 9.95 6.92
N GLU C 170 -5.12 8.69 6.94
CA GLU C 170 -6.47 8.34 6.49
C GLU C 170 -7.52 8.97 7.39
N MET C 171 -7.15 9.04 8.66
CA MET C 171 -7.93 9.63 9.73
C MET C 171 -8.28 11.10 9.42
N GLU C 172 -7.49 11.73 8.55
CA GLU C 172 -7.70 13.13 8.20
C GLU C 172 -9.12 13.38 7.68
N MET C 173 -9.80 12.34 7.20
CA MET C 173 -11.09 12.53 6.58
C MET C 173 -12.06 13.16 7.56
N PHE C 174 -11.80 12.92 8.85
CA PHE C 174 -12.61 13.44 9.95
C PHE C 174 -12.29 14.91 10.29
N ASN C 175 -11.19 15.42 9.76
CA ASN C 175 -10.73 16.78 10.04
C ASN C 175 -10.96 17.71 8.87
N VAL C 176 -11.54 17.20 7.80
CA VAL C 176 -11.88 18.03 6.65
C VAL C 176 -13.35 17.87 6.28
N PRO C 177 -13.87 18.78 5.45
CA PRO C 177 -15.30 18.69 5.18
C PRO C 177 -15.66 17.43 4.44
N GLU C 178 -16.93 17.04 4.55
CA GLU C 178 -17.54 16.10 3.63
C GLU C 178 -17.62 16.75 2.27
N LEU C 179 -17.85 15.94 1.26
CA LEU C 179 -17.89 16.43 -0.11
C LEU C 179 -18.84 17.62 -0.26
N ILE C 180 -20.04 17.47 0.28
CA ILE C 180 -21.08 18.47 0.06
C ILE C 180 -20.69 19.75 0.78
N GLY C 181 -19.95 19.61 1.86
CA GLY C 181 -19.37 20.74 2.54
C GLY C 181 -18.28 21.43 1.73
N ALA C 182 -17.44 20.66 1.06
CA ALA C 182 -16.34 21.25 0.30
C ALA C 182 -16.88 21.93 -0.95
N GLN C 183 -17.90 21.30 -1.53
CA GLN C 183 -18.55 21.76 -2.75
C GLN C 183 -19.11 23.15 -2.60
N ALA C 184 -19.43 23.49 -1.36
CA ALA C 184 -19.94 24.80 -1.08
C ALA C 184 -18.96 25.87 -1.53
N HIS C 185 -17.67 25.56 -1.63
CA HIS C 185 -16.68 26.61 -1.91
C HIS C 185 -16.19 26.57 -3.37
N ALA C 186 -17.04 26.06 -4.25
CA ALA C 186 -16.72 25.99 -5.67
C ALA C 186 -16.20 27.31 -6.23
N VAL C 187 -15.18 27.26 -7.06
CA VAL C 187 -14.75 28.43 -7.83
C VAL C 187 -14.59 28.05 -9.29
N ASN C 188 -14.67 29.06 -10.15
CA ASN C 188 -14.64 28.84 -11.56
C ASN C 188 -13.20 28.79 -11.98
N VAL C 189 -12.77 27.63 -12.47
CA VAL C 189 -11.37 27.44 -12.83
C VAL C 189 -11.33 27.27 -14.33
N ILE C 190 -10.43 27.96 -15.04
CA ILE C 190 -10.26 27.65 -16.47
C ILE C 190 -8.80 27.33 -16.77
N LEU C 191 -8.53 26.74 -17.93
CA LEU C 191 -7.15 26.35 -18.23
C LEU C 191 -6.42 27.52 -18.80
N ASP C 192 -5.21 27.76 -18.30
CA ASP C 192 -4.33 28.80 -18.84
C ASP C 192 -3.45 28.15 -19.89
N ALA C 193 -3.97 28.13 -21.11
CA ALA C 193 -3.36 27.42 -22.21
C ALA C 193 -2.00 27.97 -22.61
N GLU C 194 -1.66 29.20 -22.21
CA GLU C 194 -0.37 29.78 -22.58
C GLU C 194 0.78 29.02 -21.87
N THR C 195 0.44 28.34 -20.78
CA THR C 195 1.40 27.60 -20.00
C THR C 195 1.53 26.14 -20.48
N ALA C 196 0.66 25.71 -21.39
CA ALA C 196 0.52 24.29 -21.68
C ALA C 196 1.73 23.67 -22.42
N TYR C 197 2.00 22.43 -22.05
CA TYR C 197 2.89 21.56 -22.82
C TYR C 197 2.38 21.64 -24.27
N PRO C 198 3.29 21.89 -25.21
CA PRO C 198 2.88 22.23 -26.59
C PRO C 198 1.93 21.27 -27.30
N ASN C 199 1.84 20.01 -26.89
CA ASN C 199 1.01 19.02 -27.59
C ASN C 199 -0.35 18.84 -26.92
N LEU C 200 -0.60 19.64 -25.91
CA LEU C 200 -1.92 19.64 -25.28
C LEU C 200 -2.91 20.37 -26.19
N ILE C 201 -4.15 19.91 -26.19
CA ILE C 201 -5.21 20.47 -27.03
C ILE C 201 -6.40 20.89 -26.12
N PHE C 202 -6.99 22.05 -26.39
CA PHE C 202 -7.98 22.67 -25.49
C PHE C 202 -9.32 22.88 -26.17
N SER C 203 -10.36 22.75 -25.37
CA SER C 203 -11.72 23.07 -25.84
C SER C 203 -11.83 24.56 -25.97
N ASP C 204 -12.81 25.02 -26.76
CA ASP C 204 -13.02 26.45 -26.91
C ASP C 204 -13.28 27.13 -25.57
N ASP C 205 -14.05 26.49 -24.68
CA ASP C 205 -14.34 27.13 -23.39
C ASP C 205 -13.22 26.98 -22.38
N LEU C 206 -12.12 26.39 -22.79
CA LEU C 206 -10.96 26.20 -21.90
C LEU C 206 -11.29 25.45 -20.58
N LYS C 207 -12.21 24.49 -20.65
CA LYS C 207 -12.56 23.63 -19.52
C LYS C 207 -11.99 22.20 -19.72
N SER C 208 -11.60 21.91 -20.96
CA SER C 208 -11.19 20.59 -21.37
C SER C 208 -9.79 20.56 -21.99
N VAL C 209 -8.99 19.57 -21.61
CA VAL C 209 -7.67 19.43 -22.18
C VAL C 209 -7.34 17.96 -22.42
N ARG C 210 -6.76 17.68 -23.58
CA ARG C 210 -6.29 16.32 -23.87
C ARG C 210 -4.90 16.37 -24.50
N LEU C 211 -4.21 15.22 -24.54
CA LEU C 211 -2.87 15.18 -25.14
C LEU C 211 -2.95 14.71 -26.57
N GLY C 212 -2.56 15.58 -27.51
CA GLY C 212 -2.50 15.24 -28.92
C GLY C 212 -1.15 14.59 -29.25
N ASN C 213 -0.94 14.31 -30.53
CA ASN C 213 0.33 13.79 -31.02
C ASN C 213 1.35 14.91 -31.26
N LYS C 214 2.54 14.54 -31.75
CA LYS C 214 3.68 15.46 -31.88
C LYS C 214 3.46 16.53 -32.95
N TRP C 215 2.56 16.25 -33.90
CA TRP C 215 2.27 17.19 -34.99
C TRP C 215 1.23 18.26 -34.60
N GLU C 216 0.58 18.06 -33.46
CA GLU C 216 -0.42 19.00 -32.98
C GLU C 216 0.24 19.90 -31.97
N ARG C 217 0.68 21.07 -32.43
CA ARG C 217 1.54 21.93 -31.65
C ARG C 217 0.97 23.34 -31.46
N LEU C 218 0.89 23.76 -30.21
CA LEU C 218 0.52 25.14 -29.88
C LEU C 218 1.69 26.07 -30.22
N PRO C 219 1.41 27.36 -30.40
CA PRO C 219 2.49 28.30 -30.72
C PRO C 219 3.49 28.45 -29.57
N ASP C 220 4.77 28.50 -29.93
CA ASP C 220 5.89 28.45 -28.97
C ASP C 220 6.00 29.67 -28.11
N GLY C 221 6.46 29.46 -26.87
CA GLY C 221 6.81 30.52 -25.96
C GLY C 221 7.43 30.08 -24.65
N PRO C 222 8.20 30.98 -24.01
CA PRO C 222 8.89 30.66 -22.75
C PRO C 222 7.97 30.17 -21.64
N GLN C 223 6.72 30.64 -21.64
CA GLN C 223 5.83 30.37 -20.54
C GLN C 223 5.32 28.93 -20.57
N ARG C 224 5.55 28.23 -21.68
CA ARG C 224 5.13 26.84 -21.79
C ARG C 224 6.00 25.90 -20.97
N PHE C 225 5.36 24.87 -20.43
CA PHE C 225 6.05 23.78 -19.76
C PHE C 225 6.50 22.77 -20.84
N ASP C 226 7.71 22.98 -21.35
CA ASP C 226 8.25 22.13 -22.40
C ASP C 226 8.58 20.72 -21.93
N SER C 227 8.88 20.57 -20.65
CA SER C 227 9.49 19.33 -20.09
C SER C 227 8.55 18.41 -19.33
N CYS C 228 7.34 18.91 -19.12
CA CYS C 228 6.32 18.19 -18.38
C CYS C 228 5.02 18.32 -19.09
N ILE C 229 4.25 17.25 -19.06
CA ILE C 229 2.96 17.25 -19.72
C ILE C 229 1.91 17.86 -18.75
N ILE C 230 2.02 19.15 -18.52
CA ILE C 230 1.11 19.84 -17.62
C ILE C 230 0.52 21.15 -18.19
N VAL C 231 -0.52 21.61 -17.54
CA VAL C 231 -1.03 22.94 -17.83
C VAL C 231 -1.58 23.45 -16.52
N LEU C 232 -1.41 24.74 -16.28
CA LEU C 232 -1.95 25.37 -15.07
C LEU C 232 -3.32 26.00 -15.30
N GLY C 233 -4.05 26.15 -14.20
CA GLY C 233 -5.35 26.78 -14.24
C GLY C 233 -5.28 28.14 -13.57
N SER C 234 -6.22 28.98 -13.96
CA SER C 234 -6.44 30.24 -13.31
C SER C 234 -7.85 30.17 -12.75
N PRO C 235 -8.10 30.92 -11.67
CA PRO C 235 -7.16 31.85 -11.01
C PRO C 235 -6.15 31.23 -10.03
N SER C 236 -5.21 32.06 -9.58
CA SER C 236 -4.39 31.67 -8.45
C SER C 236 -5.14 32.00 -7.15
N PHE C 237 -4.63 31.52 -6.02
CA PHE C 237 -5.23 31.76 -4.70
C PHE C 237 -4.20 32.21 -3.69
N LEU C 238 -4.55 33.15 -2.82
CA LEU C 238 -3.70 33.57 -1.71
C LEU C 238 -4.30 33.18 -0.37
N SER C 239 -5.52 32.64 -0.41
CA SER C 239 -6.31 32.49 0.81
C SER C 239 -7.61 31.76 0.60
N GLY C 240 -8.30 31.55 1.71
CA GLY C 240 -9.67 31.07 1.69
C GLY C 240 -9.80 29.58 1.45
N ARG C 241 -11.05 29.20 1.16
CA ARG C 241 -11.38 27.83 0.88
C ARG C 241 -11.85 27.74 -0.59
N ARG C 242 -11.21 26.89 -1.37
CA ARG C 242 -11.41 26.85 -2.81
C ARG C 242 -11.65 25.42 -3.29
N TYR C 243 -12.62 25.26 -4.20
CA TYR C 243 -13.05 23.95 -4.64
C TYR C 243 -13.30 23.87 -6.13
N TRP C 244 -12.91 22.75 -6.73
CA TRP C 244 -13.31 22.51 -8.10
C TRP C 244 -13.35 21.02 -8.37
N GLU C 245 -13.99 20.66 -9.48
CA GLU C 245 -14.21 19.27 -9.83
C GLU C 245 -13.80 19.02 -11.25
N VAL C 246 -13.19 17.84 -11.43
CA VAL C 246 -12.78 17.39 -12.76
C VAL C 246 -13.35 16.00 -13.07
N GLU C 247 -13.98 15.90 -14.23
CA GLU C 247 -14.39 14.61 -14.77
C GLU C 247 -13.13 13.95 -15.38
N VAL C 248 -12.77 12.75 -14.90
CA VAL C 248 -11.62 11.99 -15.44
C VAL C 248 -12.09 10.76 -16.21
N GLY C 249 -13.35 10.39 -16.04
CA GLY C 249 -13.93 9.31 -16.82
C GLY C 249 -13.11 8.03 -16.75
N ASP C 250 -13.04 7.30 -17.87
CA ASP C 250 -12.35 6.00 -17.88
C ASP C 250 -10.85 6.13 -18.15
N LYS C 251 -10.29 7.29 -17.84
CA LYS C 251 -8.89 7.50 -18.09
C LYS C 251 -8.07 6.59 -17.20
N THR C 252 -6.87 6.25 -17.66
CA THR C 252 -5.97 5.35 -16.95
C THR C 252 -4.80 6.12 -16.32
N ALA C 253 -4.62 7.38 -16.70
CA ALA C 253 -3.53 8.15 -16.10
C ALA C 253 -3.82 9.61 -16.12
N TRP C 254 -3.48 10.29 -15.03
CA TRP C 254 -3.66 11.75 -14.96
C TRP C 254 -3.04 12.32 -13.70
N ILE C 255 -2.95 13.65 -13.66
CA ILE C 255 -2.59 14.43 -12.47
C ILE C 255 -3.61 15.53 -12.18
N LEU C 256 -4.06 15.61 -10.93
CA LEU C 256 -4.88 16.71 -10.48
C LEU C 256 -4.39 17.27 -9.16
N GLY C 257 -4.35 18.58 -9.06
CA GLY C 257 -4.27 19.19 -7.73
C GLY C 257 -3.95 20.65 -7.79
N ALA C 258 -3.06 21.05 -6.88
CA ALA C 258 -2.61 22.43 -6.85
C ALA C 258 -1.09 22.45 -6.77
N CYS C 259 -0.54 23.57 -7.20
CA CYS C 259 0.86 23.81 -7.19
C CYS C 259 1.13 25.27 -6.84
N LYS C 260 2.33 25.56 -6.36
CA LYS C 260 2.75 26.94 -6.14
C LYS C 260 2.92 27.61 -7.51
N THR C 261 2.58 28.88 -7.61
CA THR C 261 2.64 29.59 -8.91
C THR C 261 4.04 29.72 -9.45
N SER C 262 5.02 29.65 -8.58
CA SER C 262 6.41 29.82 -8.96
C SER C 262 7.16 28.50 -9.27
N ILE C 263 6.45 27.39 -9.49
CA ILE C 263 7.14 26.15 -9.86
C ILE C 263 7.98 26.46 -11.10
N SER C 264 9.15 25.84 -11.18
CA SER C 264 10.03 26.00 -12.34
C SER C 264 9.42 25.42 -13.62
N ARG C 265 9.56 26.17 -14.71
CA ARG C 265 9.09 25.75 -16.02
C ARG C 265 10.14 24.92 -16.76
N LYS C 266 11.35 24.95 -16.22
CA LYS C 266 12.46 24.12 -16.66
C LYS C 266 12.54 22.89 -15.77
N GLY C 267 13.23 21.84 -16.24
CA GLY C 267 13.47 20.67 -15.43
C GLY C 267 12.56 19.49 -15.66
N ASN C 268 12.66 18.49 -14.80
CA ASN C 268 11.98 17.22 -15.02
C ASN C 268 10.72 17.16 -14.20
N MET C 269 10.05 16.02 -14.20
CA MET C 269 8.75 15.92 -13.54
C MET C 269 8.87 15.25 -12.15
N THR C 270 9.60 15.92 -11.25
CA THR C 270 9.64 15.51 -9.85
C THR C 270 8.52 16.20 -9.08
N LEU C 271 7.44 15.47 -8.87
CA LEU C 271 6.28 15.95 -8.14
C LEU C 271 6.32 15.77 -6.62
N SER C 272 6.51 16.87 -5.90
CA SER C 272 6.61 16.83 -4.44
C SER C 272 6.37 18.23 -3.85
N PRO C 273 5.97 18.31 -2.57
CA PRO C 273 5.75 19.60 -1.92
C PRO C 273 6.98 20.49 -2.01
N GLU C 274 8.17 19.90 -1.86
CA GLU C 274 9.39 20.69 -1.90
C GLU C 274 9.50 21.43 -3.22
N ASN C 275 9.09 20.79 -4.30
CA ASN C 275 9.18 21.43 -5.62
C ASN C 275 7.87 22.19 -5.91
N GLY C 276 6.96 22.17 -4.95
CA GLY C 276 5.76 22.99 -5.04
C GLY C 276 4.53 22.30 -5.59
N TYR C 277 4.42 20.99 -5.38
CA TYR C 277 3.31 20.21 -5.91
C TYR C 277 2.56 19.46 -4.83
N TRP C 278 1.25 19.63 -4.82
CA TRP C 278 0.39 18.82 -3.98
C TRP C 278 -0.69 18.29 -4.91
N VAL C 279 -0.45 17.07 -5.39
CA VAL C 279 -1.29 16.49 -6.43
C VAL C 279 -1.61 15.04 -6.15
N VAL C 280 -2.64 14.53 -6.83
CA VAL C 280 -2.89 13.09 -6.88
C VAL C 280 -2.65 12.66 -8.31
N ILE C 281 -1.96 11.54 -8.45
CA ILE C 281 -1.58 10.99 -9.74
C ILE C 281 -2.27 9.66 -9.91
N MET C 282 -2.96 9.52 -11.05
CA MET C 282 -3.38 8.18 -11.49
C MET C 282 -2.26 7.66 -12.37
N MET C 283 -1.69 6.52 -11.94
CA MET C 283 -0.58 5.85 -12.62
C MET C 283 -1.10 4.91 -13.69
N LYS C 284 -2.02 4.05 -13.25
CA LYS C 284 -2.74 3.15 -14.14
C LYS C 284 -4.03 2.74 -13.44
N GLU C 285 -4.80 1.87 -14.08
CA GLU C 285 -6.06 1.40 -13.51
C GLU C 285 -5.81 0.84 -12.12
N ASN C 286 -6.57 1.31 -11.13
CA ASN C 286 -6.46 0.84 -9.75
C ASN C 286 -5.10 1.11 -9.11
N GLU C 287 -4.35 2.08 -9.64
CA GLU C 287 -3.13 2.53 -8.97
C GLU C 287 -3.06 4.07 -8.95
N TYR C 288 -3.28 4.62 -7.76
CA TYR C 288 -3.19 6.05 -7.55
C TYR C 288 -2.17 6.35 -6.44
N GLN C 289 -1.47 7.48 -6.55
CA GLN C 289 -0.65 7.93 -5.43
C GLN C 289 -0.68 9.43 -5.21
N ALA C 290 -0.37 9.81 -3.97
CA ALA C 290 -0.25 11.22 -3.62
C ALA C 290 1.22 11.63 -3.67
N SER C 291 1.47 12.83 -4.13
CA SER C 291 2.82 13.30 -4.37
C SER C 291 3.53 13.71 -3.12
N SER C 292 3.25 13.02 -2.03
CA SER C 292 4.08 13.14 -0.85
C SER C 292 5.46 12.53 -1.14
N VAL C 293 6.41 12.83 -0.25
CA VAL C 293 7.74 12.20 -0.26
C VAL C 293 7.96 11.51 1.06
N PRO C 294 8.01 10.17 1.07
CA PRO C 294 7.79 9.26 -0.07
C PRO C 294 6.34 9.24 -0.52
N PRO C 295 6.08 8.87 -1.78
CA PRO C 295 4.70 8.80 -2.30
C PRO C 295 3.80 7.96 -1.44
N THR C 296 2.57 8.43 -1.26
CA THR C 296 1.56 7.68 -0.50
C THR C 296 0.70 6.94 -1.49
N ARG C 297 0.68 5.63 -1.38
CA ARG C 297 -0.12 4.81 -2.25
C ARG C 297 -1.55 4.85 -1.80
N LEU C 298 -2.47 5.08 -2.73
CA LEU C 298 -3.88 5.21 -2.35
C LEU C 298 -4.62 3.99 -2.83
N LEU C 299 -5.28 3.33 -1.89
CA LEU C 299 -6.11 2.19 -2.21
C LEU C 299 -7.54 2.66 -2.35
N ILE C 300 -8.09 2.62 -3.57
CA ILE C 300 -9.44 3.11 -3.81
C ILE C 300 -10.36 2.00 -4.32
N LYS C 301 -11.31 1.59 -3.47
CA LYS C 301 -12.21 0.46 -3.77
C LYS C 301 -13.04 0.72 -5.01
N GLU C 302 -13.68 1.90 -5.05
CA GLU C 302 -14.48 2.32 -6.19
C GLU C 302 -13.77 3.44 -6.96
N PRO C 303 -13.20 3.14 -8.14
CA PRO C 303 -12.43 4.16 -8.88
C PRO C 303 -13.25 5.40 -9.20
N PRO C 304 -12.66 6.60 -9.12
CA PRO C 304 -13.41 7.82 -9.41
C PRO C 304 -13.59 8.16 -10.90
N LYS C 305 -14.78 8.57 -11.29
CA LYS C 305 -14.97 9.20 -12.59
C LYS C 305 -14.93 10.73 -12.45
N ARG C 306 -15.08 11.20 -11.21
CA ARG C 306 -15.14 12.62 -10.94
C ARG C 306 -14.33 12.91 -9.67
N VAL C 307 -13.44 13.88 -9.74
CA VAL C 307 -12.58 14.17 -8.62
C VAL C 307 -12.73 15.61 -8.15
N GLY C 308 -12.93 15.77 -6.84
CA GLY C 308 -13.01 17.07 -6.18
C GLY C 308 -11.67 17.44 -5.53
N ILE C 309 -11.25 18.68 -5.78
CA ILE C 309 -10.05 19.26 -5.18
C ILE C 309 -10.46 20.44 -4.28
N PHE C 310 -10.00 20.40 -3.03
CA PHE C 310 -10.36 21.39 -2.00
C PHE C 310 -9.13 21.95 -1.32
N VAL C 311 -8.85 23.22 -1.58
CA VAL C 311 -7.74 23.93 -0.96
C VAL C 311 -8.29 24.68 0.20
N ASP C 312 -7.76 24.44 1.38
CA ASP C 312 -8.14 25.20 2.57
C ASP C 312 -6.89 25.90 3.08
N TYR C 313 -6.76 27.14 2.67
CA TYR C 313 -5.55 27.89 2.87
C TYR C 313 -5.34 28.30 4.32
N ARG C 314 -6.42 28.42 5.07
CA ARG C 314 -6.28 28.87 6.44
C ARG C 314 -5.51 27.80 7.25
N VAL C 315 -5.89 26.53 7.10
CA VAL C 315 -5.27 25.45 7.87
C VAL C 315 -4.12 24.81 7.10
N GLY C 316 -3.84 25.36 5.92
CA GLY C 316 -2.75 24.92 5.06
C GLY C 316 -2.91 23.49 4.60
N SER C 317 -4.15 23.09 4.33
CA SER C 317 -4.45 21.73 3.90
C SER C 317 -5.08 21.66 2.54
N ILE C 318 -4.87 20.54 1.86
CA ILE C 318 -5.45 20.29 0.55
C ILE C 318 -6.00 18.89 0.51
N SER C 319 -7.28 18.78 0.16
CA SER C 319 -8.00 17.52 0.21
C SER C 319 -8.55 17.10 -1.17
N PHE C 320 -8.71 15.80 -1.35
CA PHE C 320 -9.17 15.22 -2.62
C PHE C 320 -10.39 14.33 -2.37
N TYR C 321 -11.40 14.43 -3.22
CA TYR C 321 -12.64 13.69 -3.02
C TYR C 321 -12.96 12.82 -4.23
N ASN C 322 -13.47 11.63 -3.95
CA ASN C 322 -14.04 10.78 -4.95
C ASN C 322 -15.51 11.12 -5.06
N VAL C 323 -15.83 11.95 -6.03
CA VAL C 323 -17.18 12.50 -6.16
C VAL C 323 -18.13 11.36 -6.53
N THR C 324 -17.63 10.42 -7.33
CA THR C 324 -18.39 9.23 -7.74
C THR C 324 -18.86 8.45 -6.52
N ALA C 325 -17.97 8.24 -5.56
CA ALA C 325 -18.30 7.47 -4.36
C ALA C 325 -18.68 8.38 -3.18
N ARG C 326 -18.60 9.68 -3.41
CA ARG C 326 -18.84 10.65 -2.35
C ARG C 326 -18.00 10.33 -1.13
N SER C 327 -16.68 10.28 -1.29
CA SER C 327 -15.83 9.88 -0.19
C SER C 327 -14.56 10.69 -0.20
N HIS C 328 -13.89 10.68 0.94
CA HIS C 328 -12.58 11.31 1.06
C HIS C 328 -11.51 10.39 0.45
N ILE C 329 -10.58 10.95 -0.32
CA ILE C 329 -9.45 10.20 -0.90
C ILE C 329 -8.15 10.43 -0.11
N TYR C 330 -7.79 11.69 0.04
CA TYR C 330 -6.54 12.04 0.67
C TYR C 330 -6.46 13.53 1.00
N THR C 331 -5.69 13.84 2.04
CA THR C 331 -5.42 15.21 2.43
C THR C 331 -3.95 15.47 2.70
N PHE C 332 -3.37 16.47 2.06
CA PHE C 332 -2.10 17.00 2.55
C PHE C 332 -2.49 17.89 3.76
N ALA C 333 -1.92 17.61 4.93
CA ALA C 333 -2.35 18.29 6.13
C ALA C 333 -1.35 19.30 6.66
N SER C 334 -1.86 20.48 6.95
CA SER C 334 -1.13 21.49 7.66
C SER C 334 0.16 21.87 6.99
N CYS C 335 0.18 21.81 5.67
CA CYS C 335 1.34 22.23 4.91
C CYS C 335 1.50 23.72 5.08
N SER C 336 2.73 24.21 5.06
CA SER C 336 2.95 25.64 5.16
C SER C 336 3.06 26.22 3.77
N PHE C 337 2.09 27.07 3.42
CA PHE C 337 2.03 27.64 2.10
C PHE C 337 2.70 28.99 2.15
N SER C 338 3.71 29.15 1.30
CA SER C 338 4.58 30.32 1.33
C SER C 338 4.28 31.26 0.17
N GLY C 339 3.01 31.30 -0.22
CA GLY C 339 2.62 32.11 -1.36
C GLY C 339 1.45 31.51 -2.09
N PRO C 340 1.11 32.09 -3.25
CA PRO C 340 -0.04 31.61 -3.99
C PRO C 340 0.07 30.19 -4.56
N LEU C 341 -1.08 29.54 -4.55
CA LEU C 341 -1.32 28.27 -5.23
C LEU C 341 -2.20 28.51 -6.44
N GLN C 342 -2.16 27.59 -7.40
CA GLN C 342 -3.14 27.59 -8.48
C GLN C 342 -3.35 26.13 -8.86
N PRO C 343 -4.46 25.86 -9.58
CA PRO C 343 -4.77 24.48 -10.01
C PRO C 343 -3.79 23.97 -11.02
N ILE C 344 -3.55 22.66 -11.00
CA ILE C 344 -2.65 22.04 -11.96
C ILE C 344 -3.31 20.77 -12.47
N PHE C 345 -3.03 20.52 -13.75
CA PHE C 345 -3.57 19.41 -14.50
C PHE C 345 -2.57 18.67 -15.42
N SER C 346 -2.76 17.36 -15.51
CA SER C 346 -2.19 16.60 -16.60
C SER C 346 -3.17 15.51 -17.03
N PRO C 347 -3.42 15.41 -18.34
CA PRO C 347 -4.27 14.33 -18.86
C PRO C 347 -3.50 13.01 -19.09
N GLY C 348 -2.23 12.99 -18.70
CA GLY C 348 -1.40 11.79 -18.84
C GLY C 348 -0.96 11.54 -20.27
N THR C 349 -0.33 10.40 -20.46
CA THR C 349 0.14 9.96 -21.77
C THR C 349 -0.91 9.13 -22.47
N ARG C 350 -0.71 8.86 -23.76
CA ARG C 350 -1.74 8.18 -24.54
C ARG C 350 -1.96 6.70 -24.19
N ASP C 351 -0.96 6.03 -23.61
CA ASP C 351 -1.13 4.64 -23.17
C ASP C 351 -1.65 3.75 -24.29
N GLY C 352 -1.09 3.93 -25.48
CA GLY C 352 -1.45 3.13 -26.63
C GLY C 352 -2.76 3.54 -27.25
N GLY C 353 -3.52 4.37 -26.55
CA GLY C 353 -4.80 4.82 -27.05
C GLY C 353 -5.88 4.65 -26.01
N LYS C 354 -5.50 4.11 -24.85
CA LYS C 354 -6.43 3.82 -23.76
C LYS C 354 -6.69 5.07 -22.92
N ASN C 355 -5.83 6.07 -23.06
CA ASN C 355 -5.88 7.25 -22.21
C ASN C 355 -6.01 8.57 -22.96
N THR C 356 -6.59 8.52 -24.16
CA THR C 356 -6.66 9.69 -25.03
C THR C 356 -7.74 10.74 -24.67
N ALA C 357 -8.71 10.35 -23.85
CA ALA C 357 -9.83 11.24 -23.45
C ALA C 357 -9.35 12.46 -22.66
N PRO C 358 -10.10 13.59 -22.74
CA PRO C 358 -9.68 14.83 -22.07
C PRO C 358 -10.00 14.83 -20.58
N LEU C 359 -9.39 15.73 -19.83
CA LEU C 359 -9.85 16.08 -18.49
C LEU C 359 -10.89 17.16 -18.70
N THR C 360 -11.94 17.19 -17.89
CA THR C 360 -12.93 18.28 -18.02
C THR C 360 -13.26 18.91 -16.67
N ILE C 361 -12.90 20.18 -16.57
CA ILE C 361 -13.30 20.98 -15.43
C ILE C 361 -14.83 21.10 -15.45
N CYS C 362 -15.48 20.91 -14.31
CA CYS C 362 -16.93 20.90 -14.26
C CYS C 362 -17.44 22.31 -13.92
N PRO C 363 -18.54 22.74 -14.56
CA PRO C 363 -18.95 24.12 -14.32
C PRO C 363 -19.48 24.34 -12.92
N VAL C 364 -19.30 25.56 -12.46
CA VAL C 364 -19.90 26.01 -11.22
C VAL C 364 -21.40 26.32 -11.43
N GLY C 365 -22.23 25.88 -10.49
CA GLY C 365 -23.68 26.08 -10.59
C GLY C 365 -24.07 27.54 -10.78
N GLY C 366 -24.80 27.84 -11.85
CA GLY C 366 -25.22 29.21 -12.12
C GLY C 366 -26.25 29.75 -11.13
N GLN C 367 -26.46 31.06 -11.10
CA GLN C 367 -27.48 31.66 -10.23
C GLN C 367 -28.65 32.21 -11.03
N GLY C 368 -29.85 32.05 -10.49
CA GLY C 368 -31.04 32.65 -11.07
C GLY C 368 -31.46 33.91 -10.35
N PRO C 369 -32.36 34.70 -10.97
CA PRO C 369 -32.77 35.98 -10.37
C PRO C 369 -33.61 35.80 -9.12
N ASP C 370 -33.22 36.51 -8.07
CA ASP C 370 -33.98 36.61 -6.80
C ASP C 370 -35.47 36.95 -7.00
N ALA C 371 -36.29 36.33 -6.17
CA ALA C 371 -37.71 36.59 -6.13
C ALA C 371 -37.98 38.07 -5.73
N LEU C 372 -39.07 38.66 -6.26
CA LEU C 372 -39.43 40.04 -5.95
C LEU C 372 -40.56 40.08 -4.89
N GLU C 373 -40.39 40.85 -3.81
CA GLU C 373 -41.49 41.09 -2.85
C GLU C 373 -42.41 42.22 -3.30
N VAL C 374 -43.72 42.03 -3.17
CA VAL C 374 -44.70 43.07 -3.57
C VAL C 374 -45.04 43.99 -2.42
N LEU C 375 -44.69 45.27 -2.58
CA LEU C 375 -44.96 46.30 -1.56
C LEU C 375 -46.09 47.32 -1.93
N PHE C 376 -46.83 47.77 -0.94
CA PHE C 376 -47.83 48.78 -1.15
C PHE C 376 -47.45 50.00 -0.32
N GLN C 377 -47.16 51.13 -0.95
CA GLN C 377 -46.57 52.27 -0.24
C GLN C 377 -46.94 53.65 -0.85
C ACE D 1 84.12 -12.51 23.83
O ACE D 1 84.75 -12.42 22.76
CH3 ACE D 1 83.80 -11.32 24.72
N SER D 2 83.69 -13.74 24.31
CA SER D 2 83.88 -14.98 23.59
C SER D 2 82.96 -14.91 22.40
N GLU D 3 83.32 -15.63 21.36
CA GLU D 3 82.54 -15.57 20.16
C GLU D 3 81.13 -16.10 20.51
N VAL D 4 81.10 -17.11 21.37
CA VAL D 4 79.85 -17.74 21.80
C VAL D 4 78.99 -16.75 22.63
N ALA D 5 79.64 -15.91 23.43
CA ALA D 5 78.93 -14.90 24.21
C ALA D 5 78.27 -13.86 23.27
N LEU D 6 79.05 -13.40 22.28
CA LEU D 6 78.55 -12.49 21.25
C LEU D 6 77.37 -13.12 20.50
N GLU D 7 77.53 -14.38 20.11
CA GLU D 7 76.46 -15.12 19.45
C GLU D 7 75.21 -15.16 20.34
N HIS D 8 75.41 -15.44 21.62
CA HIS D 8 74.29 -15.46 22.55
C HIS D 8 73.60 -14.08 22.54
N LYS D 9 74.39 -13.02 22.60
CA LYS D 9 73.85 -11.67 22.59
C LYS D 9 73.10 -11.30 21.30
N LYS D 10 73.65 -11.65 20.13
CA LYS D 10 72.92 -11.44 18.89
C LYS D 10 71.60 -12.17 18.98
N LYS D 11 71.63 -13.45 19.29
CA LYS D 11 70.37 -14.17 19.35
C LYS D 11 69.39 -13.57 20.37
N ILE D 12 69.87 -13.09 21.53
CA ILE D 12 68.98 -12.45 22.51
C ILE D 12 68.27 -11.21 21.90
N GLN D 13 69.04 -10.36 21.24
CA GLN D 13 68.50 -9.21 20.55
C GLN D 13 67.46 -9.57 19.48
N LYS D 14 67.81 -10.54 18.64
CA LYS D 14 66.90 -10.97 17.58
C LYS D 14 65.58 -11.37 18.20
N GLN D 15 65.63 -12.26 19.19
CA GLN D 15 64.38 -12.71 19.78
C GLN D 15 63.61 -11.58 20.49
N LEU D 16 64.32 -10.63 21.10
CA LEU D 16 63.62 -9.46 21.66
C LEU D 16 62.83 -8.64 20.62
N GLU D 17 63.46 -8.37 19.48
CA GLU D 17 62.78 -7.67 18.38
C GLU D 17 61.52 -8.43 17.93
N HIS D 18 61.70 -9.71 17.67
CA HIS D 18 60.58 -10.58 17.33
C HIS D 18 59.41 -10.49 18.32
N LEU D 19 59.73 -10.67 19.60
CA LEU D 19 58.71 -10.70 20.65
C LEU D 19 58.00 -9.34 20.74
N LYS D 20 58.76 -8.26 20.61
CA LYS D 20 58.16 -6.95 20.67
C LYS D 20 57.18 -6.73 19.49
N LYS D 21 57.56 -7.16 18.28
CA LYS D 21 56.60 -7.14 17.16
C LYS D 21 55.34 -7.93 17.50
N LEU D 22 55.53 -9.15 18.01
CA LEU D 22 54.36 -9.94 18.37
C LEU D 22 53.52 -9.18 19.42
N ARG D 23 54.16 -8.53 20.40
CA ARG D 23 53.39 -7.81 21.44
C ARG D 23 52.56 -6.67 20.80
N LYS D 24 53.21 -5.90 19.91
CA LYS D 24 52.55 -4.83 19.18
C LYS D 24 51.33 -5.33 18.41
N SER D 25 51.49 -6.40 17.64
CA SER D 25 50.37 -7.00 16.93
C SER D 25 49.25 -7.41 17.91
N GLY D 26 49.64 -8.07 19.00
CA GLY D 26 48.68 -8.43 20.04
C GLY D 26 47.88 -7.24 20.55
N GLU D 27 48.57 -6.15 20.89
CA GLU D 27 47.93 -4.94 21.36
C GLU D 27 46.93 -4.43 20.32
N GLU D 28 47.40 -4.30 19.08
CA GLU D 28 46.56 -3.84 17.98
C GLU D 28 45.30 -4.68 17.82
N GLN D 29 45.49 -5.99 17.87
CA GLN D 29 44.39 -6.92 17.73
C GLN D 29 43.43 -6.82 18.89
N ARG D 30 43.95 -6.72 20.10
CA ARG D 30 43.12 -6.59 21.29
C ARG D 30 42.19 -5.37 21.17
N SER D 31 42.79 -4.28 20.70
CA SER D 31 42.06 -3.06 20.46
C SER D 31 40.99 -3.19 19.35
N TYR D 32 41.39 -3.75 18.20
CA TYR D 32 40.46 -3.91 17.07
C TYR D 32 39.28 -4.80 17.41
N GLY D 33 39.58 -5.91 18.06
CA GLY D 33 38.55 -6.81 18.51
C GLY D 33 37.56 -6.08 19.39
N GLU D 34 38.07 -5.38 20.42
CA GLU D 34 37.14 -4.64 21.26
C GLU D 34 36.32 -3.63 20.45
N GLU D 35 36.97 -2.82 19.62
CA GLU D 35 36.23 -1.85 18.82
C GLU D 35 35.10 -2.51 18.07
N LYS D 36 35.39 -3.65 17.42
CA LYS D 36 34.38 -4.32 16.60
C LYS D 36 33.23 -4.75 17.51
N ALA D 37 33.55 -5.34 18.63
CA ALA D 37 32.52 -5.76 19.55
C ALA D 37 31.64 -4.58 19.98
N VAL D 38 32.31 -3.49 20.40
CA VAL D 38 31.63 -2.31 20.90
C VAL D 38 30.70 -1.76 19.85
N SER D 39 31.17 -1.62 18.61
CA SER D 39 30.34 -1.11 17.53
C SER D 39 29.12 -2.02 17.31
N PHE D 40 29.30 -3.33 17.36
CA PHE D 40 28.10 -4.15 17.30
C PHE D 40 27.13 -3.74 18.43
N LEU D 41 27.64 -3.69 19.66
CA LEU D 41 26.78 -3.39 20.80
C LEU D 41 26.08 -2.04 20.69
N LYS D 42 26.82 -1.03 20.26
CA LYS D 42 26.31 0.29 20.06
C LYS D 42 25.16 0.27 19.03
N GLN D 43 25.39 -0.41 17.92
CA GLN D 43 24.38 -0.60 16.89
C GLN D 43 23.11 -1.14 17.49
N THR D 44 23.26 -2.21 18.24
CA THR D 44 22.14 -2.86 18.89
C THR D 44 21.38 -1.86 19.80
N GLU D 45 22.10 -1.14 20.65
CA GLU D 45 21.43 -0.16 21.50
C GLU D 45 20.67 0.92 20.69
N ALA D 46 21.30 1.43 19.64
CA ALA D 46 20.65 2.40 18.79
C ALA D 46 19.36 1.84 18.22
N LEU D 47 19.40 0.63 17.71
CA LEU D 47 18.15 0.01 17.25
C LEU D 47 17.08 -0.05 18.35
N LYS D 48 17.49 -0.48 19.56
CA LYS D 48 16.57 -0.56 20.69
C LYS D 48 15.91 0.82 20.89
N GLN D 49 16.74 1.86 21.00
CA GLN D 49 16.20 3.18 21.27
C GLN D 49 15.26 3.59 20.13
N ARG D 50 15.68 3.37 18.88
CA ARG D 50 14.83 3.74 17.75
C ARG D 50 13.45 3.08 17.74
N VAL D 51 13.46 1.78 17.88
CA VAL D 51 12.22 1.02 17.83
C VAL D 51 11.35 1.42 19.01
N GLN D 52 11.98 1.53 20.17
CA GLN D 52 11.26 1.91 21.39
C GLN D 52 10.60 3.31 21.24
N ARG D 53 11.35 4.26 20.72
CA ARG D 53 10.83 5.59 20.44
C ARG D 53 9.59 5.47 19.51
N LYS D 54 9.71 4.76 18.38
CA LYS D 54 8.57 4.64 17.46
C LYS D 54 7.34 4.02 18.16
N LEU D 55 7.58 3.00 18.97
CA LEU D 55 6.49 2.40 19.76
C LEU D 55 5.84 3.38 20.73
N GLU D 56 6.65 4.11 21.48
CA GLU D 56 6.15 5.11 22.40
C GLU D 56 5.28 6.10 21.64
N GLN D 57 5.73 6.50 20.45
CA GLN D 57 4.91 7.39 19.63
C GLN D 57 3.55 6.77 19.28
N VAL D 58 3.58 5.53 18.83
CA VAL D 58 2.31 4.87 18.52
C VAL D 58 1.42 4.83 19.76
N TYR D 59 1.95 4.39 20.90
CA TYR D 59 1.14 4.32 22.10
C TYR D 59 0.53 5.67 22.48
N TYR D 60 1.33 6.74 22.41
CA TYR D 60 0.84 8.09 22.72
C TYR D 60 -0.33 8.43 21.78
N PHE D 61 -0.10 8.26 20.49
CA PHE D 61 -1.13 8.48 19.49
C PHE D 61 -2.44 7.73 19.82
N LEU D 62 -2.34 6.42 20.03
CA LEU D 62 -3.54 5.64 20.32
C LEU D 62 -4.27 6.08 21.62
N GLU D 63 -3.51 6.36 22.69
CA GLU D 63 -4.12 6.81 23.92
C GLU D 63 -4.89 8.13 23.71
N GLN D 64 -4.26 9.07 23.01
CA GLN D 64 -4.92 10.33 22.70
C GLN D 64 -6.21 10.13 21.91
N GLN D 65 -6.13 9.35 20.83
CA GLN D 65 -7.32 9.12 20.03
C GLN D 65 -8.45 8.50 20.88
N GLU D 66 -8.09 7.51 21.68
CA GLU D 66 -9.07 6.89 22.56
C GLU D 66 -9.69 7.94 23.49
N HIS D 67 -8.85 8.83 24.02
CA HIS D 67 -9.32 9.81 24.95
C HIS D 67 -10.39 10.67 24.34
N PHE D 68 -10.08 11.24 23.18
CA PHE D 68 -11.00 12.09 22.47
C PHE D 68 -12.30 11.34 22.19
N PHE D 69 -12.16 10.10 21.76
CA PHE D 69 -13.33 9.28 21.50
C PHE D 69 -14.22 9.08 22.74
N VAL D 70 -13.66 8.62 23.86
CA VAL D 70 -14.50 8.40 25.06
C VAL D 70 -15.10 9.74 25.52
N ALA D 71 -14.33 10.80 25.37
CA ALA D 71 -14.80 12.13 25.69
C ALA D 71 -16.07 12.45 24.88
N SER D 72 -16.03 12.20 23.57
CA SER D 72 -17.22 12.38 22.74
C SER D 72 -18.41 11.52 23.16
N LEU D 73 -18.18 10.26 23.43
CA LEU D 73 -19.25 9.40 23.94
C LEU D 73 -19.86 9.96 25.23
N GLU D 74 -19.01 10.42 26.15
CA GLU D 74 -19.52 10.96 27.40
C GLU D 74 -20.36 12.18 27.10
N ASP D 75 -19.86 13.03 26.21
CA ASP D 75 -20.58 14.23 25.79
C ASP D 75 -21.99 13.93 25.27
N VAL D 76 -22.07 13.01 24.33
CA VAL D 76 -23.35 12.59 23.79
C VAL D 76 -24.20 12.13 24.96
N GLY D 77 -23.64 11.26 25.79
CA GLY D 77 -24.37 10.78 26.96
C GLY D 77 -24.98 11.89 27.81
N GLN D 78 -24.21 12.95 28.01
CA GLN D 78 -24.65 14.15 28.76
C GLN D 78 -25.83 14.87 28.06
N MET D 79 -25.66 15.15 26.76
CA MET D 79 -26.68 15.78 25.97
C MET D 79 -27.98 14.98 26.08
N VAL D 80 -27.89 13.69 25.80
CA VAL D 80 -29.06 12.82 25.84
C VAL D 80 -29.66 12.84 27.24
N GLY D 81 -28.81 12.77 28.27
CA GLY D 81 -29.31 12.85 29.63
C GLY D 81 -30.15 14.08 29.95
N GLN D 82 -29.61 15.25 29.59
CA GLN D 82 -30.28 16.52 29.85
C GLN D 82 -31.62 16.58 29.13
N ILE D 83 -31.58 16.26 27.84
CA ILE D 83 -32.78 16.30 27.02
C ILE D 83 -33.84 15.34 27.58
N ARG D 84 -33.42 14.12 27.90
CA ARG D 84 -34.30 13.11 28.49
C ARG D 84 -35.01 13.62 29.75
N LYS D 85 -34.22 14.12 30.70
CA LYS D 85 -34.75 14.65 31.95
C LYS D 85 -35.71 15.86 31.71
N ALA D 86 -35.32 16.80 30.85
CA ALA D 86 -36.18 17.95 30.59
C ALA D 86 -37.54 17.51 30.03
N TYR D 87 -37.47 16.63 29.04
CA TYR D 87 -38.67 16.10 28.43
C TYR D 87 -39.52 15.44 29.47
N ASP D 88 -38.96 14.53 30.26
CA ASP D 88 -39.77 13.84 31.26
C ASP D 88 -40.49 14.83 32.15
N THR D 89 -39.78 15.84 32.64
CA THR D 89 -40.43 16.80 33.52
C THR D 89 -41.64 17.47 32.81
N ARG D 90 -41.39 18.01 31.62
CA ARG D 90 -42.46 18.70 30.91
C ARG D 90 -43.67 17.80 30.66
N VAL D 91 -43.43 16.63 30.08
CA VAL D 91 -44.56 15.80 29.71
C VAL D 91 -45.31 15.38 30.97
N SER D 92 -44.56 15.17 32.05
CA SER D 92 -45.17 14.81 33.32
C SER D 92 -46.09 15.90 33.85
N GLN D 93 -45.66 17.15 33.72
CA GLN D 93 -46.52 18.29 34.07
C GLN D 93 -47.78 18.38 33.22
N ASP D 94 -47.63 18.24 31.90
CA ASP D 94 -48.80 18.21 31.02
C ASP D 94 -49.80 17.15 31.55
N ILE D 95 -49.30 15.95 31.82
CA ILE D 95 -50.12 14.89 32.37
C ILE D 95 -50.70 15.27 33.74
N ALA D 96 -49.93 15.92 34.60
CA ALA D 96 -50.42 16.29 35.94
C ALA D 96 -51.64 17.21 35.82
N LEU D 97 -51.52 18.19 34.94
CA LEU D 97 -52.60 19.10 34.59
C LEU D 97 -53.87 18.37 34.12
N LEU D 98 -53.69 17.41 33.20
CA LEU D 98 -54.80 16.55 32.79
C LEU D 98 -55.43 15.82 33.98
N ASP D 99 -54.59 15.28 34.85
CA ASP D 99 -55.06 14.56 36.02
C ASP D 99 -55.89 15.46 36.91
N ALA D 100 -55.46 16.72 37.06
CA ALA D 100 -56.22 17.71 37.85
C ALA D 100 -57.59 18.00 37.24
N LEU D 101 -57.61 18.25 35.94
CA LEU D 101 -58.87 18.51 35.26
C LEU D 101 -59.83 17.32 35.38
N ILE D 102 -59.31 16.11 35.18
CA ILE D 102 -60.12 14.93 35.40
C ILE D 102 -60.69 14.94 36.82
N GLY D 103 -59.84 15.25 37.81
CA GLY D 103 -60.34 15.37 39.18
C GLY D 103 -61.54 16.30 39.33
N GLU D 104 -61.42 17.52 38.82
CA GLU D 104 -62.50 18.51 38.90
C GLU D 104 -63.79 17.99 38.25
N LEU D 105 -63.67 17.46 37.04
CA LEU D 105 -64.87 16.95 36.36
C LEU D 105 -65.51 15.78 37.11
N GLU D 106 -64.69 14.89 37.63
CA GLU D 106 -65.22 13.76 38.39
C GLU D 106 -65.94 14.20 39.67
N ALA D 107 -65.44 15.26 40.32
CA ALA D 107 -66.09 15.82 41.51
C ALA D 107 -67.57 16.21 41.26
N LYS D 108 -67.88 16.63 40.03
CA LYS D 108 -69.24 17.04 39.65
C LYS D 108 -70.36 15.98 39.76
N GLU D 109 -70.02 14.71 39.55
CA GLU D 109 -71.02 13.63 39.59
C GLU D 109 -71.76 13.60 40.93
N CYS D 110 -71.08 13.87 42.03
CA CYS D 110 -71.72 13.81 43.34
C CYS D 110 -72.29 15.17 43.76
N GLN D 111 -72.30 16.14 42.85
CA GLN D 111 -72.84 17.45 43.17
C GLN D 111 -74.26 17.60 42.70
N SER D 112 -75.02 18.39 43.44
CA SER D 112 -76.38 18.82 43.08
C SER D 112 -76.33 19.73 41.86
N GLU D 113 -77.46 19.87 41.19
CA GLU D 113 -77.54 20.75 40.03
C GLU D 113 -76.98 22.15 40.34
N TRP D 114 -77.46 22.72 41.45
CA TRP D 114 -77.05 24.06 41.83
C TRP D 114 -75.57 24.13 42.11
N GLU D 115 -75.07 23.20 42.90
CA GLU D 115 -73.64 23.18 43.22
C GLU D 115 -72.82 23.06 41.97
N LEU D 116 -73.25 22.16 41.09
CA LEU D 116 -72.57 21.88 39.84
C LEU D 116 -72.44 23.11 38.94
N LEU D 117 -73.55 23.85 38.78
CA LEU D 117 -73.62 25.02 37.88
C LEU D 117 -72.64 26.16 38.23
N GLN D 118 -72.18 26.19 39.48
CA GLN D 118 -71.40 27.32 39.96
C GLN D 118 -70.08 27.60 39.23
N ASP D 119 -69.37 26.56 38.78
CA ASP D 119 -68.06 26.73 38.14
C ASP D 119 -67.92 25.87 36.88
N ILE D 120 -69.01 25.21 36.49
CA ILE D 120 -68.90 24.18 35.46
C ILE D 120 -68.40 24.76 34.15
N GLY D 121 -68.80 26.01 33.86
CA GLY D 121 -68.41 26.68 32.63
C GLY D 121 -66.90 26.82 32.53
N ASP D 122 -66.28 27.02 33.69
CA ASP D 122 -64.87 27.32 33.72
C ASP D 122 -64.09 25.98 33.61
N ILE D 123 -64.56 24.97 34.34
CA ILE D 123 -63.96 23.65 34.25
C ILE D 123 -64.05 23.12 32.82
N LEU D 124 -65.24 23.17 32.24
CA LEU D 124 -65.41 22.67 30.88
C LEU D 124 -64.60 23.49 29.90
N HIS D 125 -64.55 24.81 30.06
CA HIS D 125 -63.71 25.61 29.16
C HIS D 125 -62.23 25.20 29.24
N ARG D 126 -61.69 25.10 30.46
CA ARG D 126 -60.29 24.70 30.63
C ARG D 126 -60.00 23.27 30.13
N ALA D 127 -60.96 22.34 30.27
CA ALA D 127 -60.79 21.01 29.70
C ALA D 127 -60.78 21.09 28.19
N LYS D 128 -61.74 21.82 27.64
CA LYS D 128 -61.85 22.00 26.20
C LYS D 128 -60.56 22.56 25.60
N THR D 129 -59.86 23.38 26.37
CA THR D 129 -58.69 24.10 25.84
C THR D 129 -57.32 23.64 26.39
N VAL D 130 -57.28 22.55 27.15
CA VAL D 130 -55.99 22.09 27.69
C VAL D 130 -55.08 21.52 26.56
N PRO D 131 -53.77 21.89 26.55
CA PRO D 131 -52.89 21.41 25.48
C PRO D 131 -52.68 19.92 25.50
N VAL D 132 -52.49 19.35 24.32
CA VAL D 132 -52.13 17.98 24.17
C VAL D 132 -50.72 17.82 24.75
N PRO D 133 -50.50 16.77 25.54
CA PRO D 133 -49.15 16.57 26.08
C PRO D 133 -48.11 16.54 24.96
N GLU D 134 -46.95 17.09 25.27
CA GLU D 134 -45.82 17.19 24.37
C GLU D 134 -45.43 15.84 23.76
N LYS D 135 -45.38 15.83 22.45
CA LYS D 135 -44.91 14.69 21.67
C LYS D 135 -43.37 14.65 21.66
N TRP D 136 -42.79 13.48 21.85
CA TRP D 136 -41.34 13.31 21.70
C TRP D 136 -40.87 13.52 20.26
N THR D 137 -39.83 14.33 20.09
CA THR D 137 -39.19 14.42 18.78
C THR D 137 -37.68 14.32 18.91
N THR D 138 -37.07 13.30 18.31
CA THR D 138 -35.64 13.14 18.44
C THR D 138 -34.91 14.30 17.77
N PRO D 139 -34.03 15.01 18.50
CA PRO D 139 -33.27 16.11 17.89
C PRO D 139 -32.14 15.67 16.97
N GLN D 140 -31.93 16.44 15.92
CA GLN D 140 -30.86 16.23 14.97
C GLN D 140 -29.50 16.14 15.64
N GLU D 141 -29.31 16.91 16.70
CA GLU D 141 -28.02 17.00 17.36
C GLU D 141 -27.50 15.65 17.89
N ILE D 142 -28.42 14.92 18.50
CA ILE D 142 -28.16 13.57 18.98
C ILE D 142 -27.86 12.60 17.82
N LYS D 143 -28.69 12.61 16.77
CA LYS D 143 -28.49 11.71 15.64
C LYS D 143 -27.14 12.01 14.99
N GLN D 144 -26.81 13.27 14.83
CA GLN D 144 -25.56 13.68 14.22
C GLN D 144 -24.38 13.16 14.99
N LYS D 145 -24.39 13.42 16.29
CA LYS D 145 -23.29 13.00 17.11
C LYS D 145 -23.13 11.45 17.12
N ILE D 146 -24.24 10.75 17.28
CA ILE D 146 -24.23 9.29 17.26
C ILE D 146 -23.79 8.74 15.88
N GLN D 147 -24.30 9.29 14.80
CA GLN D 147 -23.89 8.82 13.50
C GLN D 147 -22.39 9.00 13.27
N LEU D 148 -21.86 10.15 13.71
CA LEU D 148 -20.43 10.36 13.60
C LEU D 148 -19.63 9.31 14.38
N LEU D 149 -19.99 9.12 15.64
CA LEU D 149 -19.31 8.10 16.46
C LEU D 149 -19.34 6.71 15.79
N HIS D 150 -20.49 6.34 15.24
CA HIS D 150 -20.64 5.08 14.57
C HIS D 150 -19.65 5.01 13.40
N GLN D 151 -19.58 6.08 12.64
CA GLN D 151 -18.63 6.18 11.54
C GLN D 151 -17.19 5.93 11.97
N LYS D 152 -16.82 6.55 13.09
CA LYS D 152 -15.49 6.39 13.67
C LYS D 152 -15.24 4.94 14.10
N SER D 153 -16.24 4.31 14.72
CA SER D 153 -16.15 2.87 15.01
C SER D 153 -15.87 2.04 13.76
N GLU D 154 -16.64 2.26 12.69
CA GLU D 154 -16.40 1.53 11.44
C GLU D 154 -14.96 1.72 10.97
N PHE D 155 -14.48 2.96 11.04
CA PHE D 155 -13.10 3.27 10.70
C PHE D 155 -12.14 2.39 11.55
N VAL D 156 -12.37 2.39 12.86
CA VAL D 156 -11.54 1.63 13.79
C VAL D 156 -11.55 0.13 13.48
N GLU D 157 -12.73 -0.41 13.18
CA GLU D 157 -12.83 -1.82 12.81
C GLU D 157 -12.18 -2.18 11.49
N LYS D 158 -12.40 -1.38 10.44
CA LYS D 158 -11.77 -1.70 9.15
C LYS D 158 -10.25 -1.66 9.30
N SER D 159 -9.76 -0.64 10.01
CA SER D 159 -8.33 -0.51 10.18
C SER D 159 -7.75 -1.66 11.01
N THR D 160 -8.37 -2.02 12.13
CA THR D 160 -7.83 -3.13 12.91
C THR D 160 -7.95 -4.46 12.12
N LYS D 161 -9.02 -4.65 11.33
CA LYS D 161 -9.12 -5.87 10.50
C LYS D 161 -7.87 -5.93 9.61
N TYR D 162 -7.64 -4.82 8.89
CA TYR D 162 -6.49 -4.72 7.98
C TYR D 162 -5.16 -5.01 8.69
N PHE D 163 -4.99 -4.37 9.84
CA PHE D 163 -3.78 -4.51 10.59
C PHE D 163 -3.58 -5.96 10.98
N SER D 164 -4.65 -6.56 11.52
CA SER D 164 -4.62 -7.92 11.99
C SER D 164 -4.21 -8.88 10.87
N GLU D 165 -4.78 -8.69 9.69
CA GLU D 165 -4.54 -9.60 8.56
C GLU D 165 -3.11 -9.45 8.04
N THR D 166 -2.65 -8.20 7.92
CA THR D 166 -1.29 -7.95 7.44
C THR D 166 -0.28 -8.50 8.43
N LEU D 167 -0.52 -8.24 9.71
CA LEU D 167 0.39 -8.70 10.75
C LEU D 167 0.50 -10.23 10.69
N ARG D 168 -0.62 -10.94 10.59
CA ARG D 168 -0.54 -12.39 10.48
C ARG D 168 0.32 -12.76 9.26
N SER D 169 0.08 -12.13 8.11
CA SER D 169 0.94 -12.41 6.95
C SER D 169 2.45 -12.20 7.20
N GLU D 170 2.81 -11.07 7.79
CA GLU D 170 4.20 -10.72 8.07
C GLU D 170 4.82 -11.66 9.09
N MET D 171 4.02 -12.10 10.05
CA MET D 171 4.45 -13.07 11.05
C MET D 171 4.83 -14.39 10.39
N GLU D 172 3.99 -14.85 9.47
CA GLU D 172 4.21 -16.14 8.79
C GLU D 172 5.53 -16.18 8.00
N MET D 173 6.04 -15.05 7.58
CA MET D 173 7.28 -15.01 6.79
C MET D 173 8.52 -15.50 7.54
N PHE D 174 8.50 -15.47 8.87
CA PHE D 174 9.68 -15.87 9.65
C PHE D 174 9.86 -17.37 9.62
N ASN D 175 8.84 -18.08 9.15
CA ASN D 175 8.85 -19.53 9.00
C ASN D 175 8.91 -19.95 7.54
N VAL D 176 9.12 -18.97 6.65
CA VAL D 176 9.21 -19.28 5.22
C VAL D 176 10.69 -19.26 4.87
N PRO D 177 11.16 -20.33 4.23
CA PRO D 177 12.62 -20.42 3.98
C PRO D 177 13.08 -19.39 3.00
N GLU D 178 14.36 -19.05 3.03
CA GLU D 178 14.97 -18.33 1.92
C GLU D 178 14.90 -19.27 0.73
N LEU D 179 15.08 -18.74 -0.47
CA LEU D 179 15.02 -19.57 -1.65
C LEU D 179 15.94 -20.82 -1.55
N ILE D 180 17.20 -20.64 -1.12
CA ILE D 180 18.11 -21.79 -1.13
C ILE D 180 17.69 -22.81 -0.07
N GLY D 181 17.02 -22.38 1.00
CA GLY D 181 16.50 -23.31 1.98
C GLY D 181 15.43 -24.18 1.34
N ALA D 182 14.64 -23.58 0.47
CA ALA D 182 13.55 -24.33 -0.14
C ALA D 182 14.12 -25.26 -1.19
N GLN D 183 15.11 -24.77 -1.93
CA GLN D 183 15.73 -25.55 -3.02
C GLN D 183 16.38 -26.88 -2.58
N ALA D 184 16.81 -26.97 -1.32
CA ALA D 184 17.42 -28.18 -0.76
C ALA D 184 16.53 -29.40 -0.92
N HIS D 185 15.23 -29.16 -1.07
CA HIS D 185 14.24 -30.22 -1.14
C HIS D 185 13.72 -30.42 -2.54
N ALA D 186 14.52 -30.01 -3.52
CA ALA D 186 14.21 -30.20 -4.93
C ALA D 186 13.84 -31.66 -5.19
N VAL D 187 12.80 -31.81 -5.96
CA VAL D 187 12.40 -33.09 -6.47
C VAL D 187 12.24 -32.87 -7.94
N ASN D 188 12.25 -33.98 -8.64
CA ASN D 188 12.06 -34.00 -10.07
C ASN D 188 10.63 -34.32 -10.44
N VAL D 189 10.04 -33.42 -11.19
CA VAL D 189 8.66 -33.58 -11.57
C VAL D 189 8.56 -33.74 -13.07
N ILE D 190 7.69 -34.66 -13.49
CA ILE D 190 7.28 -34.72 -14.89
C ILE D 190 5.77 -34.56 -15.02
N LEU D 191 5.34 -34.30 -16.23
CA LEU D 191 3.94 -34.06 -16.54
C LEU D 191 3.27 -35.40 -16.75
N ASP D 192 2.10 -35.55 -16.13
CA ASP D 192 1.25 -36.73 -16.30
C ASP D 192 0.32 -36.42 -17.44
N ALA D 193 0.76 -36.74 -18.64
CA ALA D 193 0.07 -36.28 -19.85
C ALA D 193 -1.33 -36.88 -20.00
N GLU D 194 -1.59 -38.01 -19.36
CA GLU D 194 -2.91 -38.66 -19.47
C GLU D 194 -4.04 -37.82 -18.83
N THR D 195 -3.67 -36.89 -17.95
CA THR D 195 -4.64 -36.05 -17.28
C THR D 195 -4.90 -34.75 -18.04
N ALA D 196 -4.12 -34.51 -19.09
CA ALA D 196 -4.06 -33.19 -19.72
C ALA D 196 -5.33 -32.77 -20.47
N TYR D 197 -5.62 -31.48 -20.41
CA TYR D 197 -6.59 -30.89 -21.33
C TYR D 197 -6.19 -31.37 -22.73
N PRO D 198 -7.14 -31.89 -23.52
CA PRO D 198 -6.86 -32.55 -24.82
C PRO D 198 -6.07 -31.73 -25.85
N ASN D 199 -5.96 -30.40 -25.75
CA ASN D 199 -5.24 -29.59 -26.75
C ASN D 199 -3.83 -29.23 -26.29
N LEU D 200 -3.45 -29.75 -25.14
CA LEU D 200 -2.08 -29.56 -24.67
C LEU D 200 -1.09 -30.47 -25.43
N ILE D 201 0.10 -29.93 -25.67
CA ILE D 201 1.16 -30.60 -26.40
C ILE D 201 2.37 -30.62 -25.49
N PHE D 202 3.06 -31.77 -25.50
CA PHE D 202 4.11 -32.09 -24.52
C PHE D 202 5.46 -32.45 -25.15
N SER D 203 6.55 -32.15 -24.46
CA SER D 203 7.86 -32.59 -24.92
C SER D 203 8.09 -34.09 -24.75
N ASP D 204 9.07 -34.63 -25.46
CA ASP D 204 9.41 -36.05 -25.33
C ASP D 204 9.82 -36.40 -23.91
N ASP D 205 10.57 -35.51 -23.25
CA ASP D 205 10.99 -35.74 -21.87
C ASP D 205 9.91 -35.39 -20.85
N LEU D 206 8.72 -35.01 -21.34
CA LEU D 206 7.60 -34.67 -20.47
C LEU D 206 7.94 -33.58 -19.46
N LYS D 207 8.77 -32.62 -19.84
CA LYS D 207 9.11 -31.49 -18.95
C LYS D 207 8.43 -30.19 -19.43
N SER D 208 7.97 -30.19 -20.68
CA SER D 208 7.47 -28.99 -21.28
C SER D 208 6.05 -29.18 -21.79
N VAL D 209 5.22 -28.17 -21.58
CA VAL D 209 3.84 -28.23 -22.04
C VAL D 209 3.44 -26.89 -22.60
N ARG D 210 2.75 -26.92 -23.75
CA ARG D 210 2.19 -25.73 -24.36
C ARG D 210 0.78 -26.01 -24.86
N LEU D 211 0.04 -24.95 -25.17
CA LEU D 211 -1.30 -25.10 -25.69
C LEU D 211 -1.27 -25.08 -27.22
N GLY D 212 -1.70 -26.20 -27.81
CA GLY D 212 -1.79 -26.30 -29.25
C GLY D 212 -3.12 -25.77 -29.75
N ASN D 213 -3.28 -25.80 -31.07
CA ASN D 213 -4.53 -25.39 -31.68
C ASN D 213 -5.59 -26.47 -31.55
N LYS D 214 -6.76 -26.16 -32.08
CA LYS D 214 -7.93 -26.94 -31.83
C LYS D 214 -7.82 -28.30 -32.48
N TRP D 215 -7.12 -28.35 -33.61
CA TRP D 215 -6.88 -29.59 -34.32
C TRP D 215 -5.72 -30.42 -33.72
N GLU D 216 -4.97 -29.86 -32.79
CA GLU D 216 -3.91 -30.64 -32.13
C GLU D 216 -4.57 -31.26 -30.94
N ARG D 217 -4.97 -32.52 -31.08
CA ARG D 217 -5.79 -33.17 -30.09
C ARG D 217 -5.25 -34.55 -29.64
N LEU D 218 -5.07 -34.70 -28.34
CA LEU D 218 -4.80 -35.98 -27.70
C LEU D 218 -6.04 -36.87 -27.68
N PRO D 219 -5.86 -38.19 -27.48
CA PRO D 219 -7.02 -39.08 -27.42
C PRO D 219 -7.90 -38.86 -26.18
N ASP D 220 -9.22 -38.85 -26.35
CA ASP D 220 -10.14 -38.53 -25.26
C ASP D 220 -10.25 -39.62 -24.20
N GLY D 221 -10.42 -39.21 -22.94
CA GLY D 221 -10.70 -40.14 -21.85
C GLY D 221 -11.13 -39.49 -20.54
N PRO D 222 -11.79 -40.26 -19.66
CA PRO D 222 -12.33 -39.77 -18.38
C PRO D 222 -11.32 -39.10 -17.47
N GLN D 223 -10.05 -39.47 -17.54
CA GLN D 223 -9.05 -38.91 -16.62
C GLN D 223 -8.59 -37.51 -17.05
N ARG D 224 -8.94 -37.11 -18.28
CA ARG D 224 -8.55 -35.77 -18.77
C ARG D 224 -9.36 -34.65 -18.16
N PHE D 225 -8.71 -33.51 -17.99
CA PHE D 225 -9.39 -32.29 -17.60
C PHE D 225 -9.91 -31.60 -18.84
N ASP D 226 -11.15 -31.93 -19.22
CA ASP D 226 -11.79 -31.36 -20.42
C ASP D 226 -12.17 -29.89 -20.29
N SER D 227 -12.46 -29.44 -19.07
CA SER D 227 -13.03 -28.11 -18.87
C SER D 227 -12.01 -27.09 -18.39
N CYS D 228 -10.79 -27.54 -18.16
CA CYS D 228 -9.71 -26.65 -17.73
C CYS D 228 -8.45 -26.89 -18.51
N ILE D 229 -7.72 -25.82 -18.83
CA ILE D 229 -6.48 -25.95 -19.57
C ILE D 229 -5.33 -26.24 -18.61
N ILE D 230 -5.37 -27.44 -18.05
CA ILE D 230 -4.37 -27.82 -17.07
C ILE D 230 -3.84 -29.25 -17.30
N VAL D 231 -2.74 -29.54 -16.62
CA VAL D 231 -2.19 -30.89 -16.54
C VAL D 231 -1.57 -31.07 -15.16
N LEU D 232 -1.68 -32.26 -14.60
CA LEU D 232 -1.06 -32.54 -13.29
C LEU D 232 0.34 -33.08 -13.51
N GLY D 233 1.15 -33.00 -12.47
CA GLY D 233 2.51 -33.53 -12.52
C GLY D 233 2.66 -34.74 -11.60
N SER D 234 3.69 -35.56 -11.87
CA SER D 234 4.09 -36.62 -10.97
C SER D 234 5.55 -36.39 -10.61
N PRO D 235 5.95 -36.87 -9.43
CA PRO D 235 5.12 -37.65 -8.52
C PRO D 235 4.17 -36.85 -7.65
N SER D 236 3.32 -37.59 -6.95
CA SER D 236 2.51 -37.00 -5.90
C SER D 236 3.33 -36.96 -4.61
N PHE D 237 2.79 -36.31 -3.59
CA PHE D 237 3.44 -36.25 -2.30
C PHE D 237 2.47 -36.64 -1.19
N LEU D 238 2.93 -37.43 -0.23
CA LEU D 238 2.06 -37.76 0.89
C LEU D 238 2.53 -37.01 2.14
N SER D 239 3.69 -36.35 2.03
CA SER D 239 4.39 -35.81 3.19
C SER D 239 5.64 -35.06 2.76
N GLY D 240 6.34 -34.54 3.77
CA GLY D 240 7.67 -34.01 3.62
C GLY D 240 7.70 -32.62 3.03
N ARG D 241 8.91 -32.19 2.64
CA ARG D 241 9.13 -30.88 2.04
C ARG D 241 9.57 -31.09 0.61
N ARG D 242 8.89 -30.46 -0.33
CA ARG D 242 9.10 -30.75 -1.75
C ARG D 242 9.24 -29.47 -2.54
N TYR D 243 10.18 -29.46 -3.50
CA TYR D 243 10.42 -28.25 -4.26
C TYR D 243 10.61 -28.51 -5.75
N TRP D 244 10.07 -27.61 -6.58
CA TRP D 244 10.38 -27.61 -8.01
C TRP D 244 10.31 -26.21 -8.62
N GLU D 245 10.80 -26.08 -9.85
CA GLU D 245 10.96 -24.82 -10.55
C GLU D 245 10.40 -24.91 -11.95
N VAL D 246 9.74 -23.84 -12.37
CA VAL D 246 9.24 -23.79 -13.72
C VAL D 246 9.67 -22.49 -14.43
N GLU D 247 10.25 -22.67 -15.62
CA GLU D 247 10.57 -21.57 -16.52
C GLU D 247 9.28 -21.14 -17.23
N VAL D 248 8.95 -19.85 -17.03
CA VAL D 248 7.77 -19.22 -17.65
C VAL D 248 8.17 -18.20 -18.71
N GLY D 249 9.44 -17.77 -18.66
CA GLY D 249 9.95 -16.85 -19.66
C GLY D 249 9.05 -15.62 -19.75
N ASP D 250 8.86 -15.12 -20.97
CA ASP D 250 8.03 -13.91 -21.18
C ASP D 250 6.56 -14.23 -21.48
N LYS D 251 6.08 -15.36 -20.97
CA LYS D 251 4.69 -15.75 -21.15
C LYS D 251 3.81 -14.69 -20.48
N THR D 252 2.58 -14.53 -20.96
CA THR D 252 1.67 -13.49 -20.44
C THR D 252 0.56 -14.06 -19.54
N ALA D 253 0.38 -15.38 -19.58
CA ALA D 253 -0.63 -15.99 -18.73
C ALA D 253 -0.23 -17.41 -18.35
N TRP D 254 -0.50 -17.77 -17.09
CA TRP D 254 -0.32 -19.16 -16.66
C TRP D 254 -0.82 -19.43 -15.24
N ILE D 255 -0.88 -20.71 -14.88
CA ILE D 255 -1.14 -21.12 -13.50
C ILE D 255 -0.02 -22.05 -13.04
N LEU D 256 0.55 -21.80 -11.86
CA LEU D 256 1.50 -22.74 -11.23
C LEU D 256 1.12 -23.02 -9.80
N GLY D 257 1.21 -24.28 -9.41
CA GLY D 257 1.18 -24.57 -7.99
C GLY D 257 1.01 -26.01 -7.61
N ALA D 258 0.21 -26.25 -6.58
CA ALA D 258 -0.06 -27.59 -6.12
C ALA D 258 -1.54 -27.79 -5.92
N CYS D 259 -1.99 -29.03 -6.03
CA CYS D 259 -3.39 -29.34 -5.82
C CYS D 259 -3.56 -30.68 -5.17
N LYS D 260 -4.74 -30.91 -4.62
CA LYS D 260 -5.16 -32.19 -4.09
C LYS D 260 -5.27 -33.11 -5.27
N THR D 261 -4.88 -34.37 -5.10
CA THR D 261 -4.92 -35.30 -6.21
C THR D 261 -6.35 -35.61 -6.57
N SER D 262 -7.25 -35.37 -5.63
CA SER D 262 -8.66 -35.70 -5.81
C SER D 262 -9.51 -34.56 -6.35
N ILE D 263 -8.89 -33.51 -6.88
CA ILE D 263 -9.70 -32.43 -7.49
C ILE D 263 -10.62 -33.00 -8.56
N SER D 264 -11.81 -32.41 -8.67
CA SER D 264 -12.79 -32.80 -9.65
C SER D 264 -12.27 -32.58 -11.05
N ARG D 265 -12.51 -33.55 -11.92
CA ARG D 265 -12.08 -33.42 -13.31
C ARG D 265 -13.18 -32.71 -14.11
N LYS D 266 -14.36 -32.65 -13.50
CA LYS D 266 -15.56 -32.07 -14.12
C LYS D 266 -15.84 -30.63 -13.74
N GLY D 267 -16.53 -29.92 -14.62
CA GLY D 267 -16.98 -28.58 -14.33
C GLY D 267 -15.98 -27.47 -14.07
N ASN D 268 -16.50 -26.25 -14.14
CA ASN D 268 -15.73 -25.04 -13.92
C ASN D 268 -16.12 -24.46 -12.58
N MET D 269 -15.16 -24.50 -11.68
CA MET D 269 -15.36 -24.03 -10.33
C MET D 269 -14.13 -23.19 -9.99
N THR D 270 -14.29 -22.39 -8.96
CA THR D 270 -13.20 -21.56 -8.48
C THR D 270 -11.93 -22.37 -8.11
N LEU D 271 -10.80 -21.90 -8.62
CA LEU D 271 -9.53 -22.45 -8.18
C LEU D 271 -9.35 -21.87 -6.78
N SER D 272 -9.48 -22.72 -5.79
CA SER D 272 -9.40 -22.25 -4.41
C SER D 272 -9.04 -23.39 -3.49
N PRO D 273 -8.51 -23.07 -2.31
CA PRO D 273 -8.20 -24.14 -1.37
C PRO D 273 -9.39 -25.05 -1.11
N GLU D 274 -10.59 -24.48 -0.99
CA GLU D 274 -11.76 -25.28 -0.71
C GLU D 274 -11.94 -26.40 -1.72
N ASN D 275 -11.62 -26.09 -2.96
CA ASN D 275 -11.76 -27.00 -4.06
C ASN D 275 -10.45 -27.73 -4.37
N GLY D 276 -9.45 -27.49 -3.54
CA GLY D 276 -8.20 -28.24 -3.54
C GLY D 276 -7.04 -27.66 -4.32
N TYR D 277 -7.04 -26.33 -4.46
CA TYR D 277 -6.02 -25.62 -5.23
C TYR D 277 -5.23 -24.64 -4.39
N TRP D 278 -3.90 -24.71 -4.53
CA TRP D 278 -3.03 -23.68 -4.00
C TRP D 278 -2.13 -23.25 -5.15
N VAL D 279 -2.52 -22.16 -5.83
CA VAL D 279 -1.83 -21.76 -7.05
C VAL D 279 -1.64 -20.26 -7.15
N VAL D 280 -0.71 -19.89 -8.03
CA VAL D 280 -0.52 -18.51 -8.45
C VAL D 280 -0.87 -18.40 -9.94
N ILE D 281 -1.61 -17.34 -10.26
CA ILE D 281 -2.11 -17.12 -11.60
C ILE D 281 -1.55 -15.83 -12.16
N MET D 282 -0.92 -15.95 -13.32
CA MET D 282 -0.58 -14.80 -14.15
C MET D 282 -1.74 -14.57 -15.13
N MET D 283 -2.34 -13.39 -15.00
CA MET D 283 -3.48 -12.97 -15.82
C MET D 283 -3.00 -12.26 -17.07
N LYS D 284 -2.11 -11.29 -16.86
CA LYS D 284 -1.45 -10.61 -17.97
C LYS D 284 -0.18 -9.98 -17.47
N GLU D 285 0.49 -9.27 -18.36
CA GLU D 285 1.72 -8.60 -18.00
C GLU D 285 1.52 -7.75 -16.73
N ASN D 286 2.38 -8.00 -15.76
CA ASN D 286 2.36 -7.29 -14.49
C ASN D 286 1.08 -7.49 -13.71
N GLU D 287 0.36 -8.58 -13.97
CA GLU D 287 -0.78 -8.89 -13.11
C GLU D 287 -0.77 -10.33 -12.63
N TYR D 288 -0.43 -10.49 -11.35
CA TYR D 288 -0.39 -11.80 -10.72
C TYR D 288 -1.30 -11.85 -9.52
N GLN D 289 -1.90 -13.01 -9.30
CA GLN D 289 -2.62 -13.24 -8.06
C GLN D 289 -2.52 -14.65 -7.48
N ALA D 290 -2.76 -14.74 -6.18
CA ALA D 290 -2.84 -16.01 -5.50
C ALA D 290 -4.30 -16.42 -5.38
N SER D 291 -4.54 -17.72 -5.51
CA SER D 291 -5.88 -18.30 -5.52
C SER D 291 -6.46 -18.44 -4.13
N SER D 292 -6.14 -17.49 -3.25
CA SER D 292 -6.84 -17.38 -1.97
C SER D 292 -8.29 -16.94 -2.20
N VAL D 293 -9.11 -17.04 -1.16
CA VAL D 293 -10.47 -16.49 -1.24
C VAL D 293 -10.69 -15.46 -0.12
N PRO D 294 -10.86 -14.18 -0.51
CA PRO D 294 -10.78 -13.61 -1.86
C PRO D 294 -9.36 -13.66 -2.39
N PRO D 295 -9.20 -13.66 -3.72
CA PRO D 295 -7.89 -13.71 -4.39
C PRO D 295 -6.97 -12.62 -3.89
N THR D 296 -5.68 -12.94 -3.74
CA THR D 296 -4.69 -11.93 -3.36
C THR D 296 -3.88 -11.45 -4.56
N ARG D 297 -3.91 -10.13 -4.76
CA ARG D 297 -3.14 -9.47 -5.80
C ARG D 297 -1.67 -9.39 -5.40
N LEU D 298 -0.77 -9.74 -6.32
CA LEU D 298 0.66 -9.74 -6.07
C LEU D 298 1.31 -8.67 -6.95
N LEU D 299 2.00 -7.70 -6.35
CA LEU D 299 2.80 -6.76 -7.13
C LEU D 299 4.24 -7.24 -7.07
N ILE D 300 4.79 -7.51 -8.23
CA ILE D 300 6.15 -8.04 -8.34
C ILE D 300 7.02 -7.06 -9.10
N LYS D 301 7.97 -6.42 -8.41
CA LYS D 301 8.79 -5.39 -9.04
C LYS D 301 9.51 -6.00 -10.24
N GLU D 302 10.17 -7.13 -10.03
CA GLU D 302 10.86 -7.82 -11.11
C GLU D 302 10.10 -9.07 -11.50
N PRO D 303 9.42 -9.06 -12.66
CA PRO D 303 8.60 -10.23 -13.02
C PRO D 303 9.44 -11.48 -13.06
N PRO D 304 8.88 -12.65 -12.69
CA PRO D 304 9.67 -13.88 -12.73
C PRO D 304 9.80 -14.43 -14.12
N LYS D 305 11.00 -14.87 -14.53
CA LYS D 305 11.14 -15.76 -15.70
C LYS D 305 11.18 -17.24 -15.25
N ARG D 306 11.39 -17.44 -13.95
CA ARG D 306 11.45 -18.76 -13.32
C ARG D 306 10.74 -18.69 -11.99
N VAL D 307 9.84 -19.63 -11.73
CA VAL D 307 9.05 -19.60 -10.50
C VAL D 307 9.28 -20.87 -9.71
N GLY D 308 9.48 -20.68 -8.41
CA GLY D 308 9.71 -21.79 -7.51
C GLY D 308 8.49 -22.13 -6.72
N ILE D 309 8.19 -23.42 -6.62
CA ILE D 309 7.08 -23.91 -5.81
C ILE D 309 7.61 -24.84 -4.71
N PHE D 310 7.21 -24.54 -3.48
CA PHE D 310 7.69 -25.25 -2.28
C PHE D 310 6.51 -25.74 -1.43
N VAL D 311 6.35 -27.04 -1.34
CA VAL D 311 5.33 -27.64 -0.48
C VAL D 311 5.95 -28.10 0.81
N ASP D 312 5.41 -27.62 1.92
CA ASP D 312 5.87 -28.06 3.24
C ASP D 312 4.69 -28.73 3.92
N TYR D 313 4.68 -30.05 3.82
CA TYR D 313 3.54 -30.83 4.25
C TYR D 313 3.42 -30.87 5.78
N ARG D 314 4.52 -30.73 6.51
CA ARG D 314 4.46 -30.82 7.97
C ARG D 314 3.62 -29.67 8.54
N VAL D 315 3.91 -28.45 8.11
CA VAL D 315 3.23 -27.23 8.59
C VAL D 315 2.06 -26.78 7.69
N GLY D 316 1.74 -27.56 6.67
CA GLY D 316 0.61 -27.29 5.79
C GLY D 316 0.72 -26.00 5.00
N SER D 317 1.91 -25.65 4.53
CA SER D 317 2.13 -24.40 3.79
C SER D 317 2.59 -24.63 2.38
N ILE D 318 2.30 -23.70 1.47
CA ILE D 318 2.83 -23.78 0.11
C ILE D 318 3.33 -22.40 -0.22
N SER D 319 4.61 -22.32 -0.57
CA SER D 319 5.27 -21.04 -0.77
C SER D 319 5.72 -20.98 -2.19
N PHE D 320 5.80 -19.75 -2.69
CA PHE D 320 6.15 -19.47 -4.09
C PHE D 320 7.33 -18.51 -4.15
N TYR D 321 8.25 -18.73 -5.10
CA TYR D 321 9.47 -17.95 -5.19
C TYR D 321 9.69 -17.34 -6.58
N ASN D 322 10.20 -16.13 -6.58
CA ASN D 322 10.72 -15.49 -7.76
C ASN D 322 12.18 -15.90 -7.86
N VAL D 323 12.44 -16.94 -8.64
CA VAL D 323 13.76 -17.51 -8.69
C VAL D 323 14.68 -16.50 -9.33
N THR D 324 14.16 -15.83 -10.37
CA THR D 324 14.92 -14.83 -11.12
C THR D 324 15.48 -13.74 -10.21
N ALA D 325 14.62 -13.23 -9.32
CA ALA D 325 14.99 -12.14 -8.43
C ALA D 325 15.42 -12.64 -7.05
N ARG D 326 15.33 -13.96 -6.86
CA ARG D 326 15.63 -14.61 -5.58
C ARG D 326 14.84 -14.00 -4.43
N SER D 327 13.52 -14.02 -4.56
CA SER D 327 12.64 -13.37 -3.60
C SER D 327 11.38 -14.19 -3.40
N HIS D 328 10.69 -13.88 -2.31
CA HIS D 328 9.42 -14.53 -1.99
C HIS D 328 8.30 -13.87 -2.79
N ILE D 329 7.39 -14.68 -3.31
CA ILE D 329 6.20 -14.19 -3.98
C ILE D 329 5.01 -14.32 -3.05
N TYR D 330 4.75 -15.53 -2.55
CA TYR D 330 3.55 -15.72 -1.75
C TYR D 330 3.57 -17.04 -0.99
N THR D 331 2.91 -17.07 0.15
CA THR D 331 2.74 -18.29 0.91
C THR D 331 1.29 -18.50 1.36
N PHE D 332 0.75 -19.68 1.03
CA PHE D 332 -0.47 -20.20 1.65
C PHE D 332 0.01 -20.83 2.95
N ALA D 333 -0.49 -20.37 4.08
CA ALA D 333 -0.04 -20.85 5.39
C ALA D 333 -1.03 -21.76 6.13
N SER D 334 -0.46 -22.72 6.86
CA SER D 334 -1.19 -23.61 7.76
C SER D 334 -2.59 -24.06 7.28
N CYS D 335 -2.65 -24.57 6.05
CA CYS D 335 -3.82 -25.21 5.49
C CYS D 335 -3.89 -26.61 6.08
N SER D 336 -5.07 -27.19 6.20
CA SER D 336 -5.18 -28.59 6.64
C SER D 336 -5.11 -29.58 5.45
N PHE D 337 -3.89 -29.96 5.06
CA PHE D 337 -3.73 -30.87 3.94
C PHE D 337 -4.29 -32.23 4.29
N SER D 338 -5.22 -32.70 3.48
CA SER D 338 -5.83 -34.00 3.68
C SER D 338 -5.51 -34.88 2.47
N GLY D 339 -4.59 -35.82 2.66
CA GLY D 339 -4.21 -36.72 1.59
C GLY D 339 -3.15 -36.20 0.64
N PRO D 340 -2.91 -36.95 -0.42
CA PRO D 340 -1.84 -36.56 -1.35
C PRO D 340 -2.04 -35.25 -2.08
N LEU D 341 -0.94 -34.51 -2.27
CA LEU D 341 -0.87 -33.34 -3.17
C LEU D 341 -0.06 -33.68 -4.40
N GLN D 342 -0.24 -32.92 -5.47
CA GLN D 342 0.65 -33.04 -6.62
C GLN D 342 0.78 -31.70 -7.32
N PRO D 343 1.80 -31.55 -8.17
CA PRO D 343 1.95 -30.31 -8.93
C PRO D 343 0.87 -30.12 -9.99
N ILE D 344 0.60 -28.83 -10.25
CA ILE D 344 -0.33 -28.43 -11.29
C ILE D 344 0.21 -27.27 -12.13
N PHE D 345 -0.12 -27.36 -13.42
CA PHE D 345 0.39 -26.46 -14.45
C PHE D 345 -0.71 -26.05 -15.42
N SER D 346 -0.70 -24.78 -15.81
CA SER D 346 -1.40 -24.31 -16.98
C SER D 346 -0.54 -23.32 -17.72
N PRO D 347 -0.42 -23.51 -19.05
CA PRO D 347 0.29 -22.58 -19.92
C PRO D 347 -0.58 -21.40 -20.36
N GLY D 348 -1.83 -21.31 -19.87
CA GLY D 348 -2.67 -20.22 -20.28
C GLY D 348 -3.10 -20.38 -21.73
N THR D 349 -3.79 -19.37 -22.23
CA THR D 349 -4.28 -19.36 -23.59
C THR D 349 -3.25 -18.80 -24.55
N ARG D 350 -3.52 -18.93 -25.84
CA ARG D 350 -2.54 -18.54 -26.84
C ARG D 350 -2.37 -17.04 -26.96
N ASP D 351 -3.41 -16.27 -26.66
CA ASP D 351 -3.33 -14.82 -26.70
C ASP D 351 -2.78 -14.32 -28.01
N GLY D 352 -3.39 -14.73 -29.10
CA GLY D 352 -2.79 -14.50 -30.40
C GLY D 352 -1.51 -15.28 -30.41
N GLY D 353 -0.40 -14.66 -30.71
CA GLY D 353 0.87 -15.35 -30.65
C GLY D 353 1.64 -15.06 -29.40
N LYS D 354 1.09 -14.24 -28.54
CA LYS D 354 1.82 -13.74 -27.38
C LYS D 354 2.24 -14.79 -26.35
N ASN D 355 1.39 -15.77 -26.10
CA ASN D 355 1.55 -16.65 -24.95
C ASN D 355 1.62 -18.12 -25.35
N THR D 356 2.13 -18.36 -26.56
CA THR D 356 2.23 -19.71 -27.11
C THR D 356 3.42 -20.53 -26.57
N ALA D 357 4.41 -19.86 -25.98
CA ALA D 357 5.57 -20.58 -25.48
C ALA D 357 5.15 -21.54 -24.36
N PRO D 358 5.88 -22.65 -24.21
CA PRO D 358 5.56 -23.69 -23.22
C PRO D 358 6.00 -23.35 -21.81
N LEU D 359 5.48 -24.06 -20.81
CA LEU D 359 6.04 -24.04 -19.45
C LEU D 359 7.12 -25.09 -19.44
N THR D 360 8.25 -24.84 -18.78
CA THR D 360 9.25 -25.89 -18.69
C THR D 360 9.69 -26.14 -17.27
N ILE D 361 9.47 -27.37 -16.79
CA ILE D 361 10.02 -27.83 -15.52
C ILE D 361 11.53 -27.86 -15.67
N CYS D 362 12.22 -27.14 -14.80
CA CYS D 362 13.67 -27.03 -14.87
C CYS D 362 14.26 -27.51 -13.57
N PRO D 363 15.35 -28.30 -13.64
CA PRO D 363 16.06 -28.77 -12.45
C PRO D 363 16.86 -27.64 -11.81
N VAL D 364 17.04 -27.66 -10.51
CA VAL D 364 17.95 -26.72 -9.84
C VAL D 364 19.43 -27.14 -9.91
N GLY D 365 20.31 -26.15 -9.95
CA GLY D 365 21.74 -26.40 -9.96
C GLY D 365 22.17 -26.79 -8.56
N GLY D 366 22.64 -28.03 -8.47
CA GLY D 366 23.07 -28.66 -7.22
C GLY D 366 22.33 -29.98 -7.05
N GLN D 367 21.38 -30.20 -7.95
CA GLN D 367 20.55 -31.38 -7.90
C GLN D 367 21.30 -32.45 -8.62
N GLY D 368 21.27 -33.69 -8.12
CA GLY D 368 21.83 -34.79 -8.89
C GLY D 368 21.19 -34.87 -10.27
N PRO D 369 21.92 -35.46 -11.24
CA PRO D 369 21.23 -35.91 -12.45
C PRO D 369 20.39 -37.13 -12.09
N ASP D 370 19.14 -37.19 -12.54
CA ASP D 370 18.33 -38.33 -12.17
C ASP D 370 18.13 -39.30 -13.31
N ALA D 371 18.32 -40.57 -12.93
CA ALA D 371 18.15 -41.68 -13.82
C ALA D 371 17.25 -42.70 -13.11
N LEU D 372 16.26 -43.22 -13.82
CA LEU D 372 15.44 -42.48 -14.80
C LEU D 372 14.02 -42.34 -14.27
N GLU D 373 13.53 -41.10 -14.24
CA GLU D 373 12.24 -40.72 -13.66
C GLU D 373 10.93 -40.99 -14.38
N VAL D 374 10.96 -40.85 -15.70
CA VAL D 374 9.78 -41.10 -16.50
C VAL D 374 9.30 -42.55 -16.27
N LEU D 375 10.16 -43.39 -15.68
CA LEU D 375 9.88 -44.82 -15.44
C LEU D 375 9.32 -45.11 -14.03
N PHE D 376 8.89 -44.07 -13.32
CA PHE D 376 8.22 -44.23 -12.02
C PHE D 376 6.76 -43.85 -12.10
N GLN D 377 6.33 -43.15 -13.14
CA GLN D 377 4.93 -42.72 -13.20
C GLN D 377 4.14 -43.80 -13.95
C ACE E 1 -45.23 -40.27 -23.58
O ACE E 1 -45.14 -39.79 -24.73
CH3 ACE E 1 -45.30 -41.74 -23.27
N SER E 2 -45.28 -39.44 -22.46
CA SER E 2 -45.23 -38.01 -22.48
C SER E 2 -43.79 -37.53 -22.64
N GLU E 3 -43.64 -36.29 -23.07
CA GLU E 3 -42.35 -35.77 -23.46
C GLU E 3 -41.35 -35.78 -22.30
N VAL E 4 -41.80 -35.44 -21.09
CA VAL E 4 -40.89 -35.44 -19.94
C VAL E 4 -40.45 -36.83 -19.53
N ALA E 5 -41.32 -37.81 -19.68
CA ALA E 5 -40.93 -39.16 -19.38
C ALA E 5 -39.80 -39.58 -20.35
N LEU E 6 -40.01 -39.32 -21.63
CA LEU E 6 -39.01 -39.62 -22.64
C LEU E 6 -37.69 -38.94 -22.33
N GLU E 7 -37.75 -37.66 -21.99
CA GLU E 7 -36.56 -36.91 -21.62
C GLU E 7 -35.86 -37.60 -20.42
N HIS E 8 -36.66 -38.01 -19.43
CA HIS E 8 -36.09 -38.71 -18.28
C HIS E 8 -35.35 -39.99 -18.71
N LYS E 9 -36.00 -40.79 -19.55
CA LYS E 9 -35.41 -42.04 -19.97
C LYS E 9 -34.11 -41.84 -20.79
N LYS E 10 -34.12 -40.84 -21.66
CA LYS E 10 -32.91 -40.46 -22.35
C LYS E 10 -31.81 -40.11 -21.33
N LYS E 11 -32.12 -39.23 -20.38
CA LYS E 11 -31.11 -38.86 -19.40
C LYS E 11 -30.57 -40.05 -18.56
N ILE E 12 -31.46 -41.00 -18.23
CA ILE E 12 -31.05 -42.20 -17.55
C ILE E 12 -30.01 -42.97 -18.39
N GLN E 13 -30.32 -43.20 -19.67
CA GLN E 13 -29.39 -43.85 -20.59
C GLN E 13 -28.04 -43.15 -20.74
N LYS E 14 -28.10 -41.83 -20.92
CA LYS E 14 -26.88 -41.04 -20.98
C LYS E 14 -25.99 -41.24 -19.74
N GLN E 15 -26.58 -41.10 -18.57
CA GLN E 15 -25.82 -41.24 -17.36
C GLN E 15 -25.34 -42.66 -17.16
N LEU E 16 -26.14 -43.63 -17.60
CA LEU E 16 -25.67 -45.02 -17.51
C LEU E 16 -24.40 -45.20 -18.34
N GLU E 17 -24.38 -44.73 -19.59
CA GLU E 17 -23.14 -44.81 -20.35
C GLU E 17 -22.01 -44.11 -19.66
N HIS E 18 -22.29 -42.91 -19.13
CA HIS E 18 -21.28 -42.19 -18.38
C HIS E 18 -20.66 -43.07 -17.28
N LEU E 19 -21.53 -43.64 -16.45
CA LEU E 19 -21.05 -44.39 -15.29
C LEU E 19 -20.25 -45.60 -15.74
N LYS E 20 -20.73 -46.29 -16.76
CA LYS E 20 -19.99 -47.43 -17.28
C LYS E 20 -18.61 -47.04 -17.82
N LYS E 21 -18.53 -45.96 -18.57
CA LYS E 21 -17.25 -45.44 -19.00
C LYS E 21 -16.31 -45.14 -17.79
N LEU E 22 -16.84 -44.45 -16.78
CA LEU E 22 -16.05 -44.25 -15.58
C LEU E 22 -15.59 -45.58 -14.94
N ARG E 23 -16.46 -46.58 -14.94
CA ARG E 23 -16.19 -47.90 -14.38
C ARG E 23 -15.01 -48.60 -15.10
N LYS E 24 -15.07 -48.62 -16.43
CA LYS E 24 -13.99 -49.17 -17.22
C LYS E 24 -12.67 -48.46 -16.86
N SER E 25 -12.66 -47.12 -16.86
CA SER E 25 -11.44 -46.41 -16.50
C SER E 25 -10.97 -46.81 -15.10
N GLY E 26 -11.89 -46.87 -14.14
CA GLY E 26 -11.55 -47.30 -12.80
C GLY E 26 -10.84 -48.65 -12.76
N GLU E 27 -11.40 -49.64 -13.47
CA GLU E 27 -10.83 -50.98 -13.58
C GLU E 27 -9.40 -50.98 -14.15
N GLU E 28 -9.19 -50.24 -15.24
CA GLU E 28 -7.86 -50.05 -15.83
C GLU E 28 -6.88 -49.45 -14.83
N GLN E 29 -7.30 -48.39 -14.13
CA GLN E 29 -6.41 -47.70 -13.20
C GLN E 29 -6.04 -48.58 -12.02
N ARG E 30 -7.00 -49.34 -11.53
CA ARG E 30 -6.78 -50.27 -10.43
C ARG E 30 -5.65 -51.25 -10.77
N SER E 31 -5.80 -51.83 -11.96
CA SER E 31 -4.83 -52.76 -12.49
C SER E 31 -3.48 -52.14 -12.72
N TYR E 32 -3.47 -50.95 -13.31
CA TYR E 32 -2.21 -50.26 -13.56
C TYR E 32 -1.50 -50.00 -12.25
N GLY E 33 -2.28 -49.57 -11.27
CA GLY E 33 -1.76 -49.32 -9.95
C GLY E 33 -1.06 -50.51 -9.35
N GLU E 34 -1.79 -51.64 -9.32
CA GLU E 34 -1.25 -52.88 -8.80
C GLU E 34 0.05 -53.27 -9.53
N GLU E 35 -0.01 -53.32 -10.86
CA GLU E 35 1.19 -53.64 -11.66
C GLU E 35 2.39 -52.77 -11.32
N LYS E 36 2.14 -51.47 -11.22
CA LYS E 36 3.24 -50.56 -10.95
C LYS E 36 3.86 -50.86 -9.60
N ALA E 37 3.01 -51.07 -8.59
CA ALA E 37 3.49 -51.44 -7.25
C ALA E 37 4.34 -52.72 -7.35
N VAL E 38 3.79 -53.71 -8.04
CA VAL E 38 4.48 -54.98 -8.23
C VAL E 38 5.85 -54.77 -8.91
N SER E 39 5.93 -53.96 -9.96
CA SER E 39 7.22 -53.73 -10.63
C SER E 39 8.22 -53.11 -9.66
N PHE E 40 7.76 -52.18 -8.81
CA PHE E 40 8.64 -51.67 -7.76
C PHE E 40 9.16 -52.77 -6.86
N LEU E 41 8.24 -53.58 -6.36
CA LEU E 41 8.61 -54.68 -5.49
C LEU E 41 9.57 -55.70 -6.17
N LYS E 42 9.27 -56.04 -7.41
CA LYS E 42 10.10 -56.97 -8.14
C LYS E 42 11.52 -56.35 -8.25
N GLN E 43 11.57 -55.05 -8.55
CA GLN E 43 12.85 -54.32 -8.58
C GLN E 43 13.66 -54.48 -7.28
N THR E 44 13.01 -54.22 -6.14
CA THR E 44 13.76 -54.39 -4.89
C THR E 44 14.31 -55.81 -4.74
N GLU E 45 13.47 -56.81 -4.99
CA GLU E 45 13.93 -58.19 -4.85
C GLU E 45 15.13 -58.50 -5.73
N ALA E 46 15.09 -58.05 -6.99
CA ALA E 46 16.21 -58.26 -7.88
C ALA E 46 17.49 -57.70 -7.24
N LEU E 47 17.39 -56.47 -6.71
CA LEU E 47 18.53 -55.93 -5.99
C LEU E 47 18.99 -56.86 -4.87
N LYS E 48 18.05 -57.28 -4.03
CA LYS E 48 18.35 -58.13 -2.89
C LYS E 48 19.17 -59.34 -3.31
N GLN E 49 18.65 -60.08 -4.27
CA GLN E 49 19.28 -61.30 -4.72
C GLN E 49 20.68 -61.08 -5.31
N ARG E 50 20.83 -60.06 -6.14
CA ARG E 50 22.14 -59.78 -6.70
C ARG E 50 23.17 -59.48 -5.57
N VAL E 51 22.80 -58.59 -4.65
CA VAL E 51 23.72 -58.25 -3.55
C VAL E 51 24.02 -59.42 -2.63
N GLN E 52 22.99 -60.17 -2.27
CA GLN E 52 23.23 -61.31 -1.41
C GLN E 52 24.12 -62.38 -2.07
N ARG E 53 23.93 -62.69 -3.37
CA ARG E 53 24.87 -63.61 -4.05
C ARG E 53 26.31 -63.08 -3.93
N LYS E 54 26.52 -61.81 -4.31
CA LYS E 54 27.90 -61.27 -4.21
C LYS E 54 28.48 -61.41 -2.79
N LEU E 55 27.68 -61.10 -1.77
CA LEU E 55 28.21 -61.29 -0.42
C LEU E 55 28.50 -62.74 -0.11
N GLU E 56 27.58 -63.65 -0.41
CA GLU E 56 27.82 -65.05 -0.11
C GLU E 56 29.15 -65.49 -0.71
N GLN E 57 29.40 -65.05 -1.94
CA GLN E 57 30.67 -65.34 -2.59
C GLN E 57 31.84 -64.77 -1.77
N VAL E 58 31.77 -63.50 -1.35
CA VAL E 58 32.82 -62.96 -0.47
C VAL E 58 32.98 -63.75 0.85
N TYR E 59 31.91 -63.98 1.61
CA TYR E 59 32.05 -64.67 2.89
C TYR E 59 32.75 -66.00 2.65
N TYR E 60 32.32 -66.71 1.61
CA TYR E 60 32.96 -67.97 1.24
C TYR E 60 34.48 -67.74 1.04
N PHE E 61 34.81 -66.73 0.26
CA PHE E 61 36.22 -66.35 0.01
C PHE E 61 37.07 -66.17 1.27
N LEU E 62 36.61 -65.30 2.17
CA LEU E 62 37.37 -65.02 3.38
C LEU E 62 37.49 -66.28 4.22
N GLU E 63 36.40 -67.04 4.30
CA GLU E 63 36.44 -68.30 5.04
C GLU E 63 37.48 -69.29 4.50
N GLN E 64 37.53 -69.48 3.18
CA GLN E 64 38.55 -70.32 2.55
C GLN E 64 39.93 -69.87 2.92
N GLN E 65 40.12 -68.57 2.82
CA GLN E 65 41.36 -67.96 3.20
C GLN E 65 41.74 -68.23 4.66
N GLU E 66 40.79 -68.05 5.58
CA GLU E 66 41.05 -68.37 6.97
C GLU E 66 41.45 -69.81 7.15
N HIS E 67 40.72 -70.73 6.54
CA HIS E 67 41.08 -72.14 6.73
C HIS E 67 42.49 -72.47 6.21
N PHE E 68 42.81 -72.10 4.96
CA PHE E 68 44.16 -72.39 4.46
C PHE E 68 45.19 -71.74 5.40
N PHE E 69 44.92 -70.49 5.77
CA PHE E 69 45.83 -69.79 6.65
C PHE E 69 46.05 -70.50 7.99
N VAL E 70 44.98 -70.79 8.73
CA VAL E 70 45.15 -71.45 10.02
C VAL E 70 45.79 -72.84 9.89
N ALA E 71 45.46 -73.58 8.83
CA ALA E 71 46.13 -74.87 8.58
C ALA E 71 47.63 -74.67 8.48
N SER E 72 48.01 -73.63 7.74
CA SER E 72 49.41 -73.23 7.65
C SER E 72 50.01 -72.91 9.03
N LEU E 73 49.31 -72.13 9.86
CA LEU E 73 49.81 -71.92 11.24
C LEU E 73 49.99 -73.19 12.04
N GLU E 74 49.02 -74.10 12.02
CA GLU E 74 49.20 -75.36 12.76
C GLU E 74 50.44 -76.09 12.23
N ASP E 75 50.67 -76.07 10.90
CA ASP E 75 51.91 -76.62 10.34
C ASP E 75 53.15 -76.00 11.03
N VAL E 76 53.25 -74.68 11.05
CA VAL E 76 54.39 -74.03 11.72
C VAL E 76 54.48 -74.45 13.19
N GLY E 77 53.39 -74.31 13.93
CA GLY E 77 53.41 -74.71 15.32
C GLY E 77 53.88 -76.14 15.55
N GLN E 78 53.36 -77.10 14.78
CA GLN E 78 53.75 -78.49 14.95
C GLN E 78 55.25 -78.66 14.71
N MET E 79 55.72 -78.14 13.57
CA MET E 79 57.14 -78.22 13.27
C MET E 79 58.01 -77.65 14.41
N VAL E 80 57.74 -76.40 14.79
CA VAL E 80 58.56 -75.74 15.80
C VAL E 80 58.55 -76.53 17.09
N GLY E 81 57.36 -76.98 17.49
CA GLY E 81 57.22 -77.80 18.68
C GLY E 81 58.14 -79.00 18.60
N GLN E 82 58.07 -79.71 17.48
CA GLN E 82 58.85 -80.93 17.29
C GLN E 82 60.38 -80.68 17.40
N ILE E 83 60.86 -79.70 16.64
CA ILE E 83 62.28 -79.35 16.64
C ILE E 83 62.72 -78.95 18.06
N ARG E 84 61.90 -78.16 18.72
CA ARG E 84 62.13 -77.77 20.11
C ARG E 84 62.36 -78.98 21.03
N LYS E 85 61.41 -79.93 21.04
CA LYS E 85 61.53 -81.07 21.95
C LYS E 85 62.75 -81.90 21.64
N ALA E 86 62.95 -82.23 20.36
CA ALA E 86 64.08 -83.06 19.99
C ALA E 86 65.39 -82.38 20.42
N TYR E 87 65.52 -81.07 20.13
CA TYR E 87 66.75 -80.37 20.52
C TYR E 87 66.94 -80.45 22.02
N ASP E 88 65.90 -80.12 22.78
CA ASP E 88 66.02 -80.19 24.23
C ASP E 88 66.50 -81.56 24.71
N THR E 89 65.90 -82.61 24.17
CA THR E 89 66.29 -83.95 24.55
C THR E 89 67.78 -84.20 24.29
N ARG E 90 68.23 -83.95 23.06
CA ARG E 90 69.65 -84.16 22.73
C ARG E 90 70.61 -83.35 23.59
N VAL E 91 70.39 -82.05 23.65
CA VAL E 91 71.33 -81.20 24.33
C VAL E 91 71.36 -81.59 25.80
N SER E 92 70.20 -81.97 26.33
CA SER E 92 70.09 -82.42 27.71
C SER E 92 70.89 -83.72 27.96
N GLN E 93 70.85 -84.66 27.01
CA GLN E 93 71.69 -85.86 27.08
C GLN E 93 73.18 -85.50 27.12
N ASP E 94 73.58 -84.60 26.21
CA ASP E 94 74.95 -84.11 26.22
C ASP E 94 75.32 -83.55 27.61
N ILE E 95 74.46 -82.68 28.13
CA ILE E 95 74.75 -82.08 29.42
C ILE E 95 74.86 -83.14 30.51
N ALA E 96 73.97 -84.13 30.48
CA ALA E 96 73.98 -85.18 31.48
C ALA E 96 75.32 -85.92 31.46
N LEU E 97 75.78 -86.24 30.25
CA LEU E 97 77.07 -86.89 30.09
C LEU E 97 78.13 -86.05 30.80
N LEU E 98 78.14 -84.74 30.51
CA LEU E 98 79.09 -83.87 31.18
C LEU E 98 78.95 -83.94 32.73
N ASP E 99 77.73 -83.94 33.23
CA ASP E 99 77.55 -83.97 34.68
C ASP E 99 78.16 -85.25 35.25
N ALA E 100 77.95 -86.36 34.55
CA ALA E 100 78.48 -87.65 35.00
C ALA E 100 80.03 -87.67 35.05
N LEU E 101 80.68 -87.18 34.00
CA LEU E 101 82.13 -87.10 34.06
C LEU E 101 82.63 -86.19 35.17
N ILE E 102 82.00 -85.03 35.34
CA ILE E 102 82.36 -84.18 36.46
C ILE E 102 82.24 -85.01 37.74
N GLY E 103 81.17 -85.76 37.90
CA GLY E 103 81.04 -86.62 39.08
C GLY E 103 82.24 -87.54 39.31
N GLU E 104 82.62 -88.28 38.28
CA GLU E 104 83.75 -89.18 38.37
C GLU E 104 85.02 -88.44 38.83
N LEU E 105 85.33 -87.36 38.14
CA LEU E 105 86.54 -86.62 38.44
C LEU E 105 86.49 -86.10 39.85
N GLU E 106 85.33 -85.62 40.28
CA GLU E 106 85.20 -85.10 41.63
C GLU E 106 85.44 -86.19 42.64
N ALA E 107 84.96 -87.39 42.37
CA ALA E 107 85.19 -88.47 43.29
C ALA E 107 86.70 -88.76 43.40
N LYS E 108 87.41 -88.65 42.30
CA LYS E 108 88.85 -88.96 42.32
C LYS E 108 89.63 -88.11 43.34
N GLU E 109 89.23 -86.86 43.52
CA GLU E 109 90.04 -85.96 44.33
C GLU E 109 90.17 -86.40 45.78
N CYS E 110 89.09 -86.90 46.37
CA CYS E 110 89.13 -87.34 47.75
C CYS E 110 90.06 -88.53 47.99
N GLN E 111 90.21 -89.39 47.00
CA GLN E 111 90.89 -90.68 47.14
C GLN E 111 92.39 -90.67 47.39
N SER E 112 92.87 -91.77 47.95
CA SER E 112 94.30 -92.06 48.12
C SER E 112 95.01 -92.22 46.78
N GLU E 113 96.33 -92.06 46.80
CA GLU E 113 97.12 -92.17 45.57
C GLU E 113 96.82 -93.47 44.80
N TRP E 114 96.82 -94.58 45.52
CA TRP E 114 96.59 -95.86 44.87
C TRP E 114 95.21 -96.00 44.26
N GLU E 115 94.15 -95.79 45.04
CA GLU E 115 92.79 -95.89 44.48
C GLU E 115 92.63 -94.84 43.38
N LEU E 116 93.26 -93.68 43.54
CA LEU E 116 93.19 -92.66 42.53
C LEU E 116 93.76 -93.11 41.19
N LEU E 117 94.92 -93.74 41.22
CA LEU E 117 95.55 -94.17 39.97
C LEU E 117 94.80 -95.26 39.18
N GLN E 118 93.87 -95.99 39.81
CA GLN E 118 93.31 -97.16 39.14
C GLN E 118 92.55 -96.95 37.82
N ASP E 119 91.76 -95.90 37.70
CA ASP E 119 90.95 -95.74 36.50
C ASP E 119 91.18 -94.39 35.88
N ILE E 120 92.18 -93.67 36.37
CA ILE E 120 92.31 -92.27 36.04
C ILE E 120 92.60 -92.00 34.54
N GLY E 121 93.40 -92.84 33.92
CA GLY E 121 93.73 -92.65 32.51
C GLY E 121 92.50 -92.63 31.62
N ASP E 122 91.49 -93.41 32.01
CA ASP E 122 90.30 -93.61 31.23
C ASP E 122 89.32 -92.47 31.48
N ILE E 123 89.11 -92.11 32.74
CA ILE E 123 88.25 -90.99 33.07
C ILE E 123 88.79 -89.75 32.37
N LEU E 124 90.09 -89.53 32.52
CA LEU E 124 90.72 -88.37 31.92
C LEU E 124 90.60 -88.42 30.41
N HIS E 125 90.83 -89.58 29.81
CA HIS E 125 90.69 -89.69 28.36
C HIS E 125 89.27 -89.35 27.87
N ARG E 126 88.27 -89.91 28.55
CA ARG E 126 86.88 -89.69 28.19
C ARG E 126 86.55 -88.22 28.39
N ALA E 127 87.14 -87.60 29.40
CA ALA E 127 86.99 -86.15 29.60
C ALA E 127 87.63 -85.35 28.47
N LYS E 128 88.85 -85.71 28.10
CA LYS E 128 89.56 -85.03 27.03
C LYS E 128 88.76 -85.11 25.73
N THR E 129 87.99 -86.19 25.58
CA THR E 129 87.32 -86.45 24.31
C THR E 129 85.78 -86.28 24.31
N VAL E 130 85.16 -85.80 25.38
CA VAL E 130 83.70 -85.68 25.39
C VAL E 130 83.32 -84.56 24.42
N PRO E 131 82.32 -84.82 23.58
CA PRO E 131 81.93 -83.79 22.60
C PRO E 131 81.32 -82.55 23.27
N VAL E 132 81.49 -81.43 22.59
CA VAL E 132 80.84 -80.19 22.97
C VAL E 132 79.31 -80.36 22.83
N PRO E 133 78.53 -79.84 23.80
CA PRO E 133 77.07 -79.92 23.65
C PRO E 133 76.59 -79.31 22.33
N GLU E 134 75.61 -79.94 21.69
CA GLU E 134 75.05 -79.44 20.43
C GLU E 134 74.61 -77.97 20.52
N LYS E 135 75.11 -77.17 19.58
CA LYS E 135 74.77 -75.77 19.44
C LYS E 135 73.44 -75.66 18.73
N TRP E 136 72.58 -74.79 19.24
CA TRP E 136 71.36 -74.47 18.53
C TRP E 136 71.65 -73.80 17.20
N THR E 137 71.03 -74.31 16.15
CA THR E 137 71.03 -73.66 14.84
C THR E 137 69.61 -73.60 14.28
N THR E 138 69.11 -72.42 13.99
CA THR E 138 67.75 -72.32 13.48
C THR E 138 67.64 -72.95 12.09
N PRO E 139 66.75 -73.93 11.92
CA PRO E 139 66.60 -74.53 10.60
C PRO E 139 65.86 -73.67 9.57
N GLN E 140 66.33 -73.77 8.33
CA GLN E 140 65.76 -73.04 7.22
C GLN E 140 64.26 -73.28 7.11
N GLU E 141 63.82 -74.46 7.48
CA GLU E 141 62.42 -74.83 7.35
C GLU E 141 61.49 -73.95 8.22
N ILE E 142 61.88 -73.72 9.48
CA ILE E 142 61.14 -72.83 10.34
C ILE E 142 61.18 -71.41 9.79
N LYS E 143 62.38 -70.94 9.45
CA LYS E 143 62.51 -69.58 8.98
C LYS E 143 61.60 -69.36 7.75
N GLN E 144 61.63 -70.30 6.81
CA GLN E 144 60.86 -70.22 5.56
C GLN E 144 59.36 -70.13 5.81
N LYS E 145 58.87 -71.05 6.63
CA LYS E 145 57.46 -71.09 6.91
C LYS E 145 56.96 -69.81 7.61
N ILE E 146 57.73 -69.34 8.59
CA ILE E 146 57.37 -68.12 9.28
C ILE E 146 57.40 -66.92 8.33
N GLN E 147 58.44 -66.81 7.49
CA GLN E 147 58.45 -65.71 6.54
C GLN E 147 57.28 -65.74 5.56
N LEU E 148 56.94 -66.92 5.05
CA LEU E 148 55.78 -66.98 4.18
C LEU E 148 54.52 -66.53 4.93
N LEU E 149 54.30 -67.05 6.14
CA LEU E 149 53.15 -66.62 6.91
C LEU E 149 53.10 -65.12 7.17
N HIS E 150 54.22 -64.51 7.53
CA HIS E 150 54.22 -63.07 7.72
C HIS E 150 53.83 -62.38 6.43
N GLN E 151 54.45 -62.82 5.32
CA GLN E 151 54.13 -62.26 4.02
C GLN E 151 52.62 -62.32 3.74
N LYS E 152 52.01 -63.47 4.00
CA LYS E 152 50.59 -63.67 3.80
C LYS E 152 49.78 -62.77 4.72
N SER E 153 50.18 -62.74 5.99
CA SER E 153 49.57 -61.87 6.97
C SER E 153 49.57 -60.38 6.59
N GLU E 154 50.76 -59.83 6.30
CA GLU E 154 50.84 -58.43 5.90
C GLU E 154 50.01 -58.16 4.68
N PHE E 155 50.14 -59.04 3.69
CA PHE E 155 49.33 -58.90 2.49
C PHE E 155 47.84 -58.77 2.81
N VAL E 156 47.32 -59.66 3.64
CA VAL E 156 45.91 -59.64 4.04
C VAL E 156 45.54 -58.33 4.76
N GLU E 157 46.40 -57.94 5.71
CA GLU E 157 46.14 -56.76 6.52
C GLU E 157 46.09 -55.49 5.70
N LYS E 158 47.03 -55.34 4.76
CA LYS E 158 47.08 -54.13 3.97
C LYS E 158 45.77 -54.01 3.19
N SER E 159 45.27 -55.13 2.67
CA SER E 159 43.98 -55.14 1.96
C SER E 159 42.76 -54.91 2.87
N THR E 160 42.70 -55.53 4.06
CA THR E 160 41.54 -55.34 4.95
C THR E 160 41.41 -53.86 5.34
N LYS E 161 42.50 -53.10 5.18
CA LYS E 161 42.43 -51.65 5.34
C LYS E 161 41.33 -51.13 4.40
N TYR E 162 41.18 -51.75 3.23
CA TYR E 162 40.14 -51.36 2.27
C TYR E 162 38.74 -51.24 2.88
N PHE E 163 38.28 -52.31 3.54
CA PHE E 163 36.98 -52.28 4.24
C PHE E 163 37.01 -51.39 5.44
N SER E 164 38.05 -51.63 6.22
CA SER E 164 38.31 -50.92 7.45
C SER E 164 38.34 -49.41 7.24
N GLU E 165 38.79 -48.93 6.08
CA GLU E 165 38.98 -47.49 5.90
C GLU E 165 38.43 -46.80 4.64
N THR E 166 38.74 -47.30 3.44
CA THR E 166 38.28 -46.62 2.23
C THR E 166 36.80 -46.74 2.12
N LEU E 167 36.35 -47.96 2.34
CA LEU E 167 34.97 -48.22 2.31
C LEU E 167 34.23 -47.40 3.34
N ARG E 168 34.74 -47.39 4.56
CA ARG E 168 34.12 -46.55 5.60
C ARG E 168 34.13 -45.07 5.20
N SER E 169 35.21 -44.54 4.63
CA SER E 169 35.21 -43.14 4.17
C SER E 169 34.09 -42.86 3.18
N GLU E 170 33.96 -43.74 2.19
CA GLU E 170 32.92 -43.54 1.18
C GLU E 170 31.51 -43.70 1.76
N MET E 171 31.31 -44.63 2.70
CA MET E 171 29.98 -44.85 3.31
C MET E 171 29.45 -43.57 3.98
N GLU E 172 30.35 -42.69 4.43
CA GLU E 172 29.95 -41.47 5.12
C GLU E 172 29.00 -40.65 4.27
N MET E 173 29.08 -40.89 2.96
CA MET E 173 28.27 -40.19 1.98
C MET E 173 26.77 -40.28 2.26
N PHE E 174 26.38 -41.38 2.90
CA PHE E 174 24.99 -41.65 3.26
C PHE E 174 24.58 -40.93 4.55
N ASN E 175 25.57 -40.45 5.30
CA ASN E 175 25.32 -39.86 6.61
C ASN E 175 25.44 -38.34 6.63
N VAL E 176 25.82 -37.78 5.50
CA VAL E 176 25.86 -36.34 5.31
C VAL E 176 24.92 -35.99 4.17
N PRO E 177 24.51 -34.72 4.07
CA PRO E 177 23.56 -34.30 3.03
C PRO E 177 24.10 -34.39 1.61
N GLU E 178 23.20 -34.49 0.65
CA GLU E 178 23.54 -34.28 -0.76
C GLU E 178 23.98 -32.85 -0.97
N LEU E 179 24.63 -32.60 -2.10
CA LEU E 179 25.14 -31.26 -2.38
C LEU E 179 24.08 -30.16 -2.20
N ILE E 180 22.88 -30.39 -2.73
CA ILE E 180 21.89 -29.32 -2.76
C ILE E 180 21.42 -29.00 -1.35
N GLY E 181 21.41 -30.03 -0.51
CA GLY E 181 21.10 -29.90 0.89
C GLY E 181 22.13 -29.07 1.62
N ALA E 182 23.38 -29.23 1.24
CA ALA E 182 24.47 -28.55 1.90
C ALA E 182 24.47 -27.09 1.47
N GLN E 183 24.16 -26.89 0.20
CA GLN E 183 24.10 -25.57 -0.38
C GLN E 183 23.13 -24.67 0.36
N ALA E 184 22.13 -25.29 1.00
CA ALA E 184 21.17 -24.55 1.80
C ALA E 184 21.83 -23.68 2.87
N HIS E 185 23.03 -24.03 3.27
CA HIS E 185 23.67 -23.38 4.40
C HIS E 185 24.76 -22.45 4.01
N ALA E 186 24.69 -21.97 2.78
CA ALA E 186 25.66 -21.01 2.28
C ALA E 186 25.87 -19.84 3.24
N VAL E 187 27.12 -19.42 3.35
CA VAL E 187 27.48 -18.19 4.02
C VAL E 187 28.45 -17.46 3.14
N ASN E 188 28.52 -16.16 3.36
CA ASN E 188 29.35 -15.34 2.54
C ASN E 188 30.72 -15.38 3.18
N VAL E 189 31.70 -15.83 2.40
CA VAL E 189 33.05 -15.95 2.90
C VAL E 189 33.93 -14.98 2.13
N ILE E 190 34.75 -14.19 2.83
CA ILE E 190 35.78 -13.40 2.15
C ILE E 190 37.18 -13.78 2.65
N LEU E 191 38.20 -13.30 1.95
CA LEU E 191 39.55 -13.61 2.31
C LEU E 191 40.07 -12.59 3.33
N ASP E 192 40.68 -13.10 4.40
CA ASP E 192 41.32 -12.23 5.40
C ASP E 192 42.76 -12.05 4.98
N ALA E 193 43.00 -11.02 4.18
CA ALA E 193 44.29 -10.85 3.56
C ALA E 193 45.44 -10.58 4.52
N GLU E 194 45.13 -10.12 5.74
CA GLU E 194 46.13 -9.79 6.73
C GLU E 194 46.88 -11.07 7.16
N THR E 195 46.23 -12.22 6.96
CA THR E 195 46.81 -13.53 7.30
C THR E 195 47.59 -14.18 6.16
N ALA E 196 47.53 -13.57 4.98
CA ALA E 196 48.03 -14.22 3.79
C ALA E 196 49.55 -14.34 3.77
N TYR E 197 50.02 -15.47 3.24
CA TYR E 197 51.39 -15.65 2.83
C TYR E 197 51.78 -14.42 1.99
N PRO E 198 52.96 -13.84 2.25
CA PRO E 198 53.35 -12.55 1.69
C PRO E 198 53.29 -12.37 0.18
N ASN E 199 53.30 -13.45 -0.60
CA ASN E 199 53.33 -13.37 -2.06
C ASN E 199 51.97 -13.64 -2.72
N LEU E 200 50.94 -13.89 -1.91
CA LEU E 200 49.59 -14.05 -2.46
C LEU E 200 49.06 -12.67 -2.90
N ILE E 201 48.23 -12.68 -3.94
CA ILE E 201 47.65 -11.46 -4.48
C ILE E 201 46.15 -11.62 -4.52
N PHE E 202 45.45 -10.56 -4.12
CA PHE E 202 44.01 -10.63 -3.88
C PHE E 202 43.25 -9.66 -4.76
N SER E 203 42.05 -10.10 -5.15
CA SER E 203 41.13 -9.23 -5.87
C SER E 203 40.57 -8.19 -4.91
N ASP E 204 40.07 -7.12 -5.50
CA ASP E 204 39.46 -6.01 -4.76
C ASP E 204 38.27 -6.46 -3.91
N ASP E 205 37.44 -7.37 -4.42
CA ASP E 205 36.32 -7.88 -3.62
C ASP E 205 36.68 -9.01 -2.66
N LEU E 206 37.97 -9.35 -2.54
CA LEU E 206 38.41 -10.36 -1.58
C LEU E 206 37.71 -11.71 -1.74
N LYS E 207 37.37 -12.06 -2.98
CA LYS E 207 36.78 -13.35 -3.26
C LYS E 207 37.79 -14.23 -4.00
N SER E 208 38.82 -13.59 -4.56
CA SER E 208 39.81 -14.27 -5.38
C SER E 208 41.24 -14.09 -4.84
N VAL E 209 42.05 -15.15 -4.88
CA VAL E 209 43.47 -15.11 -4.46
C VAL E 209 44.36 -15.99 -5.35
N ARG E 210 45.52 -15.46 -5.73
CA ARG E 210 46.47 -16.23 -6.53
C ARG E 210 47.87 -16.03 -5.96
N LEU E 211 48.80 -16.88 -6.40
CA LEU E 211 50.17 -16.75 -5.95
C LEU E 211 50.98 -15.94 -6.97
N GLY E 212 51.47 -14.80 -6.51
CA GLY E 212 52.28 -13.94 -7.34
C GLY E 212 53.72 -14.43 -7.27
N ASN E 213 54.64 -13.71 -7.89
CA ASN E 213 56.04 -14.02 -7.79
C ASN E 213 56.60 -13.54 -6.47
N LYS E 214 57.83 -13.91 -6.17
CA LYS E 214 58.38 -13.68 -4.86
C LYS E 214 58.68 -12.20 -4.69
N TRP E 215 58.88 -11.50 -5.82
CA TRP E 215 59.13 -10.06 -5.77
C TRP E 215 57.83 -9.25 -5.61
N GLU E 216 56.67 -9.91 -5.68
CA GLU E 216 55.35 -9.27 -5.46
C GLU E 216 54.92 -9.51 -4.04
N ARG E 217 55.08 -8.49 -3.19
CA ARG E 217 55.02 -8.64 -1.73
C ARG E 217 54.00 -7.73 -1.04
N LEU E 218 53.17 -8.35 -0.20
CA LEU E 218 52.26 -7.66 0.67
C LEU E 218 53.05 -7.00 1.78
N PRO E 219 52.46 -6.01 2.47
CA PRO E 219 53.16 -5.42 3.62
C PRO E 219 53.35 -6.41 4.76
N ASP E 220 54.52 -6.38 5.37
CA ASP E 220 54.90 -7.34 6.38
C ASP E 220 54.14 -7.14 7.69
N GLY E 221 53.81 -8.24 8.35
CA GLY E 221 53.23 -8.17 9.68
C GLY E 221 53.26 -9.56 10.29
N PRO E 222 53.28 -9.63 11.64
CA PRO E 222 53.34 -10.94 12.31
C PRO E 222 52.21 -11.87 11.96
N GLN E 223 51.02 -11.31 11.67
CA GLN E 223 49.82 -12.13 11.53
C GLN E 223 49.84 -12.94 10.23
N ARG E 224 50.77 -12.63 9.35
CA ARG E 224 50.92 -13.40 8.11
C ARG E 224 51.48 -14.80 8.34
N PHE E 225 51.00 -15.76 7.55
CA PHE E 225 51.60 -17.10 7.54
C PHE E 225 52.80 -17.05 6.62
N ASP E 226 53.95 -16.73 7.19
CA ASP E 226 55.20 -16.60 6.47
C ASP E 226 55.75 -17.92 5.91
N SER E 227 55.48 -19.03 6.59
CA SER E 227 56.14 -20.30 6.28
C SER E 227 55.26 -21.29 5.50
N CYS E 228 54.01 -20.89 5.24
CA CYS E 228 53.06 -21.70 4.46
C CYS E 228 52.32 -20.81 3.46
N ILE E 229 52.06 -21.35 2.26
CA ILE E 229 51.34 -20.63 1.22
C ILE E 229 49.83 -20.75 1.45
N ILE E 230 49.34 -20.07 2.47
CA ILE E 230 47.94 -20.16 2.82
C ILE E 230 47.35 -18.81 3.18
N VAL E 231 46.02 -18.77 3.21
CA VAL E 231 45.29 -17.61 3.69
C VAL E 231 43.99 -18.09 4.33
N LEU E 232 43.59 -17.42 5.40
CA LEU E 232 42.34 -17.78 6.04
C LEU E 232 41.18 -16.94 5.55
N GLY E 233 39.97 -17.44 5.77
CA GLY E 233 38.75 -16.74 5.39
C GLY E 233 37.92 -16.19 6.54
N SER E 234 37.04 -15.23 6.24
CA SER E 234 36.05 -14.75 7.21
C SER E 234 34.67 -15.09 6.76
N PRO E 235 33.78 -15.31 7.72
CA PRO E 235 33.90 -15.30 9.18
C PRO E 235 34.40 -16.63 9.75
N SER E 236 34.61 -16.68 11.05
CA SER E 236 34.80 -17.92 11.78
C SER E 236 33.45 -18.51 12.16
N PHE E 237 33.45 -19.74 12.69
CA PHE E 237 32.24 -20.43 13.11
C PHE E 237 32.38 -21.04 14.48
N LEU E 238 31.34 -20.93 15.28
CA LEU E 238 31.30 -21.50 16.61
C LEU E 238 30.32 -22.64 16.72
N SER E 239 29.57 -22.86 15.67
CA SER E 239 28.40 -23.74 15.74
C SER E 239 27.71 -23.88 14.40
N GLY E 240 26.69 -24.74 14.35
CA GLY E 240 25.80 -24.79 13.20
C GLY E 240 26.30 -25.52 11.96
N ARG E 241 25.58 -25.32 10.85
CA ARG E 241 25.91 -25.92 9.57
C ARG E 241 26.31 -24.79 8.63
N ARG E 242 27.49 -24.92 8.01
CA ARG E 242 28.07 -23.85 7.20
C ARG E 242 28.56 -24.36 5.87
N TYR E 243 28.32 -23.61 4.80
CA TYR E 243 28.70 -24.02 3.47
C TYR E 243 29.26 -22.89 2.66
N TRP E 244 30.30 -23.20 1.87
CA TRP E 244 30.76 -22.26 0.84
C TRP E 244 31.37 -23.02 -0.35
N GLU E 245 31.60 -22.33 -1.47
CA GLU E 245 32.06 -22.93 -2.76
C GLU E 245 33.21 -22.18 -3.38
N VAL E 246 34.14 -22.92 -3.98
CA VAL E 246 35.26 -22.29 -4.65
C VAL E 246 35.47 -22.83 -6.06
N GLU E 247 35.64 -21.92 -7.01
CA GLU E 247 36.03 -22.27 -8.38
C GLU E 247 37.51 -22.57 -8.40
N VAL E 248 37.88 -23.80 -8.77
CA VAL E 248 39.29 -24.19 -8.89
C VAL E 248 39.66 -24.31 -10.36
N GLY E 249 38.66 -24.37 -11.23
CA GLY E 249 38.91 -24.34 -12.66
C GLY E 249 39.90 -25.40 -13.07
N ASP E 250 40.81 -25.05 -13.98
CA ASP E 250 41.81 -25.99 -14.50
C ASP E 250 43.09 -25.95 -13.68
N LYS E 251 42.99 -25.55 -12.42
CA LYS E 251 44.18 -25.51 -11.60
C LYS E 251 44.76 -26.91 -11.37
N THR E 252 46.05 -26.98 -11.08
CA THR E 252 46.72 -28.27 -10.91
C THR E 252 47.05 -28.58 -9.46
N ALA E 253 47.00 -27.57 -8.61
CA ALA E 253 47.31 -27.76 -7.21
C ALA E 253 46.57 -26.78 -6.31
N TRP E 254 46.09 -27.27 -5.17
CA TRP E 254 45.48 -26.37 -4.17
C TRP E 254 45.11 -27.05 -2.88
N ILE E 255 44.74 -26.21 -1.92
CA ILE E 255 44.14 -26.65 -0.67
C ILE E 255 42.84 -25.93 -0.41
N LEU E 256 41.82 -26.72 -0.03
CA LEU E 256 40.56 -26.16 0.47
C LEU E 256 40.11 -26.84 1.72
N GLY E 257 39.65 -26.04 2.68
CA GLY E 257 38.85 -26.62 3.73
C GLY E 257 38.60 -25.71 4.91
N ALA E 258 38.69 -26.33 6.07
CA ALA E 258 38.53 -25.57 7.30
C ALA E 258 39.68 -25.85 8.25
N CYS E 259 39.93 -24.92 9.15
CA CYS E 259 40.95 -25.13 10.17
C CYS E 259 40.56 -24.52 11.51
N LYS E 260 41.24 -24.95 12.58
CA LYS E 260 41.10 -24.27 13.85
C LYS E 260 41.63 -22.84 13.65
N THR E 261 40.94 -21.87 14.22
CA THR E 261 41.34 -20.47 14.15
C THR E 261 42.68 -20.32 14.90
N SER E 262 42.98 -21.29 15.76
CA SER E 262 44.21 -21.25 16.54
C SER E 262 45.41 -21.99 15.90
N ILE E 263 45.34 -22.38 14.62
CA ILE E 263 46.50 -23.02 13.97
C ILE E 263 47.72 -22.12 14.11
N SER E 264 48.87 -22.73 14.29
CA SER E 264 50.14 -22.02 14.47
C SER E 264 50.54 -21.26 13.23
N ARG E 265 51.02 -20.02 13.39
CA ARG E 265 51.44 -19.22 12.25
C ARG E 265 52.89 -19.48 11.90
N LYS E 266 53.57 -20.15 12.82
CA LYS E 266 54.96 -20.61 12.70
C LYS E 266 55.06 -22.08 12.27
N GLY E 267 56.22 -22.49 11.76
CA GLY E 267 56.41 -23.88 11.39
C GLY E 267 56.12 -24.23 9.95
N ASN E 268 56.01 -25.52 9.68
CA ASN E 268 55.87 -26.01 8.32
C ASN E 268 54.45 -26.49 8.00
N MET E 269 54.25 -26.96 6.77
CA MET E 269 52.91 -27.28 6.34
C MET E 269 52.58 -28.74 6.59
N THR E 270 52.51 -29.11 7.87
CA THR E 270 52.03 -30.42 8.27
C THR E 270 50.52 -30.35 8.56
N LEU E 271 49.74 -30.56 7.50
CA LEU E 271 48.28 -30.52 7.51
C LEU E 271 47.58 -31.79 8.02
N SER E 272 46.98 -31.68 9.20
CA SER E 272 46.32 -32.80 9.84
C SER E 272 45.37 -32.33 10.91
N PRO E 273 44.38 -33.16 11.26
CA PRO E 273 43.47 -32.80 12.35
C PRO E 273 44.19 -32.42 13.63
N GLU E 274 45.20 -33.20 13.99
CA GLU E 274 45.90 -32.92 15.21
C GLU E 274 46.47 -31.50 15.22
N ASN E 275 46.88 -31.01 14.06
CA ASN E 275 47.43 -29.66 13.97
C ASN E 275 46.31 -28.67 13.58
N GLY E 276 45.08 -29.17 13.45
CA GLY E 276 43.90 -28.35 13.28
C GLY E 276 43.48 -28.12 11.84
N TYR E 277 43.79 -29.05 10.94
CA TYR E 277 43.46 -28.88 9.52
C TYR E 277 42.53 -30.00 9.07
N TRP E 278 41.43 -29.60 8.43
CA TRP E 278 40.58 -30.55 7.73
C TRP E 278 40.38 -30.01 6.32
N VAL E 279 41.24 -30.48 5.42
CA VAL E 279 41.33 -29.96 4.07
C VAL E 279 41.43 -31.06 3.03
N VAL E 280 41.13 -30.70 1.79
CA VAL E 280 41.42 -31.54 0.65
C VAL E 280 42.48 -30.82 -0.18
N ILE E 281 43.44 -31.62 -0.63
CA ILE E 281 44.59 -31.13 -1.34
C ILE E 281 44.65 -31.74 -2.71
N MET E 282 44.73 -30.87 -3.72
CA MET E 282 45.07 -31.28 -5.07
C MET E 282 46.59 -31.16 -5.24
N MET E 283 47.20 -32.30 -5.57
CA MET E 283 48.66 -32.41 -5.74
C MET E 283 49.12 -32.11 -7.16
N LYS E 284 48.51 -32.82 -8.09
CA LYS E 284 48.73 -32.58 -9.51
C LYS E 284 47.52 -33.12 -10.21
N GLU E 285 47.52 -33.07 -11.54
CA GLU E 285 46.38 -33.56 -12.29
C GLU E 285 46.00 -34.95 -11.86
N ASN E 286 44.73 -35.11 -11.56
CA ASN E 286 44.18 -36.40 -11.17
C ASN E 286 44.77 -36.92 -9.86
N GLU E 287 45.34 -36.06 -9.02
CA GLU E 287 45.81 -36.52 -7.69
C GLU E 287 45.28 -35.66 -6.56
N TYR E 288 44.29 -36.19 -5.86
CA TYR E 288 43.71 -35.52 -4.70
C TYR E 288 43.78 -36.41 -3.48
N GLN E 289 44.02 -35.78 -2.34
CA GLN E 289 43.91 -36.47 -1.07
C GLN E 289 43.30 -35.59 0.02
N ALA E 290 42.73 -36.26 1.02
CA ALA E 290 42.22 -35.61 2.22
C ALA E 290 43.26 -35.70 3.33
N SER E 291 43.36 -34.64 4.15
CA SER E 291 44.44 -34.51 5.15
C SER E 291 44.24 -35.35 6.40
N SER E 292 43.72 -36.55 6.22
CA SER E 292 43.75 -37.52 7.28
C SER E 292 45.20 -37.94 7.55
N VAL E 293 45.41 -38.62 8.67
CA VAL E 293 46.70 -39.22 8.99
C VAL E 293 46.50 -40.72 9.22
N PRO E 294 47.01 -41.56 8.31
CA PRO E 294 47.68 -41.21 7.06
C PRO E 294 46.71 -40.63 6.05
N PRO E 295 47.23 -39.86 5.08
CA PRO E 295 46.42 -39.25 4.03
C PRO E 295 45.52 -40.24 3.30
N THR E 296 44.29 -39.84 3.00
CA THR E 296 43.39 -40.67 2.20
C THR E 296 43.43 -40.19 0.74
N ARG E 297 43.88 -41.07 -0.16
CA ARG E 297 43.90 -40.74 -1.57
C ARG E 297 42.46 -40.89 -2.06
N LEU E 298 42.02 -39.89 -2.80
CA LEU E 298 40.65 -39.79 -3.25
C LEU E 298 40.56 -40.07 -4.74
N LEU E 299 39.75 -41.05 -5.11
CA LEU E 299 39.58 -41.38 -6.51
C LEU E 299 38.37 -40.60 -7.00
N ILE E 300 38.64 -39.68 -7.93
CA ILE E 300 37.64 -38.76 -8.46
C ILE E 300 37.44 -38.97 -9.96
N LYS E 301 36.24 -39.42 -10.31
CA LYS E 301 35.93 -39.77 -11.69
C LYS E 301 36.02 -38.55 -12.63
N GLU E 302 35.27 -37.51 -12.31
CA GLU E 302 35.26 -36.29 -13.10
C GLU E 302 35.96 -35.18 -12.30
N PRO E 303 37.16 -34.75 -12.73
CA PRO E 303 37.87 -33.75 -11.91
C PRO E 303 37.02 -32.48 -11.72
N PRO E 304 37.04 -31.89 -10.51
CA PRO E 304 36.18 -30.72 -10.23
C PRO E 304 36.70 -29.38 -10.72
N LYS E 305 35.83 -28.58 -11.33
CA LYS E 305 36.14 -27.19 -11.63
C LYS E 305 35.67 -26.34 -10.45
N ARG E 306 34.79 -26.91 -9.64
CA ARG E 306 34.19 -26.21 -8.48
C ARG E 306 34.03 -27.12 -7.24
N VAL E 307 34.46 -26.65 -6.07
CA VAL E 307 34.40 -27.49 -4.88
C VAL E 307 33.58 -26.88 -3.76
N GLY E 308 32.76 -27.71 -3.12
CA GLY E 308 31.96 -27.27 -1.98
C GLY E 308 32.51 -27.74 -0.64
N ILE E 309 32.52 -26.83 0.34
CA ILE E 309 32.96 -27.16 1.68
C ILE E 309 31.84 -26.95 2.70
N PHE E 310 31.57 -28.01 3.47
CA PHE E 310 30.45 -28.05 4.42
C PHE E 310 30.87 -28.45 5.83
N VAL E 311 30.75 -27.51 6.76
CA VAL E 311 31.02 -27.77 8.17
C VAL E 311 29.70 -28.05 8.88
N ASP E 312 29.57 -29.18 9.57
CA ASP E 312 28.37 -29.46 10.38
C ASP E 312 28.82 -29.66 11.81
N TYR E 313 28.70 -28.59 12.58
CA TYR E 313 29.32 -28.49 13.88
C TYR E 313 28.63 -29.40 14.90
N ARG E 314 27.35 -29.73 14.74
CA ARG E 314 26.68 -30.60 15.72
C ARG E 314 27.33 -31.97 15.77
N VAL E 315 27.52 -32.57 14.60
CA VAL E 315 28.05 -33.93 14.48
C VAL E 315 29.58 -33.87 14.32
N GLY E 316 30.13 -32.67 14.35
CA GLY E 316 31.56 -32.51 14.27
C GLY E 316 32.09 -33.03 12.95
N SER E 317 31.34 -32.79 11.86
CA SER E 317 31.69 -33.33 10.53
C SER E 317 32.04 -32.25 9.55
N ILE E 318 32.94 -32.59 8.61
CA ILE E 318 33.34 -31.68 7.54
C ILE E 318 33.35 -32.42 6.23
N SER E 319 32.55 -31.94 5.26
CA SER E 319 32.40 -32.64 3.98
C SER E 319 32.81 -31.79 2.77
N PHE E 320 33.21 -32.48 1.71
CA PHE E 320 33.71 -31.85 0.50
C PHE E 320 32.88 -32.35 -0.66
N TYR E 321 32.52 -31.44 -1.57
CA TYR E 321 31.64 -31.76 -2.70
C TYR E 321 32.28 -31.40 -4.02
N ASN E 322 32.04 -32.26 -4.98
CA ASN E 322 32.37 -32.00 -6.36
C ASN E 322 31.18 -31.32 -7.00
N VAL E 323 31.22 -29.99 -7.06
CA VAL E 323 30.05 -29.23 -7.50
C VAL E 323 29.76 -29.55 -8.97
N THR E 324 30.82 -29.69 -9.75
CA THR E 324 30.71 -29.99 -11.17
C THR E 324 29.93 -31.26 -11.42
N ALA E 325 30.25 -32.29 -10.65
CA ALA E 325 29.63 -33.61 -10.81
C ALA E 325 28.46 -33.79 -9.85
N ARG E 326 28.23 -32.78 -9.02
CA ARG E 326 27.16 -32.81 -8.04
C ARG E 326 27.23 -34.08 -7.19
N SER E 327 28.39 -34.31 -6.57
CA SER E 327 28.62 -35.54 -5.80
C SER E 327 29.51 -35.30 -4.59
N HIS E 328 29.50 -36.27 -3.68
CA HIS E 328 30.33 -36.26 -2.48
C HIS E 328 31.78 -36.68 -2.74
N ILE E 329 32.72 -35.95 -2.16
CA ILE E 329 34.13 -36.30 -2.29
C ILE E 329 34.63 -36.95 -1.02
N TYR E 330 34.46 -36.29 0.11
CA TYR E 330 35.02 -36.82 1.34
C TYR E 330 34.41 -36.17 2.57
N THR E 331 34.37 -36.92 3.68
CA THR E 331 33.93 -36.40 4.95
C THR E 331 34.89 -36.75 6.10
N PHE E 332 35.36 -35.74 6.83
CA PHE E 332 35.97 -36.00 8.12
C PHE E 332 34.79 -36.15 9.06
N ALA E 333 34.65 -37.35 9.63
CA ALA E 333 33.50 -37.67 10.47
C ALA E 333 33.77 -37.51 11.96
N SER E 334 32.74 -37.09 12.68
CA SER E 334 32.72 -37.03 14.14
C SER E 334 34.05 -36.64 14.81
N CYS E 335 34.60 -35.52 14.37
CA CYS E 335 35.79 -34.95 14.97
C CYS E 335 35.44 -34.24 16.24
N SER E 336 36.46 -34.06 17.07
CA SER E 336 36.36 -33.29 18.31
C SER E 336 36.60 -31.81 18.06
N PHE E 337 35.54 -31.01 17.96
CA PHE E 337 35.73 -29.59 17.72
C PHE E 337 35.76 -28.93 19.08
N SER E 338 36.90 -28.30 19.34
CA SER E 338 37.14 -27.69 20.63
C SER E 338 37.33 -26.20 20.45
N GLY E 339 36.48 -25.61 19.61
CA GLY E 339 36.59 -24.19 19.35
C GLY E 339 36.19 -23.75 17.97
N PRO E 340 36.39 -22.47 17.70
CA PRO E 340 36.03 -21.93 16.39
C PRO E 340 36.85 -22.46 15.22
N LEU E 341 36.14 -22.63 14.11
CA LEU E 341 36.71 -22.98 12.82
C LEU E 341 36.64 -21.83 11.84
N GLN E 342 37.50 -21.85 10.83
CA GLN E 342 37.31 -20.92 9.74
C GLN E 342 37.77 -21.53 8.45
N PRO E 343 37.36 -20.95 7.33
CA PRO E 343 37.84 -21.46 6.05
C PRO E 343 39.32 -21.21 5.84
N ILE E 344 39.91 -22.14 5.09
CA ILE E 344 41.29 -22.03 4.72
C ILE E 344 41.43 -22.35 3.23
N PHE E 345 42.38 -21.63 2.64
CA PHE E 345 42.65 -21.68 1.21
C PHE E 345 44.14 -21.72 0.90
N SER E 346 44.47 -22.44 -0.17
CA SER E 346 45.75 -22.27 -0.84
C SER E 346 45.59 -22.46 -2.34
N PRO E 347 46.17 -21.54 -3.13
CA PRO E 347 46.17 -21.63 -4.61
C PRO E 347 47.30 -22.48 -5.19
N GLY E 348 48.08 -23.11 -4.31
CA GLY E 348 49.21 -23.93 -4.73
C GLY E 348 50.37 -23.11 -5.24
N THR E 349 51.40 -23.79 -5.74
CA THR E 349 52.57 -23.14 -6.32
C THR E 349 52.34 -22.86 -7.81
N ARG E 350 53.17 -22.01 -8.38
CA ARG E 350 52.93 -21.51 -9.74
C ARG E 350 53.05 -22.59 -10.81
N ASP E 351 53.90 -23.59 -10.50
CA ASP E 351 54.09 -24.79 -11.33
C ASP E 351 54.45 -24.48 -12.78
N GLY E 352 55.38 -23.54 -12.98
CA GLY E 352 55.86 -23.27 -14.33
C GLY E 352 54.87 -22.54 -15.20
N GLY E 353 53.89 -21.91 -14.59
CA GLY E 353 52.89 -21.18 -15.33
C GLY E 353 51.65 -22.01 -15.55
N LYS E 354 51.65 -23.25 -15.07
CA LYS E 354 50.50 -24.12 -15.27
C LYS E 354 49.44 -23.91 -14.18
N ASN E 355 49.83 -23.29 -13.06
CA ASN E 355 48.94 -23.14 -11.92
C ASN E 355 48.84 -21.70 -11.40
N THR E 356 49.04 -20.74 -12.28
CA THR E 356 49.08 -19.33 -11.89
C THR E 356 47.69 -18.78 -11.56
N ALA E 357 46.67 -19.53 -11.98
CA ALA E 357 45.26 -19.13 -11.82
C ALA E 357 44.82 -18.98 -10.37
N PRO E 358 43.84 -18.08 -10.11
CA PRO E 358 43.39 -17.84 -8.74
C PRO E 358 42.37 -18.86 -8.25
N LEU E 359 42.16 -18.92 -6.95
CA LEU E 359 40.96 -19.52 -6.40
C LEU E 359 39.91 -18.40 -6.35
N THR E 360 38.64 -18.71 -6.62
CA THR E 360 37.54 -17.71 -6.48
C THR E 360 36.39 -18.25 -5.66
N ILE E 361 36.16 -17.64 -4.51
CA ILE E 361 35.01 -17.94 -3.67
C ILE E 361 33.78 -17.54 -4.46
N CYS E 362 32.82 -18.43 -4.62
CA CYS E 362 31.74 -18.14 -5.53
C CYS E 362 30.54 -17.65 -4.76
N PRO E 363 29.89 -16.59 -5.28
CA PRO E 363 28.92 -15.79 -4.52
C PRO E 363 27.75 -16.51 -3.86
N VAL E 364 27.28 -15.85 -2.80
CA VAL E 364 26.13 -16.26 -2.00
C VAL E 364 24.76 -15.93 -2.67
N GLY E 365 24.67 -14.78 -3.34
CA GLY E 365 23.42 -14.37 -3.96
C GLY E 365 22.64 -13.39 -3.08
N GLY E 366 21.91 -12.48 -3.71
CA GLY E 366 21.15 -11.46 -3.01
C GLY E 366 19.66 -11.63 -3.17
N GLN E 367 18.96 -11.54 -2.04
CA GLN E 367 17.52 -11.75 -1.98
C GLN E 367 16.73 -10.44 -2.09
N GLY E 368 15.51 -10.51 -2.62
CA GLY E 368 14.61 -9.37 -2.53
C GLY E 368 14.61 -8.44 -3.73
N PRO E 369 13.67 -7.48 -3.76
CA PRO E 369 12.56 -7.34 -2.81
C PRO E 369 11.43 -8.36 -2.98
N ASP E 370 10.89 -8.79 -1.85
CA ASP E 370 9.74 -9.68 -1.84
C ASP E 370 8.50 -8.99 -2.46
N ALA E 371 7.45 -9.77 -2.62
CA ALA E 371 6.24 -9.30 -3.27
C ALA E 371 5.28 -8.73 -2.26
N LEU E 372 4.54 -7.73 -2.72
CA LEU E 372 3.61 -7.00 -1.89
C LEU E 372 2.23 -7.55 -2.20
N GLU E 373 1.48 -7.92 -1.16
CA GLU E 373 0.12 -8.43 -1.32
C GLU E 373 -0.91 -7.26 -1.32
N VAL E 374 -1.91 -7.34 -2.22
CA VAL E 374 -2.96 -6.31 -2.44
C VAL E 374 -2.65 -4.92 -1.91
N SER F 2 103.49 -87.67 46.10
CA SER F 2 104.46 -88.07 45.09
C SER F 2 104.19 -87.37 43.75
N GLU F 3 105.18 -87.42 42.86
CA GLU F 3 105.14 -86.71 41.59
C GLU F 3 103.93 -87.06 40.69
N VAL F 4 103.66 -88.36 40.52
CA VAL F 4 102.56 -88.82 39.66
C VAL F 4 101.20 -88.43 40.21
N ALA F 5 101.09 -88.43 41.55
CA ALA F 5 99.86 -88.05 42.22
C ALA F 5 99.54 -86.56 42.01
N LEU F 6 100.54 -85.72 42.25
CA LEU F 6 100.45 -84.28 42.01
C LEU F 6 100.15 -84.01 40.54
N GLU F 7 100.87 -84.71 39.67
CA GLU F 7 100.70 -84.61 38.23
C GLU F 7 99.27 -84.93 37.82
N HIS F 8 98.79 -86.06 38.31
CA HIS F 8 97.42 -86.48 38.00
C HIS F 8 96.38 -85.54 38.57
N LYS F 9 96.55 -85.13 39.82
CA LYS F 9 95.59 -84.25 40.44
C LYS F 9 95.54 -82.94 39.64
N LYS F 10 96.70 -82.47 39.18
CA LYS F 10 96.69 -81.34 38.25
C LYS F 10 95.90 -81.65 36.97
N LYS F 11 96.16 -82.78 36.33
CA LYS F 11 95.40 -83.14 35.11
C LYS F 11 93.87 -83.24 35.39
N ILE F 12 93.52 -83.75 36.57
CA ILE F 12 92.12 -83.82 37.03
C ILE F 12 91.52 -82.43 37.12
N GLN F 13 92.26 -81.53 37.76
CA GLN F 13 91.83 -80.15 37.86
C GLN F 13 91.64 -79.54 36.48
N LYS F 14 92.63 -79.73 35.60
CA LYS F 14 92.53 -79.20 34.24
C LYS F 14 91.25 -79.67 33.54
N GLN F 15 91.03 -80.98 33.54
CA GLN F 15 89.86 -81.51 32.86
C GLN F 15 88.58 -81.04 33.53
N LEU F 16 88.58 -80.91 34.86
CA LEU F 16 87.38 -80.36 35.51
C LEU F 16 87.02 -78.96 35.00
N GLU F 17 88.05 -78.12 34.88
CA GLU F 17 87.87 -76.79 34.35
C GLU F 17 87.27 -76.89 32.94
N HIS F 18 87.89 -77.73 32.11
CA HIS F 18 87.38 -78.01 30.78
C HIS F 18 85.88 -78.43 30.72
N LEU F 19 85.54 -79.47 31.45
CA LEU F 19 84.20 -80.03 31.39
C LEU F 19 83.22 -79.01 31.91
N LYS F 20 83.61 -78.28 32.94
CA LYS F 20 82.71 -77.27 33.47
C LYS F 20 82.41 -76.21 32.39
N LYS F 21 83.44 -75.77 31.65
CA LYS F 21 83.23 -74.88 30.51
C LYS F 21 82.26 -75.48 29.48
N LEU F 22 82.44 -76.74 29.12
CA LEU F 22 81.52 -77.34 28.17
C LEU F 22 80.11 -77.34 28.72
N ARG F 23 79.99 -77.66 30.01
CA ARG F 23 78.66 -77.73 30.60
C ARG F 23 78.00 -76.35 30.55
N LYS F 24 78.77 -75.32 30.88
CA LYS F 24 78.26 -73.97 30.85
C LYS F 24 77.73 -73.67 29.43
N SER F 25 78.53 -73.99 28.43
CA SER F 25 78.09 -73.79 27.05
C SER F 25 76.79 -74.55 26.72
N GLY F 26 76.71 -75.83 27.12
CA GLY F 26 75.50 -76.60 26.94
C GLY F 26 74.26 -75.96 27.53
N GLU F 27 74.38 -75.51 28.77
CA GLU F 27 73.31 -74.82 29.44
C GLU F 27 72.91 -73.58 28.62
N GLU F 28 73.90 -72.77 28.24
CA GLU F 28 73.64 -71.55 27.46
C GLU F 28 72.86 -71.91 26.19
N GLN F 29 73.31 -72.95 25.53
CA GLN F 29 72.70 -73.39 24.30
C GLN F 29 71.28 -73.92 24.50
N ARG F 30 71.05 -74.70 25.55
CA ARG F 30 69.73 -75.23 25.82
C ARG F 30 68.75 -74.07 26.02
N SER F 31 69.21 -73.12 26.82
CA SER F 31 68.41 -71.97 27.12
C SER F 31 68.14 -71.16 25.88
N TYR F 32 69.16 -70.94 25.06
CA TYR F 32 68.99 -70.18 23.85
C TYR F 32 68.00 -70.87 22.88
N GLY F 33 68.16 -72.17 22.73
CA GLY F 33 67.27 -72.95 21.88
C GLY F 33 65.83 -72.76 22.30
N GLU F 34 65.59 -72.97 23.59
CA GLU F 34 64.26 -72.76 24.16
C GLU F 34 63.75 -71.36 23.85
N GLU F 35 64.55 -70.33 24.15
CA GLU F 35 64.16 -68.97 23.84
C GLU F 35 63.76 -68.82 22.38
N LYS F 36 64.59 -69.34 21.46
CA LYS F 36 64.29 -69.14 20.05
C LYS F 36 62.95 -69.83 19.70
N ALA F 37 62.75 -71.04 20.21
CA ALA F 37 61.51 -71.77 19.97
C ALA F 37 60.28 -71.01 20.46
N VAL F 38 60.31 -70.59 21.71
CA VAL F 38 59.17 -69.88 22.25
C VAL F 38 58.94 -68.61 21.45
N SER F 39 60.00 -67.86 21.12
CA SER F 39 59.80 -66.63 20.37
C SER F 39 59.15 -66.92 19.03
N PHE F 40 59.58 -67.95 18.32
CA PHE F 40 58.89 -68.32 17.08
C PHE F 40 57.41 -68.61 17.35
N LEU F 41 57.13 -69.43 18.36
CA LEU F 41 55.73 -69.75 18.68
C LEU F 41 54.90 -68.48 18.99
N LYS F 42 55.48 -67.56 19.76
CA LYS F 42 54.82 -66.30 20.07
C LYS F 42 54.60 -65.45 18.81
N GLN F 43 55.61 -65.42 17.95
CA GLN F 43 55.55 -64.73 16.67
C GLN F 43 54.31 -65.24 15.92
N THR F 44 54.23 -66.56 15.80
CA THR F 44 53.12 -67.24 15.13
C THR F 44 51.75 -66.90 15.73
N GLU F 45 51.64 -67.08 17.04
CA GLU F 45 50.40 -66.80 17.76
C GLU F 45 49.97 -65.34 17.64
N ALA F 46 50.93 -64.43 17.78
CA ALA F 46 50.66 -63.00 17.66
C ALA F 46 50.09 -62.67 16.29
N LEU F 47 50.72 -63.21 15.24
CA LEU F 47 50.15 -63.02 13.91
C LEU F 47 48.73 -63.55 13.87
N LYS F 48 48.53 -64.76 14.37
CA LYS F 48 47.19 -65.36 14.39
C LYS F 48 46.16 -64.38 14.97
N GLN F 49 46.44 -63.86 16.16
CA GLN F 49 45.47 -62.97 16.76
C GLN F 49 45.28 -61.75 15.85
N ARG F 50 46.37 -61.19 15.33
CA ARG F 50 46.23 -60.00 14.49
C ARG F 50 45.38 -60.21 13.23
N VAL F 51 45.65 -61.27 12.46
CA VAL F 51 44.84 -61.48 11.25
C VAL F 51 43.38 -61.76 11.66
N GLN F 52 43.16 -62.57 12.71
CA GLN F 52 41.79 -62.82 13.12
C GLN F 52 41.07 -61.52 13.57
N ARG F 53 41.73 -60.63 14.31
CA ARG F 53 41.14 -59.33 14.67
C ARG F 53 40.69 -58.59 13.41
N LYS F 54 41.62 -58.38 12.47
CA LYS F 54 41.25 -57.61 11.27
C LYS F 54 40.09 -58.32 10.56
N LEU F 55 40.17 -59.64 10.56
CA LEU F 55 39.17 -60.44 9.90
C LEU F 55 37.75 -60.32 10.48
N GLU F 56 37.60 -60.54 11.78
CA GLU F 56 36.30 -60.37 12.38
C GLU F 56 35.85 -58.93 12.18
N GLN F 57 36.78 -57.99 12.26
CA GLN F 57 36.41 -56.60 12.03
C GLN F 57 35.72 -56.46 10.67
N VAL F 58 36.33 -57.05 9.66
CA VAL F 58 35.71 -57.06 8.33
C VAL F 58 34.35 -57.75 8.34
N TYR F 59 34.27 -58.95 8.91
CA TYR F 59 32.99 -59.66 8.96
C TYR F 59 31.89 -58.82 9.60
N TYR F 60 32.24 -58.18 10.72
CA TYR F 60 31.34 -57.32 11.46
C TYR F 60 30.86 -56.27 10.54
N PHE F 61 31.84 -55.63 9.93
CA PHE F 61 31.52 -54.61 9.01
C PHE F 61 30.53 -55.06 7.88
N LEU F 62 30.85 -56.12 7.14
CA LEU F 62 29.95 -56.59 6.08
C LEU F 62 28.58 -56.98 6.60
N GLU F 63 28.52 -57.65 7.74
CA GLU F 63 27.23 -58.04 8.29
C GLU F 63 26.39 -56.78 8.57
N GLN F 64 27.06 -55.75 9.12
CA GLN F 64 26.41 -54.45 9.34
C GLN F 64 25.88 -53.85 8.02
N GLN F 65 26.71 -53.78 6.99
CA GLN F 65 26.20 -53.23 5.72
C GLN F 65 25.07 -54.07 5.14
N GLU F 66 25.19 -55.39 5.22
CA GLU F 66 24.11 -56.23 4.73
C GLU F 66 22.81 -55.87 5.52
N HIS F 67 22.94 -55.71 6.84
CA HIS F 67 21.80 -55.38 7.70
C HIS F 67 21.15 -54.03 7.29
N PHE F 68 22.00 -53.03 7.10
CA PHE F 68 21.60 -51.71 6.62
C PHE F 68 20.78 -51.83 5.34
N PHE F 69 21.36 -52.60 4.43
CA PHE F 69 20.74 -52.84 3.14
C PHE F 69 19.36 -53.47 3.28
N VAL F 70 19.27 -54.62 3.95
CA VAL F 70 17.98 -55.32 4.08
C VAL F 70 16.94 -54.49 4.84
N ALA F 71 17.37 -53.72 5.84
CA ALA F 71 16.45 -52.82 6.53
C ALA F 71 15.84 -51.85 5.51
N SER F 72 16.67 -51.25 4.67
CA SER F 72 16.13 -50.41 3.59
C SER F 72 15.15 -51.18 2.69
N LEU F 73 15.53 -52.38 2.25
CA LEU F 73 14.61 -53.16 1.44
C LEU F 73 13.26 -53.40 2.11
N GLU F 74 13.27 -53.81 3.38
CA GLU F 74 12.02 -54.07 4.08
C GLU F 74 11.21 -52.77 4.21
N ASP F 75 11.89 -51.67 4.53
CA ASP F 75 11.26 -50.35 4.63
C ASP F 75 10.49 -50.06 3.36
N VAL F 76 11.19 -50.15 2.24
CA VAL F 76 10.55 -49.93 0.97
C VAL F 76 9.34 -50.86 0.81
N GLY F 77 9.59 -52.17 0.89
CA GLY F 77 8.55 -53.16 0.71
C GLY F 77 7.29 -52.87 1.51
N GLN F 78 7.47 -52.41 2.75
CA GLN F 78 6.38 -52.01 3.62
C GLN F 78 5.67 -50.80 3.02
N MET F 79 6.46 -49.78 2.72
CA MET F 79 5.93 -48.53 2.19
C MET F 79 5.08 -48.78 0.94
N VAL F 80 5.68 -49.39 -0.08
CA VAL F 80 4.94 -49.62 -1.28
C VAL F 80 3.79 -50.58 -0.96
N GLY F 81 4.01 -51.54 -0.07
CA GLY F 81 2.92 -52.42 0.33
C GLY F 81 1.70 -51.63 0.77
N GLN F 82 1.89 -50.69 1.70
CA GLN F 82 0.78 -49.89 2.17
C GLN F 82 0.19 -49.03 1.05
N ILE F 83 1.03 -48.34 0.27
CA ILE F 83 0.47 -47.49 -0.78
C ILE F 83 -0.37 -48.36 -1.71
N ARG F 84 0.18 -49.51 -2.10
CA ARG F 84 -0.51 -50.48 -2.93
C ARG F 84 -1.89 -50.83 -2.38
N LYS F 85 -1.92 -51.24 -1.11
CA LYS F 85 -3.20 -51.57 -0.48
C LYS F 85 -4.20 -50.38 -0.37
N ALA F 86 -3.73 -49.23 0.11
CA ALA F 86 -4.59 -48.08 0.28
C ALA F 86 -5.20 -47.66 -1.05
N TYR F 87 -4.34 -47.58 -2.08
CA TYR F 87 -4.81 -47.23 -3.39
C TYR F 87 -5.86 -48.21 -3.85
N ASP F 88 -5.54 -49.49 -3.74
CA ASP F 88 -6.51 -50.48 -4.16
C ASP F 88 -7.86 -50.30 -3.42
N THR F 89 -7.80 -50.08 -2.11
CA THR F 89 -9.02 -49.95 -1.35
C THR F 89 -9.84 -48.74 -1.87
N ARG F 90 -9.21 -47.58 -1.98
CA ARG F 90 -9.89 -46.38 -2.46
C ARG F 90 -10.48 -46.53 -3.87
N VAL F 91 -9.67 -47.01 -4.80
CA VAL F 91 -10.14 -47.09 -6.17
C VAL F 91 -11.29 -48.08 -6.17
N SER F 92 -11.22 -49.09 -5.30
CA SER F 92 -12.35 -50.01 -5.18
C SER F 92 -13.61 -49.34 -4.68
N GLN F 93 -13.44 -48.46 -3.70
CA GLN F 93 -14.56 -47.69 -3.19
C GLN F 93 -15.19 -46.88 -4.30
N ASP F 94 -14.34 -46.23 -5.10
CA ASP F 94 -14.83 -45.50 -6.26
C ASP F 94 -15.68 -46.39 -7.17
N ILE F 95 -15.13 -47.53 -7.55
CA ILE F 95 -15.86 -48.45 -8.44
C ILE F 95 -17.20 -48.90 -7.81
N ALA F 96 -17.18 -49.11 -6.50
CA ALA F 96 -18.38 -49.48 -5.77
C ALA F 96 -19.46 -48.41 -5.86
N LEU F 97 -19.08 -47.15 -5.66
CA LEU F 97 -20.02 -46.04 -5.80
C LEU F 97 -20.65 -46.03 -7.21
N LEU F 98 -19.81 -46.12 -8.24
CA LEU F 98 -20.35 -46.17 -9.61
C LEU F 98 -21.35 -47.32 -9.78
N ASP F 99 -21.01 -48.50 -9.28
CA ASP F 99 -21.92 -49.65 -9.40
C ASP F 99 -23.25 -49.43 -8.68
N ALA F 100 -23.21 -48.83 -7.50
CA ALA F 100 -24.43 -48.53 -6.76
C ALA F 100 -25.31 -47.55 -7.57
N LEU F 101 -24.69 -46.52 -8.11
CA LEU F 101 -25.43 -45.56 -8.92
C LEU F 101 -26.04 -46.25 -10.14
N ILE F 102 -25.26 -47.14 -10.77
CA ILE F 102 -25.70 -47.94 -11.92
C ILE F 102 -26.93 -48.76 -11.53
N GLY F 103 -26.85 -49.40 -10.37
CA GLY F 103 -27.96 -50.14 -9.83
C GLY F 103 -29.21 -49.28 -9.75
N GLU F 104 -29.05 -48.12 -9.13
CA GLU F 104 -30.16 -47.19 -9.02
C GLU F 104 -30.76 -46.79 -10.35
N LEU F 105 -29.90 -46.45 -11.32
CA LEU F 105 -30.43 -46.07 -12.61
C LEU F 105 -31.17 -47.22 -13.26
N GLU F 106 -30.56 -48.39 -13.29
CA GLU F 106 -31.15 -49.56 -13.94
C GLU F 106 -32.48 -49.93 -13.29
N ALA F 107 -32.59 -49.75 -11.98
CA ALA F 107 -33.87 -50.02 -11.28
C ALA F 107 -35.05 -49.24 -11.88
N LYS F 108 -34.79 -48.07 -12.45
CA LYS F 108 -35.86 -47.27 -13.04
C LYS F 108 -36.67 -48.00 -14.14
N GLU F 109 -36.06 -48.93 -14.88
CA GLU F 109 -36.72 -49.53 -16.05
C GLU F 109 -38.11 -50.10 -15.79
N CYS F 110 -38.28 -50.85 -14.70
CA CYS F 110 -39.56 -51.49 -14.43
C CYS F 110 -40.55 -50.56 -13.74
N GLN F 111 -40.26 -49.26 -13.70
CA GLN F 111 -41.25 -48.34 -13.15
C GLN F 111 -42.13 -47.92 -14.30
N SER F 112 -43.41 -47.72 -13.99
CA SER F 112 -44.33 -47.12 -14.92
C SER F 112 -43.90 -45.68 -15.14
N GLU F 113 -44.38 -45.09 -16.23
CA GLU F 113 -44.13 -43.68 -16.52
C GLU F 113 -44.44 -42.78 -15.32
N TRP F 114 -45.63 -43.00 -14.73
CA TRP F 114 -46.14 -42.18 -13.64
C TRP F 114 -45.27 -42.33 -12.39
N GLU F 115 -44.96 -43.59 -12.06
CA GLU F 115 -44.05 -43.88 -10.95
C GLU F 115 -42.69 -43.25 -11.23
N LEU F 116 -42.23 -43.39 -12.46
CA LEU F 116 -40.93 -42.86 -12.84
C LEU F 116 -40.83 -41.35 -12.62
N LEU F 117 -41.84 -40.61 -13.04
CA LEU F 117 -41.77 -39.15 -12.92
C LEU F 117 -41.76 -38.73 -11.45
N GLN F 118 -42.53 -39.47 -10.65
CA GLN F 118 -42.61 -39.11 -9.25
C GLN F 118 -41.35 -39.41 -8.42
N ASP F 119 -40.60 -40.45 -8.78
CA ASP F 119 -39.58 -40.99 -7.88
C ASP F 119 -38.16 -40.78 -8.39
N ILE F 120 -37.98 -39.95 -9.40
CA ILE F 120 -36.68 -39.79 -10.03
C ILE F 120 -35.66 -39.22 -9.04
N GLY F 121 -36.11 -38.30 -8.19
CA GLY F 121 -35.24 -37.66 -7.21
C GLY F 121 -33.95 -37.09 -7.78
N ASP F 122 -32.90 -37.10 -6.97
CA ASP F 122 -31.60 -36.48 -7.32
C ASP F 122 -30.62 -37.39 -8.04
N ILE F 123 -31.01 -38.63 -8.34
CA ILE F 123 -30.09 -39.62 -8.95
C ILE F 123 -29.36 -39.14 -10.21
N LEU F 124 -30.04 -38.47 -11.14
CA LEU F 124 -29.33 -38.03 -12.34
C LEU F 124 -28.22 -37.08 -11.96
N HIS F 125 -28.53 -36.18 -11.04
CA HIS F 125 -27.53 -35.26 -10.54
C HIS F 125 -26.34 -35.97 -9.88
N ARG F 126 -26.65 -36.96 -9.05
CA ARG F 126 -25.64 -37.74 -8.34
C ARG F 126 -24.77 -38.52 -9.36
N ALA F 127 -25.39 -38.99 -10.44
CA ALA F 127 -24.66 -39.64 -11.53
C ALA F 127 -23.76 -38.67 -12.29
N LYS F 128 -24.29 -37.51 -12.63
CA LYS F 128 -23.50 -36.51 -13.37
C LYS F 128 -22.25 -36.08 -12.63
N THR F 129 -22.32 -36.06 -11.30
CA THR F 129 -21.26 -35.46 -10.49
C THR F 129 -20.40 -36.47 -9.76
N VAL F 130 -20.59 -37.74 -10.05
CA VAL F 130 -19.84 -38.76 -9.37
C VAL F 130 -18.36 -38.59 -9.69
N PRO F 131 -17.49 -38.74 -8.68
CA PRO F 131 -16.07 -38.56 -8.99
C PRO F 131 -15.51 -39.61 -9.95
N VAL F 132 -14.57 -39.19 -10.76
CA VAL F 132 -13.79 -40.10 -11.59
C VAL F 132 -12.92 -40.95 -10.65
N PRO F 133 -12.90 -42.26 -10.87
CA PRO F 133 -12.02 -43.13 -10.08
C PRO F 133 -10.58 -42.66 -10.06
N GLU F 134 -9.99 -42.69 -8.87
CA GLU F 134 -8.61 -42.29 -8.67
C GLU F 134 -7.60 -42.98 -9.59
N LYS F 135 -6.79 -42.14 -10.22
CA LYS F 135 -5.66 -42.48 -11.06
C LYS F 135 -4.46 -42.81 -10.20
N TRP F 136 -3.77 -43.92 -10.50
CA TRP F 136 -2.54 -44.23 -9.79
C TRP F 136 -1.54 -43.14 -10.10
N THR F 137 -0.98 -42.59 -9.03
CA THR F 137 0.14 -41.65 -9.14
C THR F 137 1.18 -42.07 -8.14
N THR F 138 2.37 -42.36 -8.62
CA THR F 138 3.45 -42.78 -7.75
C THR F 138 3.91 -41.66 -6.83
N PRO F 139 3.82 -41.86 -5.53
CA PRO F 139 4.32 -40.86 -4.57
C PRO F 139 5.84 -40.77 -4.53
N GLN F 140 6.35 -39.55 -4.32
CA GLN F 140 7.77 -39.26 -4.20
C GLN F 140 8.41 -40.14 -3.13
N GLU F 141 7.66 -40.45 -2.08
CA GLU F 141 8.20 -41.22 -0.97
C GLU F 141 8.75 -42.58 -1.46
N ILE F 142 8.01 -43.22 -2.36
CA ILE F 142 8.49 -44.43 -2.98
C ILE F 142 9.72 -44.17 -3.83
N LYS F 143 9.63 -43.14 -4.65
CA LYS F 143 10.69 -42.87 -5.60
C LYS F 143 12.06 -42.63 -4.89
N GLN F 144 12.06 -41.81 -3.83
CA GLN F 144 13.29 -41.50 -3.10
C GLN F 144 13.91 -42.75 -2.48
N LYS F 145 13.10 -43.53 -1.79
CA LYS F 145 13.58 -44.75 -1.14
C LYS F 145 14.15 -45.76 -2.14
N ILE F 146 13.47 -45.98 -3.26
CA ILE F 146 14.04 -46.86 -4.27
C ILE F 146 15.36 -46.32 -4.82
N GLN F 147 15.44 -45.03 -5.16
CA GLN F 147 16.73 -44.49 -5.64
C GLN F 147 17.82 -44.61 -4.56
N LEU F 148 17.45 -44.41 -3.30
CA LEU F 148 18.38 -44.57 -2.17
C LEU F 148 18.96 -45.99 -2.15
N LEU F 149 18.01 -46.90 -2.23
CA LEU F 149 18.27 -48.31 -2.28
C LEU F 149 19.25 -48.67 -3.39
N HIS F 150 19.02 -48.12 -4.57
CA HIS F 150 19.93 -48.33 -5.68
C HIS F 150 21.32 -47.77 -5.39
N GLN F 151 21.41 -46.55 -4.88
CA GLN F 151 22.72 -45.96 -4.53
C GLN F 151 23.51 -46.90 -3.58
N LYS F 152 22.81 -47.42 -2.58
CA LYS F 152 23.42 -48.35 -1.63
C LYS F 152 23.87 -49.67 -2.27
N SER F 153 22.99 -50.26 -3.08
CA SER F 153 23.35 -51.44 -3.83
C SER F 153 24.63 -51.25 -4.66
N GLU F 154 24.65 -50.22 -5.50
CA GLU F 154 25.81 -49.94 -6.36
C GLU F 154 27.07 -49.79 -5.55
N PHE F 155 26.96 -49.06 -4.45
CA PHE F 155 28.08 -48.93 -3.53
C PHE F 155 28.58 -50.33 -3.06
N VAL F 156 27.68 -51.16 -2.57
CA VAL F 156 28.06 -52.51 -2.16
C VAL F 156 28.64 -53.32 -3.33
N GLU F 157 28.04 -53.25 -4.52
CA GLU F 157 28.60 -54.04 -5.62
C GLU F 157 30.00 -53.63 -5.93
N LYS F 158 30.26 -52.33 -6.00
CA LYS F 158 31.62 -51.89 -6.28
C LYS F 158 32.53 -52.42 -5.18
N SER F 159 32.09 -52.37 -3.92
CA SER F 159 32.96 -52.86 -2.86
C SER F 159 33.26 -54.38 -2.95
N THR F 160 32.20 -55.21 -3.09
CA THR F 160 32.41 -56.66 -3.17
C THR F 160 33.13 -57.08 -4.42
N LYS F 161 32.77 -56.45 -5.55
CA LYS F 161 33.45 -56.76 -6.79
C LYS F 161 34.92 -56.44 -6.65
N TYR F 162 35.21 -55.19 -6.33
CA TYR F 162 36.59 -54.76 -6.23
C TYR F 162 37.40 -55.60 -5.22
N PHE F 163 36.86 -55.81 -4.03
CA PHE F 163 37.55 -56.59 -3.03
C PHE F 163 37.72 -58.04 -3.44
N SER F 164 36.61 -58.70 -3.78
CA SER F 164 36.59 -60.11 -4.17
C SER F 164 37.49 -60.41 -5.39
N GLU F 165 37.45 -59.56 -6.41
CA GLU F 165 38.17 -59.80 -7.67
C GLU F 165 39.64 -59.37 -7.56
N THR F 166 39.85 -58.17 -7.01
CA THR F 166 41.19 -57.62 -6.90
C THR F 166 42.07 -58.42 -5.93
N LEU F 167 41.53 -58.80 -4.76
CA LEU F 167 42.30 -59.60 -3.80
C LEU F 167 42.75 -60.89 -4.43
N ARG F 168 41.84 -61.60 -5.11
CA ARG F 168 42.27 -62.85 -5.74
C ARG F 168 43.34 -62.59 -6.76
N SER F 169 43.15 -61.56 -7.57
CA SER F 169 44.18 -61.28 -8.57
C SER F 169 45.55 -61.07 -7.95
N GLU F 170 45.60 -60.26 -6.88
CA GLU F 170 46.85 -60.04 -6.18
C GLU F 170 47.36 -61.28 -5.43
N MET F 171 46.46 -62.07 -4.83
CA MET F 171 46.86 -63.29 -4.11
C MET F 171 47.50 -64.33 -5.02
N GLU F 172 47.34 -64.17 -6.32
CA GLU F 172 47.91 -65.11 -7.25
C GLU F 172 49.42 -65.21 -7.06
N MET F 173 50.04 -64.17 -6.51
CA MET F 173 51.49 -64.20 -6.38
C MET F 173 51.90 -65.40 -5.51
N PHE F 174 51.00 -65.86 -4.65
CA PHE F 174 51.29 -66.99 -3.77
C PHE F 174 51.16 -68.32 -4.52
N ASN F 175 50.57 -68.30 -5.71
CA ASN F 175 50.38 -69.53 -6.48
C ASN F 175 51.36 -69.67 -7.66
N VAL F 176 52.24 -68.69 -7.82
CA VAL F 176 53.25 -68.68 -8.86
C VAL F 176 54.62 -68.45 -8.24
N PRO F 177 55.69 -68.87 -8.95
CA PRO F 177 57.01 -68.72 -8.35
C PRO F 177 57.40 -67.25 -8.16
N GLU F 178 58.32 -67.01 -7.23
CA GLU F 178 59.03 -65.76 -7.13
C GLU F 178 59.87 -65.56 -8.38
N LEU F 179 60.38 -64.36 -8.60
CA LEU F 179 61.17 -64.07 -9.80
C LEU F 179 62.34 -65.07 -10.03
N ILE F 180 63.09 -65.38 -8.98
CA ILE F 180 64.29 -66.20 -9.16
C ILE F 180 63.86 -67.61 -9.53
N GLY F 181 62.69 -68.02 -9.08
CA GLY F 181 62.11 -69.27 -9.49
C GLY F 181 61.74 -69.30 -10.97
N ALA F 182 61.22 -68.19 -11.46
CA ALA F 182 60.78 -68.11 -12.85
C ALA F 182 61.96 -67.96 -13.80
N GLN F 183 63.00 -67.24 -13.36
CA GLN F 183 64.20 -67.00 -14.17
C GLN F 183 64.89 -68.31 -14.55
N ALA F 184 64.68 -69.33 -13.74
CA ALA F 184 65.26 -70.65 -13.99
C ALA F 184 64.84 -71.22 -15.34
N HIS F 185 63.74 -70.73 -15.89
CA HIS F 185 63.18 -71.31 -17.11
C HIS F 185 63.43 -70.45 -18.35
N ALA F 186 64.44 -69.59 -18.29
CA ALA F 186 64.81 -68.73 -19.41
C ALA F 186 64.91 -69.49 -20.70
N VAL F 187 64.42 -68.87 -21.76
CA VAL F 187 64.62 -69.40 -23.09
C VAL F 187 65.16 -68.28 -23.93
N ASN F 188 65.86 -68.62 -25.00
CA ASN F 188 66.43 -67.60 -25.84
C ASN F 188 65.38 -67.15 -26.86
N VAL F 189 65.01 -65.88 -26.81
CA VAL F 189 63.96 -65.35 -27.68
C VAL F 189 64.53 -64.33 -28.67
N ILE F 190 64.13 -64.44 -29.94
CA ILE F 190 64.44 -63.41 -30.93
C ILE F 190 63.17 -62.84 -31.54
N LEU F 191 63.29 -61.70 -32.19
CA LEU F 191 62.12 -61.04 -32.78
C LEU F 191 61.91 -61.61 -34.18
N ASP F 192 60.67 -61.96 -34.50
CA ASP F 192 60.33 -62.44 -35.83
C ASP F 192 59.96 -61.25 -36.69
N ALA F 193 60.96 -60.68 -37.33
CA ALA F 193 60.78 -59.45 -38.06
C ALA F 193 59.85 -59.59 -39.29
N GLU F 194 59.65 -60.81 -39.79
CA GLU F 194 58.76 -60.97 -40.95
C GLU F 194 57.31 -60.66 -40.54
N THR F 195 57.02 -60.71 -39.25
CA THR F 195 55.70 -60.44 -38.72
C THR F 195 55.52 -58.98 -38.34
N ALA F 196 56.59 -58.20 -38.34
CA ALA F 196 56.57 -56.87 -37.74
C ALA F 196 55.70 -55.81 -38.48
N TYR F 197 55.07 -54.94 -37.71
CA TYR F 197 54.49 -53.70 -38.25
C TYR F 197 55.57 -52.99 -39.07
N PRO F 198 55.23 -52.54 -40.31
CA PRO F 198 56.24 -52.04 -41.26
C PRO F 198 57.20 -50.93 -40.78
N ASN F 199 56.82 -50.18 -39.75
CA ASN F 199 57.63 -49.06 -39.31
C ASN F 199 58.49 -49.40 -38.11
N LEU F 200 58.47 -50.66 -37.71
CA LEU F 200 59.36 -51.12 -36.66
C LEU F 200 60.74 -51.27 -37.26
N ILE F 201 61.75 -50.98 -36.44
CA ILE F 201 63.14 -51.05 -36.83
C ILE F 201 63.86 -51.96 -35.86
N PHE F 202 64.79 -52.77 -36.40
CA PHE F 202 65.43 -53.84 -35.65
C PHE F 202 66.94 -53.75 -35.59
N SER F 203 67.47 -54.23 -34.49
CA SER F 203 68.88 -54.45 -34.32
C SER F 203 69.32 -55.63 -35.15
N ASP F 204 70.61 -55.71 -35.42
CA ASP F 204 71.17 -56.85 -36.14
C ASP F 204 70.94 -58.16 -35.35
N ASP F 205 71.08 -58.13 -34.03
CA ASP F 205 70.90 -59.33 -33.23
C ASP F 205 69.44 -59.74 -32.98
N LEU F 206 68.52 -59.02 -33.59
CA LEU F 206 67.08 -59.31 -33.51
C LEU F 206 66.59 -59.44 -32.07
N LYS F 207 67.20 -58.67 -31.16
CA LYS F 207 66.79 -58.62 -29.75
C LYS F 207 66.13 -57.28 -29.43
N SER F 208 66.36 -56.31 -30.32
CA SER F 208 65.93 -54.96 -30.06
C SER F 208 65.04 -54.41 -31.16
N VAL F 209 63.96 -53.77 -30.74
CA VAL F 209 63.01 -53.19 -31.69
C VAL F 209 62.51 -51.84 -31.22
N ARG F 210 62.46 -50.88 -32.15
CA ARG F 210 61.91 -49.56 -31.86
C ARG F 210 60.94 -49.16 -32.96
N LEU F 211 60.13 -48.15 -32.70
CA LEU F 211 59.20 -47.65 -33.70
C LEU F 211 59.81 -46.48 -34.46
N GLY F 212 59.98 -46.65 -35.76
CA GLY F 212 60.45 -45.57 -36.58
C GLY F 212 59.32 -44.68 -37.07
N ASN F 213 59.70 -43.68 -37.84
CA ASN F 213 58.75 -42.86 -38.55
C ASN F 213 58.33 -43.54 -39.86
N LYS F 214 57.43 -42.89 -40.59
CA LYS F 214 56.75 -43.44 -41.75
C LYS F 214 57.70 -43.68 -42.92
N TRP F 215 58.82 -42.99 -42.88
CA TRP F 215 59.83 -43.07 -43.93
C TRP F 215 60.69 -44.34 -43.79
N GLU F 216 60.59 -45.01 -42.65
CA GLU F 216 61.39 -46.22 -42.36
C GLU F 216 60.57 -47.50 -42.47
N ARG F 217 60.63 -48.18 -43.62
CA ARG F 217 59.68 -49.25 -43.95
C ARG F 217 60.33 -50.59 -44.31
N LEU F 218 59.87 -51.64 -43.65
CA LEU F 218 60.25 -53.00 -44.02
C LEU F 218 59.57 -53.40 -45.32
N PRO F 219 60.11 -54.43 -46.01
CA PRO F 219 59.47 -54.89 -47.25
C PRO F 219 58.07 -55.45 -46.99
N ASP F 220 57.10 -55.09 -47.82
CA ASP F 220 55.72 -55.45 -47.54
C ASP F 220 55.44 -56.94 -47.71
N GLY F 221 54.51 -57.45 -46.91
CA GLY F 221 54.07 -58.82 -47.05
C GLY F 221 52.83 -59.13 -46.24
N PRO F 222 52.10 -60.19 -46.63
CA PRO F 222 50.87 -60.56 -45.93
C PRO F 222 51.07 -60.91 -44.46
N GLN F 223 52.23 -61.46 -44.13
CA GLN F 223 52.49 -61.99 -42.81
C GLN F 223 52.76 -60.87 -41.82
N ARG F 224 52.97 -59.66 -42.32
CA ARG F 224 53.14 -58.52 -41.43
C ARG F 224 51.84 -58.15 -40.74
N PHE F 225 51.96 -57.69 -39.50
CA PHE F 225 50.84 -57.12 -38.80
C PHE F 225 50.79 -55.68 -39.25
N ASP F 226 50.03 -55.43 -40.31
CA ASP F 226 49.86 -54.08 -40.87
C ASP F 226 49.04 -53.12 -40.01
N SER F 227 48.08 -53.66 -39.26
CA SER F 227 47.07 -52.82 -38.60
C SER F 227 47.35 -52.58 -37.12
N CYS F 228 48.42 -53.19 -36.60
CA CYS F 228 48.79 -53.02 -35.19
C CYS F 228 50.28 -52.83 -35.09
N ILE F 229 50.72 -52.02 -34.12
CA ILE F 229 52.15 -51.83 -33.89
C ILE F 229 52.73 -52.93 -32.99
N ILE F 230 52.83 -54.13 -33.56
CA ILE F 230 53.34 -55.27 -32.83
C ILE F 230 54.36 -56.11 -33.62
N VAL F 231 55.04 -56.97 -32.90
CA VAL F 231 55.96 -57.94 -33.52
C VAL F 231 55.95 -59.17 -32.64
N LEU F 232 56.01 -60.31 -33.27
CA LEU F 232 56.01 -61.56 -32.54
C LEU F 232 57.43 -62.06 -32.29
N GLY F 233 57.60 -62.91 -31.29
CA GLY F 233 58.89 -63.46 -30.97
C GLY F 233 58.96 -64.92 -31.32
N SER F 234 60.20 -65.41 -31.45
CA SER F 234 60.46 -66.85 -31.58
C SER F 234 61.33 -67.32 -30.47
N PRO F 235 61.15 -68.58 -30.06
CA PRO F 235 60.24 -69.61 -30.58
C PRO F 235 58.83 -69.56 -30.04
N SER F 236 57.98 -70.44 -30.53
CA SER F 236 56.67 -70.69 -29.94
C SER F 236 56.79 -71.77 -28.87
N PHE F 237 55.69 -71.98 -28.12
CA PHE F 237 55.63 -72.99 -27.05
C PHE F 237 54.40 -73.85 -27.11
N LEU F 238 54.57 -75.15 -26.86
CA LEU F 238 53.42 -76.05 -26.78
C LEU F 238 53.20 -76.57 -25.35
N SER F 239 54.14 -76.27 -24.45
CA SER F 239 54.17 -76.93 -23.14
C SER F 239 55.24 -76.37 -22.23
N GLY F 240 55.22 -76.82 -20.99
CA GLY F 240 56.29 -76.50 -20.07
C GLY F 240 56.23 -75.12 -19.43
N ARG F 241 57.36 -74.73 -18.84
CA ARG F 241 57.51 -73.44 -18.19
C ARG F 241 58.54 -72.62 -18.95
N ARG F 242 58.17 -71.40 -19.37
CA ARG F 242 59.01 -70.59 -20.26
C ARG F 242 59.15 -69.19 -19.72
N TYR F 243 60.37 -68.65 -19.80
CA TYR F 243 60.65 -67.35 -19.23
C TYR F 243 61.52 -66.48 -20.11
N TRP F 244 61.24 -65.18 -20.15
CA TRP F 244 62.19 -64.23 -20.76
C TRP F 244 62.07 -62.81 -20.18
N GLU F 245 63.06 -61.96 -20.47
CA GLU F 245 63.18 -60.62 -19.89
C GLU F 245 63.39 -59.54 -20.94
N VAL F 246 62.75 -58.41 -20.70
CA VAL F 246 62.89 -57.29 -21.62
C VAL F 246 63.25 -56.06 -20.86
N GLU F 247 64.24 -55.36 -21.39
CA GLU F 247 64.59 -54.02 -20.93
C GLU F 247 63.61 -53.00 -21.53
N VAL F 248 62.91 -52.25 -20.67
CA VAL F 248 61.98 -51.21 -21.13
C VAL F 248 62.51 -49.79 -20.83
N GLY F 249 63.51 -49.69 -19.96
CA GLY F 249 64.14 -48.41 -19.65
C GLY F 249 63.15 -47.34 -19.21
N ASP F 250 63.37 -46.09 -19.65
CA ASP F 250 62.47 -44.99 -19.26
C ASP F 250 61.32 -44.82 -20.26
N LYS F 251 60.96 -45.88 -20.95
CA LYS F 251 59.88 -45.80 -21.93
C LYS F 251 58.55 -45.43 -21.28
N THR F 252 57.63 -44.87 -22.06
CA THR F 252 56.35 -44.43 -21.49
C THR F 252 55.19 -45.31 -21.96
N ALA F 253 55.42 -46.09 -23.01
CA ALA F 253 54.35 -46.94 -23.51
C ALA F 253 54.91 -48.17 -24.14
N TRP F 254 54.25 -49.31 -23.88
CA TRP F 254 54.65 -50.56 -24.54
C TRP F 254 53.69 -51.70 -24.26
N ILE F 255 53.87 -52.77 -25.02
CA ILE F 255 53.19 -54.03 -24.77
C ILE F 255 54.19 -55.19 -24.64
N LEU F 256 54.03 -55.98 -23.58
CA LEU F 256 54.81 -57.22 -23.44
C LEU F 256 53.90 -58.36 -23.04
N GLY F 257 54.13 -59.51 -23.65
CA GLY F 257 53.58 -60.73 -23.06
C GLY F 257 53.54 -61.89 -24.01
N ALA F 258 52.44 -62.64 -23.95
CA ALA F 258 52.30 -63.79 -24.86
C ALA F 258 50.95 -63.81 -25.59
N CYS F 259 50.95 -64.41 -26.76
CA CYS F 259 49.74 -64.54 -27.56
C CYS F 259 49.64 -65.88 -28.28
N LYS F 260 48.42 -66.20 -28.70
CA LYS F 260 48.19 -67.36 -29.53
C LYS F 260 48.91 -67.13 -30.86
N THR F 261 49.52 -68.19 -31.40
CA THR F 261 50.29 -68.02 -32.63
C THR F 261 49.31 -67.72 -33.72
N SER F 262 48.07 -68.12 -33.51
CA SER F 262 47.05 -67.95 -34.52
C SER F 262 46.26 -66.62 -34.35
N ILE F 263 46.78 -65.63 -33.61
CA ILE F 263 46.07 -64.32 -33.56
C ILE F 263 45.88 -63.82 -34.98
N SER F 264 44.75 -63.17 -35.23
CA SER F 264 44.46 -62.61 -36.53
C SER F 264 45.47 -61.54 -36.85
N ARG F 265 45.94 -61.51 -38.11
CA ARG F 265 46.81 -60.43 -38.57
C ARG F 265 46.04 -59.22 -39.13
N LYS F 266 44.73 -59.38 -39.29
CA LYS F 266 43.80 -58.31 -39.71
C LYS F 266 43.05 -57.73 -38.50
N GLY F 267 42.44 -56.55 -38.69
CA GLY F 267 41.64 -55.94 -37.66
C GLY F 267 42.43 -54.94 -36.84
N ASN F 268 41.81 -54.41 -35.80
CA ASN F 268 42.41 -53.36 -34.98
C ASN F 268 42.99 -53.98 -33.71
N MET F 269 43.36 -53.18 -32.71
CA MET F 269 44.09 -53.71 -31.57
C MET F 269 43.24 -53.93 -30.30
N THR F 270 42.30 -54.85 -30.39
CA THR F 270 41.50 -55.28 -29.25
C THR F 270 42.23 -56.41 -28.54
N LEU F 271 43.04 -56.03 -27.55
CA LEU F 271 43.83 -56.97 -26.73
C LEU F 271 43.07 -57.62 -25.57
N SER F 272 42.78 -58.92 -25.72
CA SER F 272 42.06 -59.67 -24.70
C SER F 272 42.29 -61.13 -24.95
N PRO F 273 42.08 -61.95 -23.91
CA PRO F 273 42.21 -63.40 -24.04
C PRO F 273 41.42 -63.99 -25.20
N GLU F 274 40.18 -63.54 -25.35
CA GLU F 274 39.32 -64.06 -26.40
C GLU F 274 39.95 -63.89 -27.76
N ASN F 275 40.71 -62.82 -27.97
CA ASN F 275 41.34 -62.60 -29.26
C ASN F 275 42.75 -63.20 -29.25
N GLY F 276 43.13 -63.78 -28.10
CA GLY F 276 44.37 -64.52 -27.95
C GLY F 276 45.55 -63.73 -27.40
N TYR F 277 45.27 -62.72 -26.59
CA TYR F 277 46.33 -61.91 -26.03
C TYR F 277 46.31 -61.98 -24.52
N TRP F 278 47.50 -62.25 -23.96
CA TRP F 278 47.73 -62.13 -22.53
C TRP F 278 48.96 -61.25 -22.34
N VAL F 279 48.69 -59.97 -22.13
CA VAL F 279 49.75 -58.98 -22.12
C VAL F 279 49.60 -57.98 -20.99
N VAL F 280 50.70 -57.28 -20.74
CA VAL F 280 50.71 -56.11 -19.89
C VAL F 280 51.07 -54.95 -20.81
N ILE F 281 50.33 -53.85 -20.60
CA ILE F 281 50.49 -52.64 -21.36
C ILE F 281 50.87 -51.51 -20.46
N MET F 282 51.96 -50.84 -20.83
CA MET F 282 52.24 -49.55 -20.25
C MET F 282 51.56 -48.51 -21.13
N MET F 283 50.65 -47.76 -20.49
CA MET F 283 49.84 -46.71 -21.13
C MET F 283 50.49 -45.33 -21.16
N LYS F 284 50.95 -44.86 -20.02
CA LYS F 284 51.70 -43.61 -19.95
C LYS F 284 52.48 -43.71 -18.66
N GLU F 285 53.22 -42.66 -18.32
CA GLU F 285 54.03 -42.72 -17.10
C GLU F 285 53.13 -43.13 -15.94
N ASN F 286 53.54 -44.20 -15.27
CA ASN F 286 52.85 -44.70 -14.10
C ASN F 286 51.41 -45.16 -14.30
N GLU F 287 51.06 -45.54 -15.51
CA GLU F 287 49.78 -46.19 -15.80
C GLU F 287 50.01 -47.49 -16.56
N TYR F 288 49.81 -48.61 -15.86
CA TYR F 288 49.94 -49.94 -16.47
C TYR F 288 48.65 -50.70 -16.30
N GLN F 289 48.30 -51.52 -17.30
CA GLN F 289 47.16 -52.41 -17.12
C GLN F 289 47.41 -53.73 -17.79
N ALA F 290 46.64 -54.72 -17.38
CA ALA F 290 46.70 -56.06 -17.92
C ALA F 290 45.48 -56.29 -18.80
N SER F 291 45.67 -56.95 -19.93
CA SER F 291 44.62 -57.05 -20.91
C SER F 291 43.62 -58.14 -20.57
N SER F 292 43.10 -58.04 -19.37
CA SER F 292 41.96 -58.82 -18.97
C SER F 292 40.76 -58.06 -19.46
N VAL F 293 39.61 -58.70 -19.50
CA VAL F 293 38.37 -58.01 -19.80
C VAL F 293 37.49 -58.11 -18.56
N PRO F 294 37.09 -56.96 -17.84
CA PRO F 294 37.71 -55.68 -18.25
C PRO F 294 39.16 -55.55 -17.84
N PRO F 295 39.86 -54.61 -18.43
CA PRO F 295 41.29 -54.44 -18.13
C PRO F 295 41.50 -54.34 -16.62
N THR F 296 42.56 -54.94 -16.12
CA THR F 296 42.93 -54.82 -14.72
C THR F 296 44.02 -53.76 -14.59
N ARG F 297 43.71 -52.72 -13.83
CA ARG F 297 44.67 -51.65 -13.60
C ARG F 297 45.68 -52.11 -12.57
N LEU F 298 46.95 -51.83 -12.85
CA LEU F 298 48.04 -52.29 -12.00
C LEU F 298 48.66 -51.14 -11.23
N LEU F 299 48.71 -51.27 -9.91
CA LEU F 299 49.42 -50.31 -9.07
C LEU F 299 50.83 -50.83 -8.83
N ILE F 300 51.81 -50.13 -9.39
CA ILE F 300 53.20 -50.52 -9.25
C ILE F 300 54.00 -49.41 -8.57
N LYS F 301 54.46 -49.71 -7.36
CA LYS F 301 55.16 -48.75 -6.53
C LYS F 301 56.45 -48.27 -7.20
N GLU F 302 57.30 -49.23 -7.55
CA GLU F 302 58.60 -48.96 -8.14
C GLU F 302 58.52 -49.29 -9.63
N PRO F 303 58.46 -48.26 -10.50
CA PRO F 303 58.25 -48.56 -11.92
C PRO F 303 59.38 -49.43 -12.48
N PRO F 304 59.05 -50.41 -13.33
CA PRO F 304 60.10 -51.30 -13.83
C PRO F 304 60.88 -50.67 -14.95
N LYS F 305 62.18 -50.85 -14.90
CA LYS F 305 63.03 -50.60 -16.04
C LYS F 305 63.26 -51.93 -16.79
N ARG F 306 62.92 -53.04 -16.14
CA ARG F 306 63.09 -54.40 -16.68
C ARG F 306 61.89 -55.30 -16.35
N VAL F 307 61.33 -55.99 -17.35
CA VAL F 307 60.14 -56.81 -17.12
C VAL F 307 60.37 -58.26 -17.49
N GLY F 308 59.93 -59.14 -16.59
CA GLY F 308 60.00 -60.57 -16.84
C GLY F 308 58.65 -61.15 -17.20
N ILE F 309 58.62 -61.99 -18.22
CA ILE F 309 57.39 -62.71 -18.62
C ILE F 309 57.60 -64.22 -18.46
N PHE F 310 56.66 -64.86 -17.78
CA PHE F 310 56.74 -66.26 -17.43
C PHE F 310 55.48 -67.01 -17.85
N VAL F 311 55.59 -67.91 -18.82
CA VAL F 311 54.48 -68.76 -19.25
C VAL F 311 54.54 -70.12 -18.57
N ASP F 312 53.48 -70.52 -17.87
CA ASP F 312 53.48 -71.84 -17.23
C ASP F 312 52.36 -72.65 -17.86
N TYR F 313 52.76 -73.42 -18.85
CA TYR F 313 51.83 -74.08 -19.73
C TYR F 313 51.13 -75.19 -18.98
N ARG F 314 51.79 -75.73 -17.96
CA ARG F 314 51.24 -76.87 -17.22
C ARG F 314 49.95 -76.45 -16.50
N VAL F 315 49.98 -75.33 -15.80
CA VAL F 315 48.78 -74.85 -15.08
C VAL F 315 48.00 -73.77 -15.87
N GLY F 316 48.44 -73.47 -17.08
CA GLY F 316 47.75 -72.50 -17.92
C GLY F 316 47.80 -71.06 -17.42
N SER F 317 48.94 -70.66 -16.88
CA SER F 317 49.07 -69.31 -16.35
C SER F 317 50.17 -68.51 -17.02
N ILE F 318 50.01 -67.19 -17.01
CA ILE F 318 51.04 -66.31 -17.55
C ILE F 318 51.26 -65.22 -16.55
N SER F 319 52.52 -65.09 -16.14
CA SER F 319 52.88 -64.20 -15.06
C SER F 319 53.87 -63.13 -15.50
N PHE F 320 53.80 -61.97 -14.85
CA PHE F 320 54.66 -60.82 -15.18
C PHE F 320 55.38 -60.33 -13.94
N TYR F 321 56.66 -60.03 -14.09
CA TYR F 321 57.47 -59.67 -12.95
C TYR F 321 58.17 -58.35 -13.17
N ASN F 322 58.24 -57.61 -12.08
CA ASN F 322 59.02 -56.40 -12.00
C ASN F 322 60.42 -56.81 -11.59
N VAL F 323 61.31 -56.92 -12.56
CA VAL F 323 62.63 -57.43 -12.28
C VAL F 323 63.39 -56.38 -11.45
N THR F 324 63.17 -55.10 -11.74
CA THR F 324 63.84 -54.05 -10.98
C THR F 324 63.56 -54.18 -9.49
N ALA F 325 62.30 -54.37 -9.14
CA ALA F 325 61.90 -54.49 -7.74
C ALA F 325 61.87 -55.96 -7.29
N ARG F 326 62.14 -56.87 -8.23
CA ARG F 326 62.13 -58.30 -7.94
C ARG F 326 60.79 -58.67 -7.29
N SER F 327 59.71 -58.42 -8.02
CA SER F 327 58.36 -58.56 -7.47
C SER F 327 57.34 -59.01 -8.50
N HIS F 328 56.19 -59.46 -8.00
CA HIS F 328 55.09 -59.91 -8.85
C HIS F 328 54.26 -58.73 -9.35
N ILE F 329 53.96 -58.68 -10.64
CA ILE F 329 53.10 -57.62 -11.18
C ILE F 329 51.69 -58.16 -11.41
N TYR F 330 51.57 -59.28 -12.12
CA TYR F 330 50.25 -59.81 -12.45
C TYR F 330 50.33 -61.25 -12.96
N THR F 331 49.27 -61.99 -12.69
CA THR F 331 49.10 -63.34 -13.21
C THR F 331 47.72 -63.57 -13.84
N PHE F 332 47.72 -63.97 -15.11
CA PHE F 332 46.53 -64.54 -15.69
C PHE F 332 46.57 -65.99 -15.21
N ALA F 333 45.61 -66.39 -14.38
CA ALA F 333 45.60 -67.74 -13.80
C ALA F 333 44.63 -68.70 -14.49
N SER F 334 45.02 -69.97 -14.57
CA SER F 334 44.13 -71.07 -14.97
C SER F 334 43.46 -70.95 -16.35
N CYS F 335 43.91 -70.01 -17.18
CA CYS F 335 43.54 -70.01 -18.59
C CYS F 335 43.75 -71.39 -19.16
N SER F 336 42.76 -71.97 -19.83
CA SER F 336 43.02 -73.26 -20.47
C SER F 336 43.68 -72.98 -21.82
N PHE F 337 44.88 -73.52 -22.00
CA PHE F 337 45.67 -73.24 -23.20
C PHE F 337 45.59 -74.32 -24.24
N SER F 338 45.07 -73.90 -25.38
CA SER F 338 44.94 -74.76 -26.53
C SER F 338 45.84 -74.16 -27.57
N GLY F 339 46.69 -75.02 -28.09
CA GLY F 339 47.65 -74.65 -29.10
C GLY F 339 48.77 -73.77 -28.60
N PRO F 340 49.65 -73.41 -29.52
CA PRO F 340 50.86 -72.66 -29.23
C PRO F 340 50.70 -71.23 -28.79
N LEU F 341 51.56 -70.84 -27.85
CA LEU F 341 51.75 -69.46 -27.48
C LEU F 341 53.11 -68.99 -27.97
N GLN F 342 53.26 -67.69 -28.19
CA GLN F 342 54.58 -67.13 -28.44
C GLN F 342 54.66 -65.76 -27.84
N PRO F 343 55.91 -65.26 -27.70
CA PRO F 343 56.09 -63.91 -27.18
C PRO F 343 55.53 -62.87 -28.12
N ILE F 344 55.09 -61.75 -27.56
CA ILE F 344 54.65 -60.61 -28.37
C ILE F 344 55.21 -59.33 -27.77
N PHE F 345 55.52 -58.37 -28.66
CA PHE F 345 56.11 -57.10 -28.27
C PHE F 345 55.49 -55.88 -28.99
N SER F 346 55.40 -54.76 -28.27
CA SER F 346 55.24 -53.47 -28.91
C SER F 346 56.04 -52.41 -28.17
N PRO F 347 56.81 -51.60 -28.90
CA PRO F 347 57.55 -50.50 -28.29
C PRO F 347 56.67 -49.26 -28.08
N GLY F 348 55.40 -49.36 -28.42
CA GLY F 348 54.50 -48.24 -28.27
C GLY F 348 54.72 -47.15 -29.29
N THR F 349 53.99 -46.05 -29.12
CA THR F 349 54.06 -44.91 -30.01
C THR F 349 55.12 -43.91 -29.59
N ARG F 350 55.46 -42.97 -30.47
CA ARG F 350 56.58 -42.07 -30.17
C ARG F 350 56.26 -41.07 -29.07
N ASP F 351 54.99 -40.73 -28.88
CA ASP F 351 54.61 -39.83 -27.78
C ASP F 351 55.39 -38.51 -27.82
N GLY F 352 55.46 -37.91 -29.01
CA GLY F 352 56.14 -36.63 -29.19
C GLY F 352 57.65 -36.71 -29.19
N GLY F 353 58.21 -37.85 -28.79
CA GLY F 353 59.64 -38.05 -28.76
C GLY F 353 60.09 -38.63 -27.43
N LYS F 354 59.14 -38.82 -26.53
CA LYS F 354 59.45 -39.28 -25.17
C LYS F 354 59.59 -40.81 -25.05
N ASN F 355 59.09 -41.53 -26.05
CA ASN F 355 59.02 -42.98 -26.02
C ASN F 355 59.65 -43.60 -27.23
N THR F 356 60.62 -42.91 -27.80
CA THR F 356 61.28 -43.37 -29.00
C THR F 356 62.27 -44.54 -28.75
N ALA F 357 62.66 -44.74 -27.49
CA ALA F 357 63.64 -45.75 -27.11
C ALA F 357 63.15 -47.18 -27.42
N PRO F 358 64.08 -48.10 -27.73
CA PRO F 358 63.67 -49.46 -28.09
C PRO F 358 63.30 -50.35 -26.91
N LEU F 359 62.66 -51.48 -27.24
CA LEU F 359 62.61 -52.65 -26.38
C LEU F 359 63.87 -53.49 -26.65
N THR F 360 64.44 -54.09 -25.61
CA THR F 360 65.57 -55.03 -25.76
C THR F 360 65.33 -56.31 -25.00
N ILE F 361 65.25 -57.41 -25.75
CA ILE F 361 65.21 -58.74 -25.17
C ILE F 361 66.53 -59.01 -24.52
N CYS F 362 66.54 -59.41 -23.26
CA CYS F 362 67.82 -59.59 -22.57
C CYS F 362 68.30 -61.02 -22.78
N PRO F 363 69.60 -61.16 -23.09
CA PRO F 363 70.21 -62.43 -23.48
C PRO F 363 70.21 -63.45 -22.37
N VAL F 364 70.18 -64.72 -22.76
CA VAL F 364 70.30 -65.82 -21.80
C VAL F 364 71.74 -66.07 -21.37
N GLY F 365 71.89 -66.65 -20.19
CA GLY F 365 73.21 -66.92 -19.67
C GLY F 365 73.93 -67.87 -20.60
N GLY F 366 75.24 -67.67 -20.76
CA GLY F 366 76.02 -68.53 -21.62
C GLY F 366 76.61 -69.60 -20.72
N GLN F 367 76.98 -70.75 -21.27
CA GLN F 367 77.54 -71.83 -20.48
C GLN F 367 79.05 -71.91 -20.65
N GLY F 368 79.75 -72.28 -19.58
CA GLY F 368 81.17 -72.54 -19.65
C GLY F 368 81.46 -74.03 -19.79
N PRO F 369 82.70 -74.37 -20.08
CA PRO F 369 83.14 -75.77 -20.05
C PRO F 369 83.24 -76.28 -18.62
N ASP F 370 82.99 -77.55 -18.43
CA ASP F 370 83.06 -78.15 -17.11
C ASP F 370 84.50 -78.27 -16.66
N ALA F 371 84.69 -78.40 -15.37
CA ALA F 371 86.01 -78.53 -14.80
C ALA F 371 86.61 -79.88 -15.14
N LEU F 372 87.93 -79.94 -15.20
CA LEU F 372 88.61 -81.17 -15.56
C LEU F 372 89.14 -81.89 -14.36
N GLU F 373 88.83 -83.18 -14.32
CA GLU F 373 89.30 -84.11 -13.30
C GLU F 373 90.72 -84.57 -13.70
N VAL F 374 91.65 -84.56 -12.75
CA VAL F 374 93.02 -84.96 -12.97
C VAL F 374 93.18 -86.45 -12.70
N LEU F 375 93.48 -87.24 -13.72
CA LEU F 375 93.65 -88.69 -13.56
C LEU F 375 95.07 -89.20 -13.62
N PHE F 376 95.32 -90.28 -12.90
CA PHE F 376 96.63 -90.95 -12.93
C PHE F 376 96.53 -92.37 -13.53
N GLN F 377 97.07 -92.50 -14.75
CA GLN F 377 96.93 -93.66 -15.66
C GLN F 377 95.52 -93.99 -16.07
S SO4 G . -18.73 28.03 7.44
O1 SO4 G . -17.76 29.09 7.20
O2 SO4 G . -18.14 26.71 7.24
O3 SO4 G . -19.80 28.17 6.47
O4 SO4 G . -19.19 28.10 8.83
S SO4 H . -23.35 24.68 12.38
O1 SO4 H . -22.59 24.22 13.54
O2 SO4 H . -24.35 23.65 12.02
O3 SO4 H . -22.44 24.84 11.25
O4 SO4 H . -23.92 25.99 12.72
C1 EDO I . -56.04 86.48 19.73
O1 EDO I . -57.34 86.51 20.34
C2 EDO I . -56.00 87.43 18.53
O2 EDO I . -55.01 86.98 17.61
H11 EDO I . -55.82 85.46 19.38
H12 EDO I . -55.28 86.76 20.45
HO1 EDO I . -57.36 85.90 21.09
H21 EDO I . -55.75 88.43 18.88
H22 EDO I . -56.97 87.46 18.05
HO2 EDO I . -54.98 87.58 16.85
N DHL J . 9.96 21.03 -13.85
CA DHL J . 8.95 21.34 -14.81
CB DHL J . 7.59 21.13 -14.19
SG DHL J . 7.17 19.42 -14.16
HN1 DHL J . 9.57 20.76 -13.08
HN2 DHL J . 10.47 21.77 -13.70
HA2 DHL J . 9.04 22.28 -15.08
HA3 DHL J . 9.05 20.77 -15.60
HB2 DHL J . 7.60 21.47 -13.27
HB3 DHL J . 6.93 21.60 -14.70
N DHL K . -20.85 16.54 -17.14
CA DHL K . -20.08 17.58 -16.54
CB DHL K . -18.82 16.97 -15.98
SG DHL K . -17.58 18.22 -15.84
HN1 DHL K . -20.39 15.75 -17.06
HN2 DHL K . -20.97 16.73 -18.03
HA2 DHL K . -19.86 18.25 -17.21
HA3 DHL K . -20.59 18.00 -15.82
HB2 DHL K . -19.00 16.58 -15.11
HB3 DHL K . -18.51 16.27 -16.59
S SO4 L . -13.33 31.70 2.96
O1 SO4 L . -12.71 30.47 3.46
O2 SO4 L . -14.75 31.65 3.26
O3 SO4 L . -13.14 31.82 1.51
O4 SO4 L . -12.70 32.82 3.67
N DHL M . -13.26 -29.07 -12.76
CA DHL M . -11.89 -28.92 -13.09
CB DHL M . -11.45 -27.63 -12.46
SG DHL M . -9.97 -27.07 -13.23
HN1 DHL M . -13.53 -28.36 -12.24
HN2 DHL M . -13.76 -29.11 -13.52
HA2 DHL M . -11.37 -29.67 -12.74
HA3 DHL M . -11.79 -28.87 -14.06
HB2 DHL M . -12.15 -26.96 -12.57
HB3 DHL M . -11.30 -27.77 -11.50
S SO4 N . 10.93 -33.65 5.66
O1 SO4 N . 12.28 -33.32 6.10
O2 SO4 N . 10.12 -34.19 6.76
O3 SO4 N . 11.06 -34.58 4.53
O4 SO4 N . 10.33 -32.41 5.19
C1 EDO O . -37.92 16.04 23.14
O1 EDO O . -38.87 15.88 22.09
C2 EDO O . -36.57 16.19 22.48
O2 EDO O . -36.67 17.33 21.61
H11 EDO O . -37.92 15.18 23.80
H12 EDO O . -38.15 16.94 23.73
HO1 EDO O . -39.76 15.78 22.47
H21 EDO O . -36.34 15.30 21.89
H22 EDO O . -35.79 16.33 23.22
HO2 EDO O . -35.82 17.47 21.17
N DHL P . 51.02 -24.58 11.11
CA DHL P . 52.09 -24.05 10.29
CB DHL P . 51.54 -23.16 9.18
SG DHL P . 51.05 -24.10 7.74
HN1 DHL P . 51.13 -24.30 11.97
HN2 DHL P . 51.02 -25.49 11.08
HA2 DHL P . 52.69 -23.52 10.85
HA3 DHL P . 52.59 -24.79 9.89
HB2 DHL P . 50.76 -22.68 9.52
HB3 DHL P . 52.22 -22.53 8.92
S SO4 Q . 16.51 -28.80 8.61
O1 SO4 Q . 17.92 -29.13 8.45
O2 SO4 Q . 16.06 -29.18 9.96
O3 SO4 Q . 15.78 -29.60 7.62
O4 SO4 Q . 16.34 -27.37 8.40
S SO4 R . 38.05 -7.34 -8.60
O1 SO4 R . 37.48 -7.86 -7.36
O2 SO4 R . 38.01 -8.37 -9.63
O3 SO4 R . 37.26 -6.17 -9.01
O4 SO4 R . 39.42 -6.88 -8.40
S SO4 S . 62.20 -78.22 -2.73
O1 SO4 S . 63.14 -79.25 -3.14
O2 SO4 S . 62.07 -78.21 -1.27
O3 SO4 S . 60.89 -78.53 -3.33
O4 SO4 S . 62.66 -76.90 -3.18
N DHL T . 44.18 -57.24 -35.29
CA DHL T . 45.57 -57.49 -35.43
CB DHL T . 46.13 -57.75 -34.07
SG DHL T . 46.44 -56.24 -33.19
HN1 DHL T . 43.95 -57.29 -34.41
HN2 DHL T . 43.98 -56.41 -35.60
HA2 DHL T . 45.70 -58.28 -36.00
HA3 DHL T . 46.01 -56.72 -35.84
HB2 DHL T . 45.50 -58.29 -33.55
HB3 DHL T . 46.97 -58.24 -34.15
S SO4 U . 61.16 -78.16 -10.16
O1 SO4 U . 61.64 -79.33 -9.44
O2 SO4 U . 60.37 -78.65 -11.27
O3 SO4 U . 62.29 -77.36 -10.68
O4 SO4 U . 60.37 -77.39 -9.19
#